data_3CEH
#
_entry.id   3CEH
#
_cell.length_a   124.115
_cell.length_b   124.115
_cell.length_c   122.491
_cell.angle_alpha   90.00
_cell.angle_beta   90.00
_cell.angle_gamma   120.00
#
_symmetry.space_group_name_H-M   'P 31'
#
loop_
_entity.id
_entity.type
_entity.pdbx_description
1 polymer 'Glycogen phosphorylase, liver form'
2 non-polymer N-acetyl-beta-D-glucopyranosylamine
3 non-polymer 'PHOSPHATE ION'
4 non-polymer "PYRIDOXAL-5'-PHOSPHATE"
5 non-polymer '4-[3-(2-Chloro-4,5-difluoro-benzoyl)ureido]-3-trifluoromethoxybenzoic acid'
6 non-polymer '2-(N-MORPHOLINO)-ETHANESULFONIC ACID'
7 water water
#
_entity_poly.entity_id   1
_entity_poly.type   'polypeptide(L)'
_entity_poly.pdbx_seq_one_letter_code
;NVAELKKSFNRHLHFTLVKDRNVATTRDYYFALAHTVRDHLVGRWIRTQQHYYDKCPKRVYYLSLEFYMGRTLQNTMINL
GLQNACDEAIYQLGLDIEELEEIEEDAGLGNGGLGRLAACFLDSMATLGLAAYGYGIRYEYGIFNQKIRDGWQVEEADDW
LRYGNPWEKSRPEFMLPVHFYGKVEHTNTGTKWIDTQVVLALPYDTPVPGYMNNTVNTMRLWSARAPNDFNLRDFNVGDY
IQAVLDRNLAENISRVLYPNDNFFEGKELRLKQEYFVVAATLQDIIRRFKASKFGSTRGAGTVFDAFPDQVAIQLNDTHP
ALAIPELMRIFVDIEKLPWSKAWELTQKTFAYTNHTVLPEALERWPVDLVEKLLPRHLEIIYEINQKHLDRIVALFPKDV
DRLRRMSLIEEEGSKRINMAHLCIVGSHAVNGVAKIHSDIVKTKVFKDFSELEPDKFQNKTNGITPRRWLLLCNPGLAEL
IAEKIGEDYVKDLSQLTKLHSFLGDDVFLRELAKVKQENKLKFSQFLETEYKVKINPSSMFDVQVKRIHEYKRQLLNCLH
VITMYNRIKKDPKKLFVPRTVIIGGKAAPGYHMAKMIIKLITSVADVVNNDPMVGSKLKVIFLENYRVSLAEKVIPATDL
SEQISTAGTEASGTGNMKFMLNGALTIGTMDGANVEMAEEAGEENLFIFGMRIDDVAALDKKGYEAKEYYEALPELKLVI
DQIDNGFFSPKQPDLFKDIINMLFYHDRFKVFADYEAYVKCQDKVSQLYMNPKAWNTMVLKNIAASGKFSSDRTIKEYAQ
NIWNVEPSD
;
_entity_poly.pdbx_strand_id   A,B
#
loop_
_chem_comp.id
_chem_comp.type
_chem_comp.name
_chem_comp.formula
AVE non-polymer '4-[3-(2-Chloro-4,5-difluoro-benzoyl)ureido]-3-trifluoromethoxybenzoic acid' 'C16 H8 Cl F5 N2 O5'
MES non-polymer '2-(N-MORPHOLINO)-ETHANESULFONIC ACID' 'C6 H13 N O4 S'
NBG D-saccharide N-acetyl-beta-D-glucopyranosylamine 'C8 H15 N O6'
PLP non-polymer PYRIDOXAL-5'-PHOSPHATE 'C8 H10 N O6 P'
PO4 non-polymer 'PHOSPHATE ION' 'O4 P -3'
#
# COMPACT_ATOMS: atom_id res chain seq x y z
N ASN A 1 -29.39 7.08 20.17
CA ASN A 1 -30.11 5.79 20.38
C ASN A 1 -29.96 4.74 19.24
N VAL A 2 -30.50 3.56 19.51
CA VAL A 2 -30.17 2.31 18.79
C VAL A 2 -30.63 2.23 17.34
N ALA A 3 -31.77 2.85 17.06
CA ALA A 3 -32.37 2.74 15.75
C ALA A 3 -31.51 3.41 14.65
N GLU A 4 -30.87 4.53 15.02
CA GLU A 4 -29.97 5.19 14.08
C GLU A 4 -28.73 4.37 13.86
N LEU A 5 -28.18 3.83 14.94
CA LEU A 5 -27.07 2.89 14.81
C LEU A 5 -27.37 1.66 13.91
N LYS A 6 -28.55 1.05 14.01
CA LYS A 6 -28.85 -0.04 13.07
C LYS A 6 -28.93 0.41 11.59
N LYS A 7 -29.52 1.58 11.33
CA LYS A 7 -29.57 2.14 9.97
C LYS A 7 -28.14 2.33 9.41
N SER A 8 -27.29 2.99 10.21
CA SER A 8 -25.95 3.38 9.80
C SER A 8 -25.09 2.18 9.46
N PHE A 9 -25.13 1.20 10.34
CA PHE A 9 -24.45 -0.07 10.16
C PHE A 9 -24.82 -0.71 8.83
N ASN A 10 -26.12 -0.66 8.52
CA ASN A 10 -26.63 -1.19 7.27
C ASN A 10 -26.31 -0.39 6.04
N ARG A 11 -26.24 0.92 6.20
CA ARG A 11 -25.83 1.76 5.09
C ARG A 11 -24.37 1.43 4.77
N HIS A 12 -23.54 1.28 5.81
CA HIS A 12 -22.18 0.88 5.56
C HIS A 12 -22.09 -0.49 4.94
N LEU A 13 -22.77 -1.49 5.50
CA LEU A 13 -22.66 -2.83 4.96
C LEU A 13 -23.01 -2.82 3.51
N HIS A 14 -24.08 -2.10 3.17
CA HIS A 14 -24.53 -1.96 1.80
C HIS A 14 -23.56 -1.14 0.97
N PHE A 15 -23.35 0.13 1.34
CA PHE A 15 -22.61 1.07 0.46
C PHE A 15 -21.08 1.02 0.53
N THR A 16 -20.53 0.78 1.73
CA THR A 16 -19.09 0.69 1.98
C THR A 16 -18.50 -0.74 1.78
N LEU A 17 -19.25 -1.80 2.14
CA LEU A 17 -18.72 -3.17 2.06
C LEU A 17 -19.30 -3.93 0.89
N VAL A 18 -20.41 -3.38 0.35
CA VAL A 18 -21.02 -3.88 -0.91
C VAL A 18 -21.54 -5.29 -0.68
N LYS A 19 -22.24 -5.48 0.43
CA LYS A 19 -22.71 -6.82 0.78
C LYS A 19 -24.15 -6.77 1.27
N ASP A 20 -24.97 -7.74 0.86
CA ASP A 20 -26.14 -8.01 1.72
C ASP A 20 -25.97 -9.15 2.69
N ARG A 21 -26.86 -9.15 3.69
CA ARG A 21 -26.74 -10.01 4.87
C ARG A 21 -26.37 -11.44 4.53
N ASN A 22 -27.07 -12.06 3.60
CA ASN A 22 -26.74 -13.45 3.34
C ASN A 22 -25.35 -13.78 2.72
N VAL A 23 -24.54 -12.79 2.34
CA VAL A 23 -23.17 -13.11 1.88
C VAL A 23 -22.07 -12.31 2.58
N ALA A 24 -22.48 -11.46 3.52
CA ALA A 24 -21.54 -10.66 4.31
C ALA A 24 -20.64 -11.60 5.05
N THR A 25 -19.36 -11.30 5.13
CA THR A 25 -18.46 -12.11 5.98
C THR A 25 -18.42 -11.53 7.38
N THR A 26 -17.45 -11.96 8.19
CA THR A 26 -17.35 -11.42 9.56
C THR A 26 -16.56 -10.12 9.58
N ARG A 27 -15.43 -10.13 8.88
CA ARG A 27 -14.69 -8.93 8.59
C ARG A 27 -15.60 -7.78 8.08
N ASP A 28 -16.45 -8.08 7.09
CA ASP A 28 -17.46 -7.19 6.54
C ASP A 28 -18.22 -6.46 7.64
N TYR A 29 -18.84 -7.27 8.51
CA TYR A 29 -19.57 -6.77 9.69
C TYR A 29 -18.66 -5.90 10.56
N TYR A 30 -17.40 -6.29 10.72
CA TYR A 30 -16.52 -5.55 11.62
C TYR A 30 -16.34 -4.14 11.10
N PHE A 31 -15.85 -4.07 9.86
CA PHE A 31 -15.76 -2.82 9.15
C PHE A 31 -17.04 -1.94 9.17
N ALA A 32 -18.18 -2.54 8.80
CA ALA A 32 -19.45 -1.84 8.88
C ALA A 32 -19.64 -1.17 10.26
N LEU A 33 -19.30 -1.88 11.35
CA LEU A 33 -19.48 -1.28 12.69
C LEU A 33 -18.40 -0.24 12.93
N ALA A 34 -17.15 -0.63 12.67
CA ALA A 34 -16.06 0.31 12.74
C ALA A 34 -16.41 1.66 12.07
N HIS A 35 -16.80 1.63 10.79
CA HIS A 35 -17.15 2.86 10.06
C HIS A 35 -18.27 3.63 10.72
N THR A 36 -19.30 2.90 11.13
CA THR A 36 -20.39 3.47 11.89
C THR A 36 -19.91 4.22 13.12
N VAL A 37 -19.01 3.59 13.88
CA VAL A 37 -18.46 4.22 15.09
C VAL A 37 -17.62 5.48 14.76
N ARG A 38 -16.74 5.39 13.74
CA ARG A 38 -15.96 6.57 13.30
C ARG A 38 -16.83 7.80 12.94
N ASP A 39 -17.86 7.57 12.12
CA ASP A 39 -18.86 8.58 11.82
C ASP A 39 -19.33 9.34 13.04
N HIS A 40 -19.45 8.62 14.16
CA HIS A 40 -20.02 9.18 15.37
C HIS A 40 -19.04 9.99 16.21
N LEU A 41 -17.77 9.96 15.84
CA LEU A 41 -16.80 10.88 16.43
C LEU A 41 -16.40 11.97 15.44
N VAL A 42 -16.70 11.81 14.16
CA VAL A 42 -16.31 12.86 13.22
C VAL A 42 -16.62 14.31 13.69
N GLY A 43 -17.85 14.58 14.11
CA GLY A 43 -18.21 15.92 14.57
C GLY A 43 -17.35 16.46 15.68
N ARG A 44 -17.14 15.65 16.73
CA ARG A 44 -16.30 16.03 17.85
C ARG A 44 -14.83 16.21 17.48
N TRP A 45 -14.37 15.46 16.47
CA TRP A 45 -13.00 15.58 15.95
C TRP A 45 -12.75 16.89 15.20
N ILE A 46 -13.68 17.27 14.29
CA ILE A 46 -13.58 18.51 13.49
C ILE A 46 -13.64 19.68 14.46
N ARG A 47 -14.61 19.63 15.39
CA ARG A 47 -14.72 20.71 16.38
C ARG A 47 -13.55 20.86 17.31
N THR A 48 -13.00 19.74 17.82
CA THR A 48 -11.84 19.79 18.68
C THR A 48 -10.71 20.40 17.92
N GLN A 49 -10.54 20.02 16.67
CA GLN A 49 -9.41 20.52 15.93
C GLN A 49 -9.64 21.97 15.48
N GLN A 50 -10.89 22.33 15.20
CA GLN A 50 -11.28 23.71 14.90
C GLN A 50 -10.92 24.62 16.03
N HIS A 51 -11.22 24.11 17.22
CA HIS A 51 -11.26 24.92 18.40
C HIS A 51 -9.85 25.29 18.77
N TYR A 52 -8.91 24.35 18.58
CA TYR A 52 -7.50 24.69 18.73
C TYR A 52 -7.11 25.75 17.71
N TYR A 53 -7.61 25.61 16.49
CA TYR A 53 -7.38 26.62 15.48
C TYR A 53 -7.93 27.95 15.92
N ASP A 54 -9.03 27.92 16.64
CA ASP A 54 -9.61 29.17 17.07
C ASP A 54 -8.86 29.81 18.22
N LYS A 55 -9.10 29.32 19.43
CA LYS A 55 -8.53 29.94 20.63
C LYS A 55 -7.02 29.80 20.67
N CYS A 56 -6.52 28.82 19.94
CA CYS A 56 -5.12 28.72 19.72
C CYS A 56 -4.26 28.48 21.01
N PRO A 57 -4.64 27.47 21.82
CA PRO A 57 -3.91 27.24 23.08
C PRO A 57 -2.53 26.58 22.83
N LYS A 58 -1.69 26.43 23.84
CA LYS A 58 -0.37 25.87 23.59
C LYS A 58 -0.47 24.38 23.23
N ARG A 59 0.26 23.93 22.22
CA ARG A 59 0.11 22.55 21.71
C ARG A 59 1.21 21.58 22.17
N VAL A 60 0.79 20.41 22.66
CA VAL A 60 1.71 19.38 23.12
C VAL A 60 1.90 18.36 22.02
N TYR A 61 3.14 18.14 21.63
CA TYR A 61 3.46 17.14 20.64
C TYR A 61 4.31 16.00 21.26
N TYR A 62 3.69 14.83 21.43
CA TYR A 62 4.41 13.70 21.98
C TYR A 62 4.98 12.91 20.81
N LEU A 63 6.32 13.02 20.65
CA LEU A 63 7.05 12.46 19.52
C LEU A 63 7.81 11.20 19.89
N SER A 64 7.37 10.08 19.33
CA SER A 64 7.80 8.75 19.73
C SER A 64 7.90 7.85 18.52
N LEU A 65 8.98 7.09 18.43
CA LEU A 65 9.05 6.09 17.37
C LEU A 65 8.03 5.00 17.64
N GLU A 66 7.34 5.06 18.76
CA GLU A 66 6.49 3.94 19.17
C GLU A 66 5.11 4.32 19.76
N PHE A 67 4.07 3.65 19.26
CA PHE A 67 2.70 3.84 19.76
C PHE A 67 1.98 2.49 19.82
N TYR A 68 1.90 1.94 21.03
CA TYR A 68 1.47 0.58 21.20
C TYR A 68 -0.05 0.58 21.43
N MET A 69 -0.80 0.82 20.36
CA MET A 69 -2.19 1.22 20.50
C MET A 69 -3.18 0.09 20.80
N GLY A 70 -2.87 -1.15 20.39
CA GLY A 70 -3.85 -2.25 20.55
C GLY A 70 -5.05 -1.98 19.65
N ARG A 71 -6.23 -2.47 20.06
CA ARG A 71 -7.46 -2.39 19.25
C ARG A 71 -8.23 -1.13 19.59
N THR A 72 -9.00 -0.62 18.63
CA THR A 72 -9.65 0.66 18.77
C THR A 72 -11.16 0.58 18.98
N LEU A 73 -11.83 -0.21 18.16
CA LEU A 73 -13.28 -0.26 18.21
C LEU A 73 -13.93 -0.08 19.61
N GLN A 74 -13.68 -1.01 20.54
CA GLN A 74 -14.31 -0.94 21.87
C GLN A 74 -13.85 0.23 22.72
N ASN A 75 -12.56 0.51 22.72
CA ASN A 75 -12.09 1.68 23.44
C ASN A 75 -12.85 2.94 23.00
N THR A 76 -13.09 3.05 21.68
CA THR A 76 -13.77 4.18 21.07
C THR A 76 -15.22 4.24 21.50
N MET A 77 -15.93 3.11 21.41
CA MET A 77 -17.30 3.02 21.90
C MET A 77 -17.47 3.50 23.37
N ILE A 78 -16.71 2.89 24.27
CA ILE A 78 -16.69 3.28 25.67
C ILE A 78 -16.45 4.79 25.84
N ASN A 79 -15.40 5.32 25.24
CA ASN A 79 -15.03 6.71 25.46
C ASN A 79 -16.01 7.66 24.87
N LEU A 80 -16.65 7.23 23.78
CA LEU A 80 -17.65 8.02 23.11
C LEU A 80 -18.99 7.77 23.73
N GLY A 81 -19.01 6.91 24.75
CA GLY A 81 -20.24 6.55 25.45
C GLY A 81 -21.26 5.79 24.60
N LEU A 82 -20.81 5.10 23.54
CA LEU A 82 -21.78 4.43 22.68
C LEU A 82 -21.75 2.87 22.71
N GLN A 83 -21.00 2.29 23.65
CA GLN A 83 -20.94 0.80 23.80
C GLN A 83 -22.32 0.18 24.03
N ASN A 84 -23.06 0.74 24.97
CA ASN A 84 -24.42 0.34 25.24
C ASN A 84 -25.27 0.20 23.97
N ALA A 85 -25.47 1.34 23.34
CA ALA A 85 -26.33 1.42 22.18
C ALA A 85 -25.84 0.54 21.03
N CYS A 86 -24.52 0.38 20.89
CA CYS A 86 -23.91 -0.34 19.76
C CYS A 86 -24.08 -1.81 19.90
N ASP A 87 -23.92 -2.24 21.15
CA ASP A 87 -24.16 -3.59 21.58
C ASP A 87 -25.57 -3.94 21.15
N GLU A 88 -26.54 -3.13 21.58
CA GLU A 88 -27.94 -3.37 21.22
C GLU A 88 -28.14 -3.55 19.74
N ALA A 89 -27.74 -2.54 18.98
CA ALA A 89 -27.88 -2.53 17.53
C ALA A 89 -27.33 -3.79 16.90
N ILE A 90 -26.14 -4.24 17.31
CA ILE A 90 -25.55 -5.43 16.72
C ILE A 90 -26.38 -6.65 17.11
N TYR A 91 -26.90 -6.63 18.35
CA TYR A 91 -27.67 -7.74 18.89
C TYR A 91 -28.96 -7.89 18.12
N GLN A 92 -29.72 -6.79 18.02
CA GLN A 92 -30.99 -6.73 17.33
C GLN A 92 -30.89 -7.10 15.85
N LEU A 93 -29.71 -6.95 15.26
CA LEU A 93 -29.46 -7.46 13.91
C LEU A 93 -29.03 -8.94 13.91
N GLY A 94 -29.06 -9.59 15.06
CA GLY A 94 -28.68 -11.00 15.17
C GLY A 94 -27.20 -11.25 14.95
N LEU A 95 -26.33 -10.35 15.39
CA LEU A 95 -24.90 -10.57 15.19
C LEU A 95 -24.16 -10.67 16.52
N ASP A 96 -23.16 -11.56 16.56
CA ASP A 96 -22.29 -11.74 17.74
C ASP A 96 -21.33 -10.56 17.90
N ILE A 97 -21.61 -9.66 18.83
CA ILE A 97 -20.80 -8.43 18.98
C ILE A 97 -19.33 -8.71 19.22
N GLU A 98 -19.04 -9.78 19.93
CA GLU A 98 -17.67 -9.99 20.36
C GLU A 98 -16.90 -10.77 19.30
N GLU A 99 -17.61 -11.56 18.52
CA GLU A 99 -17.03 -12.16 17.36
C GLU A 99 -16.58 -11.08 16.37
N LEU A 100 -17.42 -10.04 16.16
CA LEU A 100 -16.99 -8.83 15.41
C LEU A 100 -15.69 -8.28 15.99
N GLU A 101 -15.70 -7.99 17.28
CA GLU A 101 -14.57 -7.30 17.87
C GLU A 101 -13.26 -8.07 17.72
N GLU A 102 -13.36 -9.40 17.61
CA GLU A 102 -12.15 -10.23 17.56
C GLU A 102 -11.48 -10.20 16.20
N ILE A 103 -12.21 -9.80 15.16
CA ILE A 103 -11.61 -9.52 13.85
C ILE A 103 -10.51 -8.43 13.90
N GLU A 104 -10.64 -7.42 14.75
CA GLU A 104 -9.69 -6.30 14.69
C GLU A 104 -8.24 -6.62 15.09
N GLU A 105 -7.30 -6.17 14.26
CA GLU A 105 -5.86 -6.29 14.50
C GLU A 105 -5.42 -5.33 15.60
N ASP A 106 -4.54 -5.81 16.49
CA ASP A 106 -3.77 -4.93 17.35
C ASP A 106 -2.99 -3.95 16.49
N ALA A 107 -3.12 -2.66 16.77
CA ALA A 107 -2.15 -1.70 16.25
C ALA A 107 -0.86 -1.86 17.11
N GLY A 108 -0.11 -2.89 16.77
CA GLY A 108 1.02 -3.31 17.60
C GLY A 108 2.33 -2.62 17.30
N LEU A 109 2.33 -1.28 17.35
CA LEU A 109 3.47 -0.49 16.88
C LEU A 109 4.39 -0.02 18.01
N GLY A 110 4.78 -0.97 18.85
CA GLY A 110 5.68 -0.77 19.97
C GLY A 110 6.19 -2.11 20.44
N ASN A 111 7.19 -2.11 21.32
CA ASN A 111 7.69 -3.35 21.88
C ASN A 111 7.08 -3.69 23.19
N GLY A 112 6.70 -2.67 23.95
CA GLY A 112 6.21 -2.94 25.30
C GLY A 112 6.02 -1.71 26.11
N GLY A 113 6.73 -1.60 27.23
CA GLY A 113 6.49 -0.51 28.18
C GLY A 113 6.52 0.88 27.57
N LEU A 114 7.56 1.15 26.79
CA LEU A 114 7.73 2.45 26.19
C LEU A 114 6.58 2.87 25.26
N GLY A 115 6.27 2.03 24.27
CA GLY A 115 5.19 2.29 23.33
C GLY A 115 3.79 2.24 23.93
N ARG A 116 3.60 1.47 24.99
CA ARG A 116 2.32 1.49 25.68
C ARG A 116 2.16 2.76 26.53
N LEU A 117 3.27 3.28 27.07
CA LEU A 117 3.22 4.52 27.82
C LEU A 117 2.60 5.59 26.94
N ALA A 118 3.15 5.72 25.72
CA ALA A 118 2.61 6.69 24.74
C ALA A 118 1.11 6.49 24.48
N ALA A 119 0.69 5.22 24.36
CA ALA A 119 -0.70 4.93 23.99
C ALA A 119 -1.66 5.33 25.12
N CYS A 120 -1.26 5.09 26.37
CA CYS A 120 -2.01 5.54 27.55
C CYS A 120 -1.99 7.05 27.60
N PHE A 121 -0.82 7.63 27.39
CA PHE A 121 -0.68 9.09 27.42
C PHE A 121 -1.71 9.77 26.49
N LEU A 122 -1.81 9.31 25.23
CA LEU A 122 -2.78 9.84 24.29
C LEU A 122 -4.17 9.86 24.91
N ASP A 123 -4.63 8.69 25.36
CA ASP A 123 -5.96 8.56 25.94
C ASP A 123 -6.21 9.62 27.03
N SER A 124 -5.18 9.90 27.83
CA SER A 124 -5.35 10.77 28.99
C SER A 124 -5.28 12.25 28.67
N MET A 125 -4.41 12.63 27.76
CA MET A 125 -4.31 14.02 27.30
C MET A 125 -5.63 14.40 26.66
N ALA A 126 -6.23 13.47 25.91
CA ALA A 126 -7.57 13.67 25.33
C ALA A 126 -8.63 13.69 26.42
N THR A 127 -8.55 12.76 27.37
CA THR A 127 -9.52 12.76 28.47
C THR A 127 -9.44 14.07 29.30
N LEU A 128 -8.24 14.64 29.43
CA LEU A 128 -8.10 15.89 30.18
C LEU A 128 -8.28 17.14 29.32
N GLY A 129 -8.55 16.95 28.03
CA GLY A 129 -8.83 18.06 27.12
C GLY A 129 -7.64 18.96 26.81
N LEU A 130 -6.43 18.39 26.87
CA LEU A 130 -5.22 19.04 26.36
C LEU A 130 -5.21 19.14 24.82
N ALA A 131 -4.60 20.21 24.29
CA ALA A 131 -4.37 20.35 22.86
C ALA A 131 -3.15 19.51 22.44
N ALA A 132 -3.27 18.19 22.49
CA ALA A 132 -2.07 17.38 22.35
C ALA A 132 -2.11 16.52 21.08
N TYR A 133 -0.93 16.16 20.59
CA TYR A 133 -0.83 15.33 19.41
C TYR A 133 0.26 14.29 19.63
N GLY A 134 0.10 13.12 19.02
CA GLY A 134 1.14 12.13 19.02
C GLY A 134 1.67 12.07 17.61
N TYR A 135 3.00 12.06 17.47
CA TYR A 135 3.66 11.89 16.17
C TYR A 135 4.54 10.66 16.22
N GLY A 136 4.31 9.75 15.27
CA GLY A 136 5.14 8.58 15.09
C GLY A 136 5.20 8.16 13.63
N ILE A 137 5.62 6.90 13.40
CA ILE A 137 5.69 6.29 12.08
C ILE A 137 4.57 5.31 11.88
N ARG A 138 3.91 5.44 10.72
CA ARG A 138 2.96 4.46 10.24
C ARG A 138 3.71 3.18 9.75
N TYR A 139 4.30 2.42 10.68
CA TYR A 139 5.00 1.20 10.31
C TYR A 139 4.07 0.26 9.60
N GLU A 140 4.47 -0.19 8.41
CA GLU A 140 3.74 -1.25 7.74
C GLU A 140 3.63 -2.54 8.54
N TYR A 141 4.65 -2.85 9.37
CA TYR A 141 4.66 -4.10 10.14
C TYR A 141 4.98 -3.81 11.61
N GLY A 142 4.03 -4.06 12.52
CA GLY A 142 4.23 -3.77 13.94
C GLY A 142 5.21 -4.73 14.57
N ILE A 143 5.18 -4.88 15.89
CA ILE A 143 5.94 -5.96 16.52
C ILE A 143 5.50 -7.30 15.93
N PHE A 144 6.48 -8.17 15.63
CA PHE A 144 6.26 -9.49 15.00
C PHE A 144 5.25 -10.36 15.77
N ASN A 145 4.54 -11.21 15.04
CA ASN A 145 3.73 -12.25 15.65
C ASN A 145 4.52 -13.46 16.05
N GLN A 146 4.42 -13.80 17.34
CA GLN A 146 5.17 -14.88 17.94
C GLN A 146 4.37 -16.17 17.87
N LYS A 147 5.02 -17.20 17.35
CA LYS A 147 4.50 -18.55 17.31
C LYS A 147 5.50 -19.40 18.08
N ILE A 148 5.01 -20.22 19.02
CA ILE A 148 5.86 -21.23 19.68
C ILE A 148 5.81 -22.51 18.87
N ARG A 149 6.97 -22.94 18.38
CA ARG A 149 7.11 -24.14 17.55
C ARG A 149 8.21 -25.04 18.10
N ASP A 150 7.78 -26.21 18.63
CA ASP A 150 8.68 -27.16 19.29
C ASP A 150 9.31 -26.40 20.47
N GLY A 151 8.46 -25.65 21.18
CA GLY A 151 8.90 -24.89 22.35
C GLY A 151 9.85 -23.74 22.09
N TRP A 152 10.16 -23.45 20.81
CA TRP A 152 10.96 -22.28 20.41
C TRP A 152 10.14 -21.07 19.94
N GLN A 153 10.70 -19.87 20.04
CA GLN A 153 10.07 -18.72 19.38
C GLN A 153 10.38 -18.69 17.88
N VAL A 154 9.32 -18.74 17.06
CA VAL A 154 9.41 -18.36 15.64
C VAL A 154 8.67 -17.02 15.43
N GLU A 155 9.24 -16.14 14.62
CA GLU A 155 8.57 -14.87 14.29
C GLU A 155 7.82 -14.87 12.96
N GLU A 156 6.61 -14.32 12.95
CA GLU A 156 5.92 -14.03 11.70
C GLU A 156 5.67 -12.55 11.49
N ALA A 157 5.81 -12.08 10.26
CA ALA A 157 5.52 -10.68 9.97
C ALA A 157 4.11 -10.33 10.38
N ASP A 158 3.97 -9.23 11.12
CA ASP A 158 2.67 -8.69 11.53
C ASP A 158 2.06 -7.78 10.47
N ASP A 159 1.31 -8.40 9.59
CA ASP A 159 0.70 -7.73 8.46
C ASP A 159 -0.62 -7.03 8.85
N TRP A 160 -0.58 -6.07 9.76
CA TRP A 160 -1.82 -5.52 10.30
C TRP A 160 -2.65 -4.74 9.27
N LEU A 161 -2.01 -4.21 8.23
CA LEU A 161 -2.68 -3.35 7.25
C LEU A 161 -3.23 -4.06 6.02
N ARG A 162 -3.08 -5.37 5.91
CA ARG A 162 -3.38 -5.98 4.60
C ARG A 162 -4.84 -5.87 4.18
N TYR A 163 -5.72 -5.77 5.16
CA TYR A 163 -7.14 -5.64 4.84
C TYR A 163 -7.55 -4.20 5.05
N GLY A 164 -6.59 -3.31 5.29
CA GLY A 164 -6.90 -1.89 5.45
C GLY A 164 -7.20 -1.55 6.90
N ASN A 165 -7.26 -0.25 7.18
CA ASN A 165 -7.42 0.23 8.54
C ASN A 165 -8.43 1.37 8.54
N PRO A 166 -9.67 1.09 9.03
CA PRO A 166 -10.82 2.00 9.13
C PRO A 166 -10.59 3.18 10.07
N TRP A 167 -9.56 3.08 10.92
CA TRP A 167 -9.29 4.12 11.93
C TRP A 167 -8.33 5.25 11.51
N GLU A 168 -7.80 5.20 10.28
CA GLU A 168 -6.85 6.22 9.79
C GLU A 168 -7.48 6.94 8.61
N LYS A 169 -7.14 8.21 8.48
CA LYS A 169 -7.54 9.01 7.36
C LYS A 169 -6.23 9.60 6.92
N SER A 170 -5.80 9.20 5.72
CA SER A 170 -4.67 9.84 5.08
C SER A 170 -4.97 11.33 4.84
N ARG A 171 -3.90 12.14 4.92
CA ARG A 171 -3.99 13.59 4.76
C ARG A 171 -3.10 14.05 3.58
N PRO A 172 -3.48 13.67 2.34
CA PRO A 172 -2.44 13.81 1.32
C PRO A 172 -1.92 15.25 1.18
N GLU A 173 -2.76 16.23 1.48
CA GLU A 173 -2.40 17.62 1.31
C GLU A 173 -1.19 18.05 2.20
N PHE A 174 -0.90 17.28 3.26
CA PHE A 174 0.21 17.62 4.17
C PHE A 174 1.47 16.78 3.94
N MET A 175 1.54 16.11 2.80
CA MET A 175 2.76 15.45 2.37
C MET A 175 4.02 16.37 2.32
N LEU A 176 5.19 15.77 2.58
CA LEU A 176 6.44 16.50 2.80
C LEU A 176 7.70 15.81 2.25
N PRO A 177 8.76 16.59 1.92
CA PRO A 177 10.09 16.00 1.58
C PRO A 177 11.01 15.88 2.79
N VAL A 178 11.54 14.69 3.05
CA VAL A 178 12.66 14.52 3.97
C VAL A 178 13.92 14.29 3.14
N HIS A 179 15.04 14.74 3.66
CA HIS A 179 16.31 14.69 2.93
C HIS A 179 17.34 13.78 3.62
N PHE A 180 18.11 13.07 2.79
CA PHE A 180 19.18 12.13 3.23
C PHE A 180 20.47 12.22 2.42
N TYR A 181 21.60 11.92 3.07
CA TYR A 181 22.88 11.85 2.40
C TYR A 181 23.30 13.18 1.78
N GLY A 182 23.91 13.13 0.60
CA GLY A 182 24.53 14.33 0.02
C GLY A 182 25.67 14.86 0.88
N LYS A 183 25.98 16.14 0.76
CA LYS A 183 27.12 16.73 1.45
C LYS A 183 26.90 18.21 1.80
N VAL A 184 27.63 18.69 2.79
CA VAL A 184 27.57 20.12 3.22
C VAL A 184 28.41 21.02 2.32
N GLU A 185 27.84 22.18 1.99
CA GLU A 185 28.56 23.23 1.28
C GLU A 185 28.53 24.54 2.05
N HIS A 186 29.73 25.07 2.32
CA HIS A 186 29.88 26.31 3.06
C HIS A 186 30.05 27.52 2.15
N THR A 187 28.98 27.89 1.43
CA THR A 187 28.99 29.07 0.59
C THR A 187 28.70 30.33 1.43
N ASN A 188 28.76 31.50 0.81
CA ASN A 188 28.59 32.76 1.56
C ASN A 188 27.16 33.27 1.60
N THR A 189 26.21 32.43 1.19
CA THR A 189 24.80 32.54 1.60
C THR A 189 24.59 31.74 2.90
N GLY A 190 25.64 31.02 3.32
CA GLY A 190 25.57 30.13 4.48
C GLY A 190 25.75 28.67 4.07
N THR A 191 25.41 27.78 4.98
CA THR A 191 25.60 26.37 4.74
C THR A 191 24.45 25.76 3.94
N LYS A 192 24.74 25.29 2.73
CA LYS A 192 23.76 24.56 1.97
C LYS A 192 24.01 23.05 2.07
N TRP A 193 22.96 22.31 2.45
CA TRP A 193 23.00 20.85 2.47
C TRP A 193 22.52 20.33 1.11
N ILE A 194 23.44 19.87 0.24
CA ILE A 194 23.19 19.66 -1.23
C ILE A 194 23.25 18.19 -1.72
N ASP A 195 22.96 17.95 -3.00
CA ASP A 195 22.84 16.58 -3.64
C ASP A 195 22.21 15.54 -2.73
N THR A 196 21.03 15.84 -2.23
CA THR A 196 20.45 14.99 -1.22
C THR A 196 19.48 14.15 -1.94
N GLN A 197 19.34 12.93 -1.46
CA GLN A 197 18.24 12.09 -1.84
C GLN A 197 16.98 12.39 -1.00
N VAL A 198 15.86 12.47 -1.70
CA VAL A 198 14.60 12.88 -1.08
C VAL A 198 13.70 11.69 -0.87
N VAL A 199 13.13 11.57 0.32
CA VAL A 199 12.08 10.58 0.58
C VAL A 199 10.84 11.35 0.91
N LEU A 200 9.67 10.90 0.45
CA LEU A 200 8.38 11.54 0.79
C LEU A 200 7.75 11.10 2.12
N ALA A 201 7.15 12.04 2.84
CA ALA A 201 6.47 11.69 4.10
C ALA A 201 4.98 12.00 4.00
N LEU A 202 4.18 10.94 4.08
CA LEU A 202 2.74 11.05 3.93
C LEU A 202 2.02 10.78 5.24
N PRO A 203 1.35 11.80 5.80
CA PRO A 203 0.76 11.61 7.13
C PRO A 203 -0.61 10.96 7.09
N TYR A 204 -0.97 10.33 8.20
CA TYR A 204 -2.23 9.65 8.36
C TYR A 204 -2.75 9.93 9.75
N ASP A 205 -4.00 10.39 9.85
CA ASP A 205 -4.61 10.73 11.13
C ASP A 205 -5.50 9.63 11.75
N THR A 206 -5.28 9.35 13.05
CA THR A 206 -6.14 8.45 13.84
C THR A 206 -6.77 9.25 15.00
N PRO A 207 -8.09 9.16 15.13
CA PRO A 207 -8.81 9.86 16.19
C PRO A 207 -8.42 9.39 17.59
N VAL A 208 -8.21 10.32 18.53
CA VAL A 208 -7.97 9.95 19.93
C VAL A 208 -9.13 10.46 20.82
N PRO A 209 -10.14 9.61 21.08
CA PRO A 209 -11.30 10.04 21.86
C PRO A 209 -11.05 10.19 23.36
N GLY A 210 -11.17 11.40 23.87
CA GLY A 210 -11.20 11.59 25.30
C GLY A 210 -12.35 10.82 25.90
N TYR A 211 -12.32 10.61 27.21
CA TYR A 211 -13.35 9.81 27.86
C TYR A 211 -14.56 10.67 28.28
N MET A 212 -15.70 10.41 27.66
CA MET A 212 -16.95 11.09 27.99
C MET A 212 -16.87 12.62 28.10
N ASN A 213 -16.06 13.25 27.26
CA ASN A 213 -16.10 14.71 27.11
C ASN A 213 -16.22 15.08 25.62
N ASN A 214 -15.85 16.29 25.21
CA ASN A 214 -16.00 16.63 23.77
C ASN A 214 -14.75 16.40 22.91
N THR A 215 -13.65 16.01 23.55
CA THR A 215 -12.36 16.08 22.89
C THR A 215 -12.03 14.86 22.00
N VAL A 216 -11.69 15.14 20.75
CA VAL A 216 -11.11 14.15 19.89
C VAL A 216 -9.83 14.77 19.30
N ASN A 217 -8.72 14.35 19.90
CA ASN A 217 -7.37 14.70 19.50
C ASN A 217 -6.85 13.75 18.42
N THR A 218 -5.66 14.05 17.91
CA THR A 218 -5.13 13.38 16.75
C THR A 218 -3.83 12.63 16.99
N MET A 219 -3.69 11.49 16.32
CA MET A 219 -2.40 10.82 16.23
C MET A 219 -1.97 10.78 14.76
N ARG A 220 -0.91 11.54 14.44
CA ARG A 220 -0.42 11.59 13.08
C ARG A 220 0.71 10.59 12.86
N LEU A 221 0.52 9.64 11.95
CA LEU A 221 1.58 8.68 11.68
C LEU A 221 2.07 8.78 10.25
N TRP A 222 3.38 8.71 10.09
CA TRP A 222 3.99 9.03 8.80
C TRP A 222 4.41 7.80 8.01
N SER A 223 4.11 7.82 6.71
CA SER A 223 4.59 6.79 5.79
C SER A 223 5.55 7.33 4.72
N ALA A 224 6.59 6.54 4.47
CA ALA A 224 7.62 6.86 3.49
C ALA A 224 7.20 6.52 2.07
N ARG A 225 7.45 7.43 1.12
CA ARG A 225 7.22 7.14 -0.32
C ARG A 225 8.38 7.66 -1.14
N ALA A 226 8.59 7.05 -2.29
CA ALA A 226 9.52 7.61 -3.26
C ALA A 226 8.91 8.86 -3.92
N PRO A 227 9.75 9.89 -4.19
CA PRO A 227 9.39 11.01 -5.08
C PRO A 227 9.25 10.64 -6.55
N ASN A 228 8.15 11.12 -7.10
CA ASN A 228 8.04 11.64 -8.45
C ASN A 228 9.16 11.35 -9.47
N ASP A 229 10.28 12.08 -9.35
CA ASP A 229 11.44 11.99 -10.25
C ASP A 229 12.39 10.80 -9.99
N PHE A 230 12.90 10.16 -11.05
CA PHE A 230 14.09 9.27 -10.89
C PHE A 230 15.35 10.11 -10.69
N ASP A 239 17.96 1.19 -16.47
CA ASP A 239 16.91 0.16 -16.54
C ASP A 239 15.62 0.57 -15.79
N TYR A 240 14.59 0.82 -16.59
CA TYR A 240 13.32 1.39 -16.14
C TYR A 240 12.55 0.53 -15.13
N ILE A 241 12.39 -0.77 -15.40
CA ILE A 241 11.74 -1.69 -14.44
C ILE A 241 12.53 -1.64 -13.13
N GLN A 242 13.85 -1.75 -13.22
CA GLN A 242 14.71 -1.75 -12.02
C GLN A 242 14.64 -0.45 -11.23
N ALA A 243 14.67 0.67 -11.95
CA ALA A 243 14.48 1.95 -11.30
C ALA A 243 13.15 1.94 -10.53
N VAL A 244 12.11 1.35 -11.11
CA VAL A 244 10.79 1.36 -10.48
C VAL A 244 10.76 0.40 -9.30
N LEU A 245 11.19 -0.86 -9.49
CA LEU A 245 11.40 -1.74 -8.34
C LEU A 245 12.14 -1.05 -7.17
N ASP A 246 13.17 -0.27 -7.47
CA ASP A 246 13.98 0.43 -6.44
C ASP A 246 13.31 1.49 -5.57
N ARG A 247 12.14 1.93 -5.97
CA ARG A 247 11.32 2.77 -5.09
C ARG A 247 11.08 2.04 -3.78
N ASN A 248 11.19 0.72 -3.80
CA ASN A 248 11.07 -0.10 -2.59
C ASN A 248 12.00 0.36 -1.47
N LEU A 249 13.19 0.87 -1.82
CA LEU A 249 14.18 1.19 -0.81
C LEU A 249 13.79 2.41 -0.01
N ALA A 250 13.20 3.40 -0.67
CA ALA A 250 12.74 4.59 0.03
C ALA A 250 11.60 4.19 0.95
N GLU A 251 10.68 3.39 0.43
CA GLU A 251 9.59 2.94 1.25
C GLU A 251 10.03 2.05 2.41
N ASN A 252 11.24 1.50 2.37
CA ASN A 252 11.66 0.59 3.45
C ASN A 252 11.83 1.30 4.81
N ILE A 253 11.97 2.63 4.76
CA ILE A 253 12.11 3.46 5.95
C ILE A 253 10.98 3.27 6.97
N SER A 254 9.76 3.09 6.48
CA SER A 254 8.59 2.92 7.36
C SER A 254 7.97 1.52 7.25
N ARG A 255 8.76 0.55 6.81
CA ARG A 255 8.26 -0.79 6.60
C ARG A 255 8.03 -1.58 7.90
N VAL A 256 9.05 -1.73 8.74
CA VAL A 256 8.93 -2.52 9.97
C VAL A 256 9.49 -1.82 11.21
N LEU A 257 8.84 -2.03 12.35
CA LEU A 257 9.31 -1.54 13.63
C LEU A 257 10.41 -2.45 14.12
N TYR A 258 11.54 -1.87 14.53
CA TYR A 258 12.61 -2.66 15.17
C TYR A 258 12.17 -3.26 16.49
N PRO A 259 12.48 -4.54 16.71
CA PRO A 259 11.87 -5.28 17.79
C PRO A 259 12.70 -5.42 19.06
N ASN A 260 13.63 -4.49 19.33
CA ASN A 260 14.44 -4.52 20.57
C ASN A 260 13.81 -3.75 21.72
N ASP A 261 13.56 -4.42 22.82
CA ASP A 261 13.12 -3.75 24.00
C ASP A 261 14.39 -3.53 24.81
N ASN A 262 14.59 -2.34 25.37
CA ASN A 262 15.78 -2.06 26.20
C ASN A 262 17.08 -2.65 25.61
N PHE A 263 17.40 -2.29 24.36
CA PHE A 263 18.64 -2.72 23.72
C PHE A 263 18.89 -1.92 22.46
N PHE A 264 20.11 -1.43 22.33
CA PHE A 264 20.44 -0.52 21.22
C PHE A 264 21.09 -1.27 20.08
N GLU A 265 20.48 -1.15 18.91
CA GLU A 265 21.00 -1.80 17.74
C GLU A 265 21.33 -0.71 16.75
N GLY A 266 22.62 -0.53 16.47
CA GLY A 266 23.00 0.64 15.70
C GLY A 266 22.86 0.50 14.20
N LYS A 267 21.69 0.14 13.69
CA LYS A 267 21.53 -0.06 12.25
C LYS A 267 21.15 1.18 11.48
N GLU A 268 21.73 1.33 10.29
CA GLU A 268 21.59 2.52 9.47
C GLU A 268 20.11 2.87 9.22
N LEU A 269 19.35 1.87 8.74
CA LEU A 269 17.90 2.00 8.53
C LEU A 269 17.15 2.61 9.72
N ARG A 270 17.42 2.12 10.93
CA ARG A 270 16.84 2.71 12.13
C ARG A 270 17.14 4.20 12.28
N LEU A 271 18.38 4.61 11.94
CA LEU A 271 18.76 6.02 11.99
C LEU A 271 17.88 6.81 11.03
N LYS A 272 17.68 6.22 9.85
CA LYS A 272 16.77 6.78 8.85
C LYS A 272 15.35 6.96 9.39
N GLN A 273 14.83 5.94 10.06
CA GLN A 273 13.52 6.04 10.71
C GLN A 273 13.48 7.20 11.67
N GLU A 274 14.50 7.26 12.51
CA GLU A 274 14.64 8.32 13.47
C GLU A 274 14.66 9.70 12.83
N TYR A 275 15.46 9.88 11.76
CA TYR A 275 15.45 11.17 11.05
C TYR A 275 14.06 11.48 10.46
N PHE A 276 13.56 10.55 9.64
CA PHE A 276 12.26 10.61 8.97
C PHE A 276 11.18 11.23 9.85
N VAL A 277 11.03 10.72 11.06
CA VAL A 277 9.87 11.12 11.85
C VAL A 277 10.08 12.52 12.45
N VAL A 278 11.33 12.77 12.84
CA VAL A 278 11.79 14.05 13.38
C VAL A 278 11.63 15.16 12.30
N ALA A 279 12.06 14.84 11.09
CA ALA A 279 11.97 15.77 9.97
C ALA A 279 10.51 16.05 9.61
N ALA A 280 9.69 15.03 9.31
CA ALA A 280 8.30 15.31 8.97
C ALA A 280 7.61 16.11 10.08
N THR A 281 7.78 15.66 11.32
CA THR A 281 7.09 16.24 12.47
C THR A 281 7.41 17.70 12.69
N LEU A 282 8.71 18.01 12.61
CA LEU A 282 9.12 19.37 12.93
C LEU A 282 8.63 20.31 11.86
N GLN A 283 8.74 19.91 10.60
CA GLN A 283 8.10 20.69 9.54
C GLN A 283 6.60 20.94 9.80
N ASP A 284 5.82 19.86 9.96
CA ASP A 284 4.37 19.93 10.19
C ASP A 284 3.95 20.86 11.35
N ILE A 285 4.71 20.83 12.44
CA ILE A 285 4.53 21.77 13.55
C ILE A 285 4.77 23.22 13.13
N ILE A 286 5.91 23.46 12.48
CA ILE A 286 6.23 24.79 11.98
C ILE A 286 5.13 25.30 11.07
N ARG A 287 4.75 24.47 10.10
N ARG A 287 4.73 24.47 10.10
CA ARG A 287 3.62 24.74 9.21
CA ARG A 287 3.61 24.74 9.19
C ARG A 287 2.37 25.19 9.99
C ARG A 287 2.34 25.17 9.96
N ARG A 288 1.97 24.40 10.98
CA ARG A 288 0.78 24.68 11.79
C ARG A 288 0.94 25.99 12.55
N PHE A 289 2.17 26.25 12.98
CA PHE A 289 2.45 27.43 13.79
C PHE A 289 2.31 28.69 12.94
N LYS A 290 2.99 28.71 11.79
CA LYS A 290 2.91 29.80 10.83
C LYS A 290 1.49 29.98 10.34
N ALA A 291 0.77 28.89 10.14
CA ALA A 291 -0.63 28.96 9.71
C ALA A 291 -1.57 29.57 10.75
N SER A 292 -1.16 29.62 12.01
CA SER A 292 -2.05 30.04 13.07
C SER A 292 -2.06 31.55 13.18
N LYS A 293 -2.53 32.07 14.31
CA LYS A 293 -2.49 33.51 14.52
C LYS A 293 -1.39 33.86 15.55
N PHE A 294 -0.18 33.33 15.34
CA PHE A 294 0.95 33.62 16.22
C PHE A 294 2.27 33.78 15.43
N THR A 302 8.28 35.01 9.83
CA THR A 302 9.71 35.04 10.15
C THR A 302 9.91 35.36 11.66
N VAL A 303 8.85 35.21 12.44
CA VAL A 303 8.86 35.54 13.87
C VAL A 303 8.56 34.33 14.77
N PHE A 304 9.62 33.73 15.31
CA PHE A 304 9.53 32.51 16.10
C PHE A 304 9.65 32.75 17.60
N ASP A 305 9.55 33.99 18.03
CA ASP A 305 9.68 34.29 19.46
C ASP A 305 8.63 33.58 20.28
N ALA A 306 7.43 33.43 19.75
CA ALA A 306 6.37 32.89 20.54
C ALA A 306 6.36 31.40 20.35
N PHE A 307 7.23 30.89 19.48
CA PHE A 307 7.24 29.46 19.21
C PHE A 307 7.13 28.59 20.48
N PRO A 308 8.03 28.79 21.47
CA PRO A 308 7.97 27.97 22.67
C PRO A 308 6.74 28.20 23.55
N ASP A 309 6.02 29.27 23.29
CA ASP A 309 4.78 29.49 24.00
C ASP A 309 3.67 28.76 23.31
N GLN A 310 3.89 28.42 22.04
CA GLN A 310 2.86 27.77 21.26
C GLN A 310 3.01 26.26 21.17
N VAL A 311 4.18 25.75 21.58
CA VAL A 311 4.61 24.43 21.20
C VAL A 311 5.51 23.82 22.28
N ALA A 312 5.13 22.67 22.81
CA ALA A 312 6.05 21.79 23.50
C ALA A 312 6.24 20.51 22.68
N ILE A 313 7.44 19.93 22.72
CA ILE A 313 7.72 18.63 22.09
C ILE A 313 8.43 17.77 23.13
N GLN A 314 7.77 16.67 23.52
CA GLN A 314 8.38 15.70 24.42
C GLN A 314 9.14 14.63 23.61
N LEU A 315 10.38 14.41 24.00
CA LEU A 315 11.19 13.41 23.35
C LEU A 315 11.03 12.14 24.17
N ASN A 316 10.21 11.22 23.67
CA ASN A 316 10.06 9.89 24.27
C ASN A 316 11.37 9.07 24.12
N ASP A 317 12.17 9.11 25.19
CA ASP A 317 13.61 8.69 25.18
C ASP A 317 14.49 9.41 24.12
N THR A 318 15.65 8.83 23.76
CA THR A 318 16.63 9.45 22.82
C THR A 318 16.37 9.20 21.33
N HIS A 319 15.45 8.28 21.03
CA HIS A 319 15.08 7.93 19.67
C HIS A 319 14.92 9.11 18.69
N PRO A 320 14.12 10.13 19.08
CA PRO A 320 14.04 11.30 18.23
C PRO A 320 14.98 12.43 18.64
N ALA A 321 15.98 12.14 19.46
CA ALA A 321 17.03 13.13 19.80
C ALA A 321 17.34 14.07 18.63
N LEU A 322 17.46 13.49 17.43
CA LEU A 322 17.76 14.21 16.20
C LEU A 322 16.87 15.46 15.94
N ALA A 323 15.77 15.54 16.66
CA ALA A 323 14.85 16.67 16.53
C ALA A 323 15.58 17.93 16.94
N ILE A 324 16.34 17.85 18.02
CA ILE A 324 17.11 19.00 18.47
C ILE A 324 17.95 19.63 17.34
N PRO A 325 18.93 18.87 16.79
CA PRO A 325 19.70 19.49 15.70
C PRO A 325 18.90 19.77 14.41
N GLU A 326 17.75 19.10 14.24
CA GLU A 326 16.82 19.42 13.11
C GLU A 326 16.19 20.81 13.27
N LEU A 327 15.49 21.03 14.39
CA LEU A 327 14.99 22.36 14.74
C LEU A 327 16.04 23.48 14.59
N MET A 328 17.26 23.25 15.11
CA MET A 328 18.37 24.17 14.90
C MET A 328 18.61 24.38 13.44
N ARG A 329 18.89 23.30 12.71
CA ARG A 329 19.09 23.39 11.27
C ARG A 329 17.96 24.16 10.63
N ILE A 330 16.70 23.78 10.90
CA ILE A 330 15.62 24.55 10.30
C ILE A 330 15.81 26.03 10.62
N PHE A 331 15.91 26.34 11.91
CA PHE A 331 16.08 27.74 12.36
C PHE A 331 17.23 28.51 11.73
N VAL A 332 18.42 27.92 11.71
CA VAL A 332 19.63 28.58 11.23
C VAL A 332 19.69 28.50 9.69
N ASP A 333 19.85 27.31 9.14
CA ASP A 333 19.97 27.11 7.70
C ASP A 333 18.81 27.69 6.89
N ILE A 334 17.57 27.49 7.34
CA ILE A 334 16.40 27.87 6.56
C ILE A 334 15.75 29.13 7.13
N GLU A 335 15.44 29.19 8.41
CA GLU A 335 14.81 30.41 8.88
C GLU A 335 15.76 31.60 9.07
N LYS A 336 17.06 31.37 8.90
CA LYS A 336 18.09 32.42 9.02
C LYS A 336 18.19 33.16 10.34
N LEU A 337 17.54 32.66 11.39
CA LEU A 337 17.74 33.18 12.74
C LEU A 337 19.16 32.95 13.25
N PRO A 338 19.68 33.89 14.05
CA PRO A 338 20.98 33.79 14.72
C PRO A 338 21.11 32.51 15.55
N TRP A 339 22.28 31.88 15.53
CA TRP A 339 22.46 30.66 16.35
C TRP A 339 21.96 30.85 17.78
N SER A 340 22.41 31.91 18.46
CA SER A 340 22.10 32.10 19.87
C SER A 340 20.59 32.05 20.19
N LYS A 341 19.81 32.67 19.31
CA LYS A 341 18.35 32.80 19.46
C LYS A 341 17.73 31.46 19.16
N ALA A 342 18.00 30.98 17.95
CA ALA A 342 17.64 29.64 17.52
C ALA A 342 17.92 28.61 18.62
N TRP A 343 18.98 28.81 19.40
CA TRP A 343 19.33 27.88 20.48
C TRP A 343 18.50 28.09 21.74
N GLU A 344 18.26 29.35 22.10
CA GLU A 344 17.43 29.66 23.27
C GLU A 344 16.03 29.06 23.09
N LEU A 345 15.58 29.03 21.84
CA LEU A 345 14.23 28.60 21.50
C LEU A 345 14.09 27.10 21.59
N THR A 346 15.15 26.39 21.20
CA THR A 346 15.14 24.94 21.19
C THR A 346 15.00 24.47 22.62
N GLN A 347 15.92 24.85 23.50
CA GLN A 347 15.85 24.36 24.87
C GLN A 347 14.48 24.61 25.47
N LYS A 348 13.84 25.68 25.04
CA LYS A 348 12.56 26.05 25.58
C LYS A 348 11.44 25.16 25.01
N THR A 349 11.58 24.73 23.77
CA THR A 349 10.61 23.86 23.11
C THR A 349 10.59 22.41 23.61
N PHE A 350 11.78 21.83 23.71
CA PHE A 350 11.93 20.38 23.91
C PHE A 350 12.01 19.99 25.36
N ALA A 351 11.66 18.74 25.58
CA ALA A 351 11.81 18.12 26.87
C ALA A 351 12.08 16.63 26.61
N TYR A 352 12.82 16.04 27.52
CA TYR A 352 13.38 14.72 27.32
C TYR A 352 12.96 13.81 28.46
N THR A 353 12.44 12.63 28.11
CA THR A 353 12.12 11.61 29.10
C THR A 353 13.04 10.43 28.94
N ASN A 354 13.94 10.27 29.92
CA ASN A 354 14.85 9.17 29.96
C ASN A 354 14.07 7.96 30.45
N HIS A 355 14.15 6.84 29.71
CA HIS A 355 13.42 5.62 30.08
C HIS A 355 14.28 4.41 30.44
N THR A 356 15.59 4.55 30.54
CA THR A 356 16.40 3.35 30.62
C THR A 356 17.75 3.56 31.26
N VAL A 357 18.27 2.51 31.89
CA VAL A 357 19.60 2.58 32.47
C VAL A 357 20.60 1.52 32.00
N LEU A 358 20.18 0.52 31.24
CA LEU A 358 21.14 -0.50 30.79
C LEU A 358 22.15 0.07 29.76
N PRO A 359 23.47 0.07 30.10
CA PRO A 359 24.51 0.58 29.17
C PRO A 359 24.25 0.23 27.68
N GLU A 360 23.94 -1.04 27.43
CA GLU A 360 23.57 -1.61 26.12
C GLU A 360 22.24 -1.11 25.46
N ALA A 361 21.40 -0.39 26.22
CA ALA A 361 20.17 0.19 25.70
C ALA A 361 20.32 1.66 25.29
N LEU A 362 21.42 2.29 25.71
CA LEU A 362 21.74 3.68 25.35
C LEU A 362 22.11 3.79 23.88
N GLU A 363 21.46 4.74 23.22
CA GLU A 363 21.67 5.00 21.81
C GLU A 363 22.93 5.79 21.68
N ARG A 364 23.82 5.28 20.84
CA ARG A 364 25.13 5.86 20.67
C ARG A 364 25.62 5.59 19.25
N TRP A 365 25.42 6.60 18.41
CA TRP A 365 25.61 6.49 16.97
C TRP A 365 27.03 6.78 16.50
N PRO A 366 27.61 5.85 15.75
CA PRO A 366 28.89 6.11 15.11
C PRO A 366 28.91 7.41 14.31
N VAL A 367 29.85 8.32 14.57
CA VAL A 367 29.92 9.55 13.76
C VAL A 367 30.00 9.21 12.28
N ASP A 368 30.70 8.12 11.95
CA ASP A 368 30.88 7.70 10.54
C ASP A 368 29.57 7.60 9.80
N LEU A 369 28.64 6.94 10.46
CA LEU A 369 27.34 6.73 9.94
C LEU A 369 26.59 8.05 9.87
N VAL A 370 26.65 8.83 10.95
CA VAL A 370 25.88 10.05 10.99
C VAL A 370 26.44 10.98 9.94
N GLU A 371 27.77 10.93 9.72
CA GLU A 371 28.41 11.82 8.73
C GLU A 371 28.02 11.52 7.30
N LYS A 372 27.85 10.22 7.03
CA LYS A 372 27.35 9.77 5.75
C LYS A 372 25.91 10.19 5.55
N LEU A 373 25.07 9.96 6.55
CA LEU A 373 23.65 10.08 6.35
C LEU A 373 23.10 11.50 6.55
N LEU A 374 23.62 12.18 7.57
CA LEU A 374 23.17 13.50 7.97
C LEU A 374 24.41 14.42 8.17
N PRO A 375 25.18 14.67 7.08
CA PRO A 375 26.40 15.45 7.25
C PRO A 375 26.16 16.82 7.87
N ARG A 376 25.05 17.50 7.53
CA ARG A 376 24.74 18.76 8.20
C ARG A 376 24.47 18.61 9.71
N HIS A 377 23.81 17.51 10.07
CA HIS A 377 23.44 17.27 11.46
C HIS A 377 24.66 16.97 12.32
N LEU A 378 25.62 16.26 11.75
CA LEU A 378 26.89 16.04 12.42
C LEU A 378 27.47 17.39 12.83
N GLU A 379 27.59 18.31 11.88
CA GLU A 379 28.13 19.64 12.15
C GLU A 379 27.37 20.35 13.25
N ILE A 380 26.06 20.43 13.10
CA ILE A 380 25.27 21.12 14.10
C ILE A 380 25.54 20.55 15.51
N ILE A 381 25.72 19.23 15.60
CA ILE A 381 26.02 18.56 16.88
C ILE A 381 27.39 18.97 17.43
N TYR A 382 28.45 18.89 16.60
CA TYR A 382 29.78 19.43 16.92
C TYR A 382 29.64 20.83 17.45
N GLU A 383 29.12 21.70 16.59
CA GLU A 383 28.85 23.08 16.92
C GLU A 383 28.13 23.20 18.29
N ILE A 384 27.16 22.33 18.57
CA ILE A 384 26.54 22.33 19.91
C ILE A 384 27.52 21.93 21.02
N ASN A 385 28.18 20.77 20.83
CA ASN A 385 29.16 20.25 21.79
C ASN A 385 30.20 21.31 22.12
N GLN A 386 30.81 21.89 21.09
CA GLN A 386 31.72 23.01 21.23
C GLN A 386 31.17 24.00 22.23
N LYS A 387 30.02 24.59 21.92
CA LYS A 387 29.46 25.65 22.74
C LYS A 387 29.17 25.16 24.12
N HIS A 388 28.66 23.93 24.21
CA HIS A 388 28.56 23.19 25.46
C HIS A 388 29.89 23.19 26.23
N LEU A 389 30.84 22.41 25.73
CA LEU A 389 32.19 22.25 26.31
C LEU A 389 32.89 23.56 26.68
N ASP A 390 32.63 24.62 25.90
CA ASP A 390 33.25 25.90 26.19
C ASP A 390 32.86 26.30 27.57
N ARG A 391 31.55 26.40 27.83
CA ARG A 391 31.12 26.89 29.14
C ARG A 391 31.38 25.95 30.31
N ILE A 392 31.97 24.78 30.07
CA ILE A 392 32.39 23.96 31.20
C ILE A 392 33.77 24.37 31.63
N VAL A 393 34.60 24.71 30.65
CA VAL A 393 35.89 25.33 30.89
C VAL A 393 35.81 26.65 31.71
N ALA A 394 34.81 27.50 31.43
CA ALA A 394 34.63 28.73 32.18
C ALA A 394 34.47 28.50 33.70
N LEU A 395 33.83 27.37 34.05
CA LEU A 395 33.54 27.03 35.46
C LEU A 395 34.47 25.92 36.02
N PHE A 396 35.15 25.17 35.17
CA PHE A 396 35.97 24.07 35.68
C PHE A 396 37.30 24.00 34.99
N PRO A 397 38.08 25.09 35.07
CA PRO A 397 39.20 25.28 34.17
C PRO A 397 40.32 24.26 34.33
N LYS A 398 40.23 23.37 35.31
CA LYS A 398 41.25 22.33 35.48
C LYS A 398 40.70 20.92 35.47
N ASP A 399 39.40 20.76 35.23
CA ASP A 399 38.83 19.43 35.30
C ASP A 399 38.88 18.75 33.94
N VAL A 400 40.07 18.29 33.56
CA VAL A 400 40.28 17.80 32.20
C VAL A 400 39.39 16.59 31.92
N ASP A 401 39.13 15.82 32.97
CA ASP A 401 38.33 14.63 32.82
C ASP A 401 36.82 14.95 32.66
N ARG A 402 36.37 15.97 33.38
CA ARG A 402 34.97 16.40 33.37
C ARG A 402 34.49 16.57 31.95
N LEU A 403 35.31 17.23 31.14
CA LEU A 403 35.00 17.42 29.75
C LEU A 403 34.69 16.08 29.08
N ARG A 404 35.62 15.11 29.08
CA ARG A 404 35.31 13.90 28.28
C ARG A 404 34.10 13.18 28.86
N ARG A 405 33.93 13.30 30.16
CA ARG A 405 32.78 12.78 30.87
C ARG A 405 31.42 13.45 30.49
N MET A 406 31.48 14.68 29.94
CA MET A 406 30.28 15.51 29.57
C MET A 406 30.14 15.87 28.07
N SER A 407 31.14 15.52 27.26
CA SER A 407 31.08 15.80 25.82
C SER A 407 30.01 14.92 25.23
N LEU A 408 29.45 15.35 24.10
CA LEU A 408 28.41 14.58 23.43
C LEU A 408 29.06 13.46 22.62
N ILE A 409 30.38 13.55 22.49
CA ILE A 409 31.12 12.65 21.63
C ILE A 409 32.01 11.79 22.49
N GLU A 410 31.79 10.47 22.40
CA GLU A 410 32.67 9.47 22.97
C GLU A 410 33.75 9.12 21.94
N GLU A 411 34.99 9.32 22.37
CA GLU A 411 36.14 9.45 21.47
C GLU A 411 37.02 8.20 21.18
N GLU A 412 36.74 7.05 21.82
CA GLU A 412 37.47 5.77 21.54
C GLU A 412 37.30 5.21 20.12
N GLY A 413 38.42 4.74 19.54
CA GLY A 413 38.46 4.15 18.18
C GLY A 413 37.66 4.88 17.10
N SER A 414 36.44 4.39 16.86
CA SER A 414 35.46 5.06 16.00
C SER A 414 34.44 5.74 16.89
N LYS A 415 34.52 7.07 16.93
CA LYS A 415 33.76 7.89 17.87
C LYS A 415 32.25 7.69 17.75
N ARG A 416 31.55 7.80 18.89
CA ARG A 416 30.08 7.74 18.89
C ARG A 416 29.42 9.02 19.47
N ILE A 417 28.14 9.22 19.15
CA ILE A 417 27.41 10.38 19.67
C ILE A 417 26.54 9.92 20.82
N ASN A 418 26.78 10.47 22.01
CA ASN A 418 25.98 10.13 23.18
C ASN A 418 24.65 10.89 23.11
N MET A 419 23.64 10.25 22.52
CA MET A 419 22.35 10.91 22.28
C MET A 419 21.66 11.36 23.57
N ALA A 420 21.92 10.68 24.69
CA ALA A 420 21.31 11.11 25.94
C ALA A 420 21.78 12.50 26.35
N HIS A 421 23.09 12.71 26.23
CA HIS A 421 23.71 13.97 26.59
C HIS A 421 23.17 15.07 25.69
N LEU A 422 23.19 14.83 24.38
CA LEU A 422 22.51 15.71 23.40
C LEU A 422 21.12 16.19 23.88
N CYS A 423 20.26 15.24 24.25
CA CYS A 423 18.89 15.57 24.67
C CYS A 423 18.89 16.43 25.91
N ILE A 424 19.90 16.23 26.77
CA ILE A 424 19.99 16.98 28.02
C ILE A 424 20.35 18.43 27.76
N VAL A 425 21.29 18.64 26.84
CA VAL A 425 21.76 19.99 26.60
C VAL A 425 20.66 20.75 25.87
N GLY A 426 19.87 20.04 25.05
CA GLY A 426 18.87 20.67 24.19
C GLY A 426 17.45 20.76 24.70
N SER A 427 17.20 20.46 25.98
CA SER A 427 15.84 20.51 26.58
C SER A 427 15.83 21.22 27.88
N HIS A 428 14.72 21.88 28.16
CA HIS A 428 14.58 22.59 29.43
C HIS A 428 14.30 21.68 30.63
N ALA A 429 13.75 20.49 30.36
CA ALA A 429 13.46 19.53 31.41
C ALA A 429 13.86 18.12 30.96
N VAL A 430 14.55 17.41 31.88
CA VAL A 430 14.86 15.97 31.77
C VAL A 430 14.18 15.26 32.93
N ASN A 431 13.38 14.25 32.65
CA ASN A 431 12.69 13.54 33.74
C ASN A 431 12.83 12.03 33.63
N GLY A 432 12.69 11.35 34.76
CA GLY A 432 12.75 9.89 34.84
C GLY A 432 11.32 9.42 35.05
N VAL A 433 11.11 8.12 35.13
CA VAL A 433 9.73 7.59 35.08
C VAL A 433 9.14 7.00 36.39
N ALA A 434 9.95 6.99 37.45
CA ALA A 434 9.54 6.63 38.83
C ALA A 434 10.56 7.21 39.81
N LYS A 435 10.15 7.39 41.07
CA LYS A 435 10.98 8.07 42.12
C LYS A 435 12.43 7.55 42.18
N ILE A 436 12.54 6.23 42.26
CA ILE A 436 13.82 5.57 42.35
C ILE A 436 14.63 5.80 41.07
N HIS A 437 13.96 5.76 39.91
CA HIS A 437 14.58 5.88 38.59
C HIS A 437 15.13 7.29 38.41
N SER A 438 14.22 8.25 38.60
CA SER A 438 14.53 9.67 38.45
C SER A 438 15.61 10.05 39.42
N ASP A 439 15.46 9.63 40.67
CA ASP A 439 16.50 9.88 41.67
C ASP A 439 17.88 9.41 41.20
N ILE A 440 17.95 8.21 40.65
CA ILE A 440 19.20 7.63 40.21
C ILE A 440 19.73 8.33 38.95
N VAL A 441 18.79 8.71 38.08
CA VAL A 441 19.10 9.48 36.87
C VAL A 441 19.74 10.81 37.29
N LYS A 442 19.23 11.43 38.34
CA LYS A 442 19.65 12.77 38.71
C LYS A 442 21.00 12.76 39.44
N THR A 443 21.09 11.93 40.47
CA THR A 443 22.19 12.00 41.41
C THR A 443 23.36 11.15 40.98
N LYS A 444 23.09 10.06 40.25
CA LYS A 444 24.16 9.16 39.80
C LYS A 444 24.47 9.30 38.31
N VAL A 445 23.61 8.74 37.45
CA VAL A 445 23.91 8.65 36.00
C VAL A 445 24.33 9.96 35.34
N PHE A 446 23.70 11.09 35.69
CA PHE A 446 24.02 12.38 35.08
C PHE A 446 24.31 13.43 36.13
N LYS A 447 25.11 13.06 37.13
CA LYS A 447 25.48 13.95 38.23
C LYS A 447 26.21 15.21 37.72
N ASP A 448 27.16 15.01 36.80
CA ASP A 448 27.92 16.08 36.16
C ASP A 448 27.02 17.20 35.63
N PHE A 449 25.83 16.82 35.17
CA PHE A 449 24.88 17.72 34.51
C PHE A 449 23.91 18.35 35.52
N SER A 450 23.30 17.50 36.33
CA SER A 450 22.26 17.88 37.29
C SER A 450 22.78 18.86 38.33
N GLU A 451 24.06 18.70 38.68
CA GLU A 451 24.73 19.61 39.58
C GLU A 451 24.68 21.04 39.10
N LEU A 452 24.66 21.23 37.79
CA LEU A 452 24.73 22.57 37.18
C LEU A 452 23.36 23.27 37.05
N GLU A 453 22.32 22.48 36.79
CA GLU A 453 20.95 22.97 36.73
C GLU A 453 20.14 21.92 37.46
N PRO A 454 20.13 22.02 38.80
CA PRO A 454 19.44 20.97 39.56
C PRO A 454 17.99 20.92 39.11
N ASP A 455 17.42 22.10 38.91
CA ASP A 455 16.01 22.21 38.58
C ASP A 455 15.61 21.59 37.24
N LYS A 456 16.56 21.42 36.31
CA LYS A 456 16.28 20.70 35.06
C LYS A 456 15.68 19.31 35.30
N PHE A 457 16.27 18.55 36.21
CA PHE A 457 15.90 17.15 36.36
C PHE A 457 14.70 17.00 37.25
N GLN A 458 13.73 16.24 36.79
CA GLN A 458 12.58 15.93 37.62
C GLN A 458 12.14 14.49 37.54
N ASN A 459 11.17 14.16 38.37
CA ASN A 459 10.53 12.90 38.29
C ASN A 459 9.13 13.11 37.77
N LYS A 460 8.68 12.14 36.97
CA LYS A 460 7.27 12.08 36.59
C LYS A 460 6.98 10.61 36.58
N THR A 461 6.30 10.13 37.63
CA THR A 461 5.98 8.70 37.82
C THR A 461 4.93 8.21 36.81
N ASN A 462 5.28 7.13 36.10
CA ASN A 462 4.37 6.47 35.16
C ASN A 462 2.98 6.13 35.71
N GLY A 463 2.05 5.94 34.77
CA GLY A 463 0.70 5.51 35.07
C GLY A 463 0.09 4.84 33.84
N ILE A 464 -1.11 4.29 34.00
CA ILE A 464 -1.81 3.66 32.91
C ILE A 464 -3.19 4.28 32.80
N THR A 465 -3.89 4.06 31.67
CA THR A 465 -5.23 4.62 31.58
C THR A 465 -6.27 3.65 32.17
N PRO A 466 -7.11 4.16 33.08
CA PRO A 466 -8.14 3.34 33.77
C PRO A 466 -9.30 3.07 32.82
N ARG A 467 -9.14 3.50 31.57
CA ARG A 467 -10.10 3.22 30.52
C ARG A 467 -9.80 1.88 29.86
N ARG A 468 -8.74 1.76 29.06
CA ARG A 468 -8.43 0.44 28.50
C ARG A 468 -8.24 -0.59 29.63
N TRP A 469 -7.53 -0.18 30.67
CA TRP A 469 -7.04 -1.12 31.68
C TRP A 469 -7.99 -1.30 32.89
N LEU A 470 -9.14 -0.62 32.87
CA LEU A 470 -10.21 -0.96 33.80
C LEU A 470 -11.59 -1.21 33.17
N LEU A 471 -12.28 -0.14 32.74
CA LEU A 471 -13.63 -0.32 32.17
C LEU A 471 -13.63 -1.32 31.01
N LEU A 472 -12.58 -1.32 30.18
CA LEU A 472 -12.59 -2.14 28.97
C LEU A 472 -12.43 -3.64 29.25
N CYS A 473 -11.25 -3.97 29.77
CA CYS A 473 -10.77 -5.34 29.95
C CYS A 473 -11.45 -6.05 31.11
N ASN A 474 -11.80 -5.28 32.12
CA ASN A 474 -12.39 -5.86 33.30
C ASN A 474 -13.74 -5.18 33.62
N PRO A 475 -14.79 -5.43 32.79
CA PRO A 475 -16.07 -4.73 32.99
C PRO A 475 -16.71 -5.16 34.31
N GLY A 476 -16.45 -6.42 34.70
CA GLY A 476 -16.87 -7.01 35.98
C GLY A 476 -16.42 -6.15 37.14
N LEU A 477 -15.10 -6.01 37.30
CA LEU A 477 -14.57 -5.21 38.40
C LEU A 477 -15.09 -3.77 38.38
N ALA A 478 -15.08 -3.13 37.23
CA ALA A 478 -15.55 -1.76 37.17
C ALA A 478 -17.03 -1.66 37.53
N GLU A 479 -17.84 -2.61 37.04
CA GLU A 479 -19.25 -2.66 37.38
C GLU A 479 -19.33 -2.63 38.89
N LEU A 480 -18.74 -3.65 39.53
CA LEU A 480 -18.77 -3.75 40.99
C LEU A 480 -18.35 -2.46 41.70
N ILE A 481 -17.25 -1.84 41.26
CA ILE A 481 -16.79 -0.62 41.94
C ILE A 481 -17.79 0.52 41.81
N ALA A 482 -18.36 0.63 40.61
CA ALA A 482 -19.31 1.69 40.34
C ALA A 482 -20.52 1.52 41.25
N GLU A 483 -20.99 0.28 41.40
CA GLU A 483 -22.14 0.01 42.28
C GLU A 483 -21.85 0.57 43.66
N LYS A 484 -20.64 0.35 44.15
CA LYS A 484 -20.31 0.74 45.50
C LYS A 484 -20.01 2.20 45.67
N ILE A 485 -19.31 2.83 44.73
CA ILE A 485 -18.84 4.22 44.96
C ILE A 485 -19.16 5.28 43.90
N GLY A 486 -20.16 5.03 43.06
CA GLY A 486 -20.43 5.94 41.95
C GLY A 486 -19.45 5.68 40.84
N GLU A 487 -19.67 6.30 39.69
CA GLU A 487 -18.84 6.00 38.54
C GLU A 487 -17.90 7.13 38.18
N ASP A 488 -17.65 8.02 39.13
CA ASP A 488 -16.73 9.13 38.94
C ASP A 488 -15.25 8.76 39.14
N TYR A 489 -14.97 7.52 39.51
CA TYR A 489 -13.60 7.08 39.72
C TYR A 489 -12.90 6.93 38.37
N VAL A 490 -13.71 6.83 37.33
CA VAL A 490 -13.18 6.64 36.00
C VAL A 490 -12.47 7.90 35.46
N LYS A 491 -12.92 9.08 35.89
CA LYS A 491 -12.27 10.34 35.56
C LYS A 491 -11.34 10.88 36.66
N ASP A 492 -11.56 10.47 37.90
CA ASP A 492 -10.59 10.75 38.98
C ASP A 492 -10.33 9.46 39.79
N LEU A 493 -9.21 8.84 39.47
CA LEU A 493 -8.96 7.50 39.99
C LEU A 493 -8.83 7.53 41.50
N SER A 494 -8.17 8.56 42.03
CA SER A 494 -7.86 8.66 43.46
C SER A 494 -9.09 8.39 44.29
N GLN A 495 -10.26 8.51 43.68
CA GLN A 495 -11.51 8.16 44.35
C GLN A 495 -11.62 6.69 44.73
N LEU A 496 -10.68 5.87 44.28
CA LEU A 496 -10.61 4.48 44.71
C LEU A 496 -10.39 4.35 46.24
N THR A 497 -9.70 5.32 46.87
CA THR A 497 -9.59 5.34 48.34
C THR A 497 -10.92 5.04 49.02
N LYS A 498 -12.01 5.57 48.47
CA LYS A 498 -13.35 5.34 48.98
C LYS A 498 -13.65 3.88 49.25
N LEU A 499 -13.11 2.98 48.43
CA LEU A 499 -13.36 1.54 48.58
C LEU A 499 -12.82 0.96 49.91
N HIS A 500 -12.20 1.83 50.71
CA HIS A 500 -11.72 1.49 52.05
C HIS A 500 -12.84 1.21 53.03
N SER A 501 -13.91 2.01 52.93
CA SER A 501 -15.11 1.79 53.71
C SER A 501 -15.47 0.32 53.70
N PHE A 502 -15.09 -0.37 52.63
CA PHE A 502 -15.53 -1.73 52.42
C PHE A 502 -14.65 -2.84 53.02
N LEU A 503 -13.60 -2.44 53.73
CA LEU A 503 -12.74 -3.41 54.43
C LEU A 503 -13.49 -4.26 55.48
N GLY A 504 -14.46 -3.64 56.15
CA GLY A 504 -15.41 -4.36 56.99
C GLY A 504 -16.20 -5.41 56.22
N ASP A 505 -16.79 -5.02 55.09
CA ASP A 505 -17.85 -5.77 54.37
C ASP A 505 -17.43 -7.13 53.78
N ASP A 506 -17.95 -8.23 54.31
CA ASP A 506 -17.68 -9.57 53.73
C ASP A 506 -18.56 -9.87 52.52
N VAL A 507 -19.76 -9.30 52.52
CA VAL A 507 -20.65 -9.36 51.39
C VAL A 507 -19.83 -8.86 50.22
N PHE A 508 -19.27 -7.66 50.41
CA PHE A 508 -18.35 -7.06 49.43
C PHE A 508 -17.19 -8.00 49.16
N LEU A 509 -16.36 -8.27 50.16
CA LEU A 509 -15.20 -9.10 49.95
C LEU A 509 -15.48 -10.36 49.10
N ARG A 510 -16.65 -10.96 49.30
N ARG A 510 -16.63 -11.00 49.29
CA ARG A 510 -17.07 -12.17 48.58
CA ARG A 510 -16.96 -12.19 48.49
C ARG A 510 -17.50 -11.81 47.14
C ARG A 510 -17.40 -11.78 47.08
N GLU A 511 -18.07 -10.62 46.98
CA GLU A 511 -18.48 -10.08 45.67
C GLU A 511 -17.26 -9.80 44.79
N LEU A 512 -16.22 -9.21 45.40
CA LEU A 512 -14.95 -8.95 44.74
C LEU A 512 -14.27 -10.25 44.32
N ALA A 513 -14.32 -11.26 45.17
CA ALA A 513 -13.74 -12.59 44.87
C ALA A 513 -14.47 -13.28 43.71
N LYS A 514 -15.78 -13.05 43.66
CA LYS A 514 -16.67 -13.53 42.60
C LYS A 514 -16.09 -13.10 41.26
N VAL A 515 -15.95 -11.78 41.12
CA VAL A 515 -15.50 -11.13 39.89
C VAL A 515 -14.20 -11.77 39.38
N LYS A 516 -13.21 -11.84 40.27
CA LYS A 516 -11.92 -12.42 39.95
C LYS A 516 -12.06 -13.90 39.56
N GLN A 517 -13.01 -14.60 40.16
CA GLN A 517 -13.23 -16.00 39.83
C GLN A 517 -13.81 -16.13 38.42
N GLU A 518 -14.84 -15.33 38.15
CA GLU A 518 -15.45 -15.19 36.79
C GLU A 518 -14.48 -14.96 35.63
N ASN A 519 -13.43 -14.17 35.89
CA ASN A 519 -12.40 -13.87 34.92
C ASN A 519 -11.50 -15.09 34.70
N LYS A 520 -11.11 -15.74 35.80
CA LYS A 520 -10.29 -16.95 35.70
C LYS A 520 -11.05 -18.04 34.99
N LEU A 521 -12.38 -17.99 35.02
CA LEU A 521 -13.19 -18.96 34.27
C LEU A 521 -13.19 -18.69 32.77
N LYS A 522 -13.68 -17.50 32.36
CA LYS A 522 -13.57 -17.03 30.96
C LYS A 522 -12.19 -17.43 30.48
N PHE A 523 -11.19 -16.87 31.15
CA PHE A 523 -9.83 -17.06 30.74
C PHE A 523 -9.43 -18.53 30.66
N SER A 524 -9.92 -19.35 31.60
CA SER A 524 -9.57 -20.79 31.62
C SER A 524 -10.09 -21.54 30.41
N GLN A 525 -11.26 -21.11 29.91
CA GLN A 525 -11.86 -21.71 28.72
C GLN A 525 -11.03 -21.43 27.46
N PHE A 526 -10.63 -20.17 27.29
CA PHE A 526 -9.74 -19.80 26.22
C PHE A 526 -8.44 -20.59 26.38
N LEU A 527 -7.89 -20.59 27.58
CA LEU A 527 -6.61 -21.24 27.79
C LEU A 527 -6.56 -22.71 27.39
N GLU A 528 -7.56 -23.51 27.79
CA GLU A 528 -7.53 -24.96 27.47
C GLU A 528 -7.85 -25.22 26.00
N THR A 529 -8.65 -24.33 25.41
CA THR A 529 -9.00 -24.44 23.97
C THR A 529 -7.82 -24.01 23.05
N GLU A 530 -6.71 -23.57 23.67
CA GLU A 530 -5.45 -23.32 22.97
C GLU A 530 -4.49 -24.48 23.16
N TYR A 531 -3.92 -24.61 24.36
CA TYR A 531 -2.89 -25.61 24.70
C TYR A 531 -3.43 -26.96 25.24
N LYS A 532 -2.67 -28.04 24.96
CA LYS A 532 -2.87 -29.38 25.56
C LYS A 532 -2.43 -29.33 27.02
N VAL A 533 -3.43 -29.12 27.88
CA VAL A 533 -3.23 -28.85 29.32
C VAL A 533 -4.57 -28.78 30.04
N LYS A 534 -4.66 -29.52 31.15
CA LYS A 534 -5.87 -29.54 31.98
C LYS A 534 -5.74 -28.45 33.09
N ILE A 535 -6.42 -27.31 32.88
CA ILE A 535 -6.36 -26.14 33.79
C ILE A 535 -7.26 -26.26 35.04
N ASN A 536 -6.65 -26.04 36.21
CA ASN A 536 -7.38 -26.06 37.45
C ASN A 536 -7.91 -24.66 37.77
N PRO A 537 -9.20 -24.40 37.50
CA PRO A 537 -9.68 -23.01 37.47
C PRO A 537 -9.78 -22.30 38.81
N SER A 538 -9.42 -22.96 39.91
CA SER A 538 -9.42 -22.27 41.20
C SER A 538 -8.06 -22.33 41.86
N SER A 539 -7.09 -22.87 41.14
CA SER A 539 -5.69 -22.73 41.54
C SER A 539 -5.25 -21.24 41.46
N MET A 540 -4.15 -20.91 42.14
CA MET A 540 -3.68 -19.54 42.16
C MET A 540 -3.00 -19.21 40.85
N PHE A 541 -3.56 -18.26 40.13
CA PHE A 541 -3.00 -17.81 38.83
C PHE A 541 -1.78 -16.92 39.05
N ASP A 542 -0.61 -17.50 38.79
CA ASP A 542 0.70 -16.86 38.96
C ASP A 542 1.24 -16.39 37.60
N VAL A 543 0.96 -15.11 37.33
CA VAL A 543 1.13 -14.53 35.99
C VAL A 543 2.36 -13.60 35.93
N GLN A 544 3.26 -13.88 35.00
CA GLN A 544 4.34 -12.96 34.70
C GLN A 544 4.35 -12.65 33.21
N VAL A 545 4.04 -11.42 32.80
CA VAL A 545 3.98 -11.11 31.39
C VAL A 545 4.59 -9.75 31.10
N LYS A 546 5.44 -9.75 30.09
CA LYS A 546 6.36 -8.66 29.78
C LYS A 546 7.34 -9.24 28.80
N ARG A 547 8.08 -8.38 28.10
CA ARG A 547 9.10 -8.83 27.15
C ARG A 547 10.15 -9.65 27.88
N ILE A 548 10.60 -10.71 27.20
CA ILE A 548 11.57 -11.66 27.75
C ILE A 548 12.95 -11.03 27.86
N HIS A 549 13.44 -10.93 29.08
CA HIS A 549 14.68 -10.21 29.36
C HIS A 549 15.41 -10.84 30.51
N GLU A 550 16.74 -10.95 30.37
CA GLU A 550 17.59 -11.39 31.48
C GLU A 550 17.34 -10.51 32.70
N TYR A 551 17.08 -9.23 32.46
CA TYR A 551 16.95 -8.26 33.52
C TYR A 551 15.63 -8.37 34.24
N LYS A 552 14.60 -8.82 33.52
CA LYS A 552 13.24 -8.83 34.06
C LYS A 552 13.14 -10.14 34.78
N ARG A 553 14.12 -11.00 34.53
CA ARG A 553 14.36 -12.22 35.32
C ARG A 553 13.28 -13.34 35.33
N GLN A 554 12.59 -13.51 34.20
CA GLN A 554 11.74 -14.69 33.93
C GLN A 554 12.46 -15.99 34.26
N LEU A 555 13.78 -16.00 34.12
CA LEU A 555 14.58 -17.14 34.58
C LEU A 555 14.34 -17.38 36.09
N LEU A 556 14.63 -16.38 36.93
CA LEU A 556 14.41 -16.52 38.36
C LEU A 556 13.03 -17.10 38.65
N ASN A 557 12.07 -16.85 37.76
CA ASN A 557 10.75 -17.43 37.91
C ASN A 557 10.76 -18.90 37.55
N CYS A 558 11.44 -19.23 36.45
CA CYS A 558 11.54 -20.60 35.97
C CYS A 558 12.16 -21.52 37.02
N LEU A 559 13.29 -21.11 37.59
CA LEU A 559 13.92 -21.75 38.75
C LEU A 559 12.97 -22.02 39.90
N HIS A 560 12.07 -21.07 40.18
CA HIS A 560 11.07 -21.27 41.24
C HIS A 560 10.06 -22.32 40.81
N VAL A 561 9.77 -22.39 39.52
CA VAL A 561 8.79 -23.35 39.01
C VAL A 561 9.31 -24.78 39.15
N ILE A 562 10.52 -25.04 38.68
CA ILE A 562 11.23 -26.31 38.94
C ILE A 562 11.21 -26.67 40.43
N THR A 563 11.84 -25.83 41.26
CA THR A 563 11.73 -25.93 42.72
C THR A 563 10.39 -26.54 43.17
N MET A 564 9.29 -25.86 42.84
CA MET A 564 7.97 -26.34 43.18
C MET A 564 7.71 -27.76 42.67
N TYR A 565 8.01 -28.01 41.40
CA TYR A 565 7.78 -29.33 40.84
C TYR A 565 8.59 -30.39 41.60
N ASN A 566 9.87 -30.11 41.82
CA ASN A 566 10.72 -30.95 42.66
C ASN A 566 10.20 -31.18 44.10
N ARG A 567 9.22 -30.39 44.54
CA ARG A 567 8.67 -30.54 45.88
C ARG A 567 7.38 -31.36 45.88
N ILE A 568 6.93 -31.77 44.70
CA ILE A 568 5.88 -32.77 44.59
C ILE A 568 6.55 -34.13 44.30
N LYS A 569 7.58 -34.13 43.44
CA LYS A 569 8.32 -35.36 43.17
C LYS A 569 8.92 -35.94 44.46
N LYS A 570 9.37 -35.08 45.37
CA LYS A 570 9.92 -35.51 46.65
C LYS A 570 8.85 -36.01 47.62
N ASP A 571 7.64 -35.46 47.53
CA ASP A 571 6.64 -35.74 48.55
C ASP A 571 5.20 -35.64 48.03
N PRO A 572 4.79 -36.59 47.14
CA PRO A 572 3.53 -36.47 46.40
C PRO A 572 2.28 -36.41 47.26
N LYS A 573 2.44 -36.57 48.57
CA LYS A 573 1.28 -36.61 49.50
C LYS A 573 1.33 -35.54 50.62
N LYS A 574 2.13 -34.49 50.40
CA LYS A 574 2.17 -33.30 51.27
C LYS A 574 1.32 -32.19 50.63
N LEU A 575 0.70 -31.33 51.45
CA LEU A 575 -0.22 -30.28 50.94
C LEU A 575 0.43 -29.19 50.06
N PHE A 576 0.02 -29.12 48.80
CA PHE A 576 0.51 -28.12 47.83
C PHE A 576 -0.63 -27.13 47.47
N VAL A 577 -0.42 -25.84 47.75
CA VAL A 577 -1.35 -24.81 47.30
C VAL A 577 -1.24 -24.75 45.77
N PRO A 578 -2.35 -25.09 45.07
CA PRO A 578 -2.25 -25.38 43.64
C PRO A 578 -2.20 -24.10 42.81
N ARG A 579 -1.37 -24.07 41.78
CA ARG A 579 -1.27 -22.87 40.97
C ARG A 579 -1.02 -23.07 39.48
N THR A 580 -1.74 -22.30 38.68
CA THR A 580 -1.39 -22.16 37.29
C THR A 580 -0.32 -21.07 37.17
N VAL A 581 0.85 -21.47 36.69
CA VAL A 581 1.89 -20.51 36.38
C VAL A 581 1.86 -20.20 34.89
N ILE A 582 1.66 -18.92 34.59
CA ILE A 582 1.63 -18.40 33.24
C ILE A 582 2.76 -17.40 33.08
N ILE A 583 3.67 -17.69 32.14
CA ILE A 583 4.73 -16.74 31.72
C ILE A 583 4.67 -16.48 30.21
N GLY A 584 4.48 -15.20 29.83
CA GLY A 584 4.42 -14.79 28.43
C GLY A 584 5.27 -13.57 28.12
N GLY A 585 5.59 -13.44 26.83
CA GLY A 585 6.38 -12.35 26.32
C GLY A 585 7.11 -12.72 25.04
N LYS A 586 7.45 -11.70 24.27
CA LYS A 586 8.21 -11.87 23.05
C LYS A 586 9.71 -11.61 23.28
N ALA A 587 10.55 -12.44 22.68
CA ALA A 587 11.98 -12.25 22.78
C ALA A 587 12.42 -11.51 21.51
N ALA A 588 13.31 -10.53 21.63
CA ALA A 588 13.86 -9.92 20.42
C ALA A 588 14.44 -11.02 19.50
N PRO A 589 14.15 -10.96 18.20
CA PRO A 589 14.69 -12.00 17.34
C PRO A 589 16.19 -12.25 17.52
N GLY A 590 16.97 -11.17 17.69
CA GLY A 590 18.44 -11.26 17.79
C GLY A 590 18.98 -11.60 19.18
N TYR A 591 18.10 -11.82 20.16
CA TYR A 591 18.51 -11.94 21.57
C TYR A 591 18.58 -13.40 22.01
N HIS A 592 19.80 -13.94 21.98
CA HIS A 592 19.95 -15.38 22.12
C HIS A 592 19.57 -15.92 23.52
N MET A 593 19.98 -15.23 24.59
CA MET A 593 19.68 -15.74 25.89
C MET A 593 18.19 -15.87 26.12
N ALA A 594 17.47 -14.83 25.73
CA ALA A 594 16.01 -14.80 25.91
C ALA A 594 15.30 -15.91 25.12
N LYS A 595 15.77 -16.19 23.91
CA LYS A 595 15.24 -17.33 23.15
C LYS A 595 15.40 -18.69 23.89
N MET A 596 16.56 -18.92 24.52
CA MET A 596 16.84 -20.15 25.29
C MET A 596 15.98 -20.17 26.51
N ILE A 597 15.87 -19.00 27.13
CA ILE A 597 15.09 -18.90 28.34
C ILE A 597 13.62 -19.31 28.11
N ILE A 598 13.08 -18.94 26.94
CA ILE A 598 11.73 -19.36 26.51
C ILE A 598 11.73 -20.87 26.34
N LYS A 599 12.66 -21.35 25.48
CA LYS A 599 12.83 -22.78 25.26
C LYS A 599 12.79 -23.57 26.58
N LEU A 600 13.54 -23.11 27.57
CA LEU A 600 13.53 -23.70 28.89
C LEU A 600 12.12 -23.79 29.49
N ILE A 601 11.51 -22.64 29.78
CA ILE A 601 10.14 -22.57 30.26
C ILE A 601 9.16 -23.52 29.54
N THR A 602 9.37 -23.77 28.26
CA THR A 602 8.49 -24.70 27.53
C THR A 602 8.85 -26.18 27.79
N SER A 603 10.16 -26.44 27.92
CA SER A 603 10.66 -27.76 28.31
C SER A 603 10.12 -28.10 29.69
N VAL A 604 10.46 -27.25 30.66
CA VAL A 604 9.91 -27.35 32.00
C VAL A 604 8.41 -27.54 31.89
N ALA A 605 7.76 -26.79 31.00
CA ALA A 605 6.32 -26.91 30.88
C ALA A 605 5.94 -28.33 30.50
N ASP A 606 6.70 -28.94 29.60
CA ASP A 606 6.33 -30.27 29.10
C ASP A 606 6.60 -31.39 30.05
N VAL A 607 7.62 -31.25 30.88
CA VAL A 607 7.87 -32.19 31.93
C VAL A 607 6.75 -32.11 33.00
N VAL A 608 6.44 -30.89 33.46
CA VAL A 608 5.56 -30.68 34.61
C VAL A 608 4.08 -31.03 34.35
N ASN A 609 3.60 -30.74 33.16
CA ASN A 609 2.17 -30.94 32.89
C ASN A 609 1.89 -32.40 32.59
N ASN A 610 2.94 -33.22 32.60
CA ASN A 610 2.80 -34.63 32.22
C ASN A 610 3.38 -35.63 33.23
N ASP A 611 3.61 -35.12 34.43
CA ASP A 611 3.82 -35.95 35.57
C ASP A 611 2.44 -36.14 36.21
N PRO A 612 1.84 -37.35 36.04
CA PRO A 612 0.47 -37.56 36.57
C PRO A 612 0.42 -37.41 38.09
N MET A 613 1.59 -37.57 38.72
CA MET A 613 1.77 -37.36 40.14
C MET A 613 1.49 -35.94 40.57
N VAL A 614 2.07 -34.99 39.84
CA VAL A 614 1.78 -33.56 40.02
C VAL A 614 0.31 -33.27 39.67
N GLY A 615 -0.19 -33.93 38.61
CA GLY A 615 -1.60 -33.87 38.28
C GLY A 615 -2.07 -32.44 38.23
N SER A 616 -3.06 -32.10 39.05
CA SER A 616 -3.69 -30.78 38.98
C SER A 616 -3.14 -29.77 40.00
N LYS A 617 -2.08 -30.16 40.68
CA LYS A 617 -1.50 -29.27 41.70
C LYS A 617 -0.70 -28.11 41.08
N LEU A 618 -0.17 -28.30 39.87
CA LEU A 618 0.69 -27.28 39.23
C LEU A 618 0.80 -27.34 37.68
N LYS A 619 0.03 -26.49 36.99
CA LYS A 619 0.13 -26.35 35.54
C LYS A 619 1.04 -25.17 35.13
N VAL A 620 1.88 -25.39 34.13
CA VAL A 620 2.77 -24.33 33.62
C VAL A 620 2.47 -24.02 32.14
N ILE A 621 2.11 -22.77 31.86
CA ILE A 621 1.73 -22.35 30.51
C ILE A 621 2.61 -21.21 30.02
N PHE A 622 3.34 -21.42 28.92
CA PHE A 622 3.95 -20.28 28.21
C PHE A 622 2.96 -19.67 27.19
N LEU A 623 2.65 -18.39 27.44
CA LEU A 623 1.57 -17.66 26.75
C LEU A 623 2.08 -17.03 25.44
N GLU A 624 1.83 -17.74 24.33
CA GLU A 624 2.20 -17.34 22.97
C GLU A 624 1.63 -15.96 22.64
N ASN A 625 2.50 -15.12 22.06
CA ASN A 625 2.09 -13.88 21.43
C ASN A 625 1.48 -12.84 22.38
N TYR A 626 2.14 -12.58 23.52
CA TYR A 626 1.71 -11.49 24.40
C TYR A 626 1.78 -10.16 23.67
N ARG A 627 0.67 -9.42 23.78
CA ARG A 627 0.43 -8.13 23.13
C ARG A 627 -0.77 -7.44 23.84
N VAL A 628 -1.07 -6.19 23.49
CA VAL A 628 -2.06 -5.42 24.23
C VAL A 628 -3.38 -6.12 24.48
N SER A 629 -4.07 -6.58 23.43
CA SER A 629 -5.39 -7.21 23.63
C SER A 629 -5.31 -8.54 24.39
N LEU A 630 -4.15 -9.20 24.33
CA LEU A 630 -3.96 -10.39 25.15
C LEU A 630 -3.81 -10.05 26.64
N ALA A 631 -3.01 -9.02 26.91
CA ALA A 631 -2.83 -8.42 28.22
C ALA A 631 -4.17 -8.02 28.85
N GLU A 632 -5.07 -7.46 28.05
CA GLU A 632 -6.43 -7.13 28.50
C GLU A 632 -7.24 -8.37 28.97
N LYS A 633 -6.77 -9.58 28.62
CA LYS A 633 -7.50 -10.77 29.01
C LYS A 633 -6.89 -11.43 30.23
N VAL A 634 -5.57 -11.59 30.22
CA VAL A 634 -4.89 -12.31 31.27
C VAL A 634 -4.81 -11.53 32.58
N ILE A 635 -4.61 -10.23 32.49
CA ILE A 635 -4.46 -9.40 33.70
C ILE A 635 -5.69 -9.49 34.62
N PRO A 636 -6.90 -9.20 34.11
CA PRO A 636 -8.07 -9.26 34.97
C PRO A 636 -8.28 -10.66 35.58
N ALA A 637 -7.57 -11.65 35.05
CA ALA A 637 -7.70 -13.04 35.48
C ALA A 637 -6.53 -13.46 36.37
N THR A 638 -5.81 -12.50 36.93
CA THR A 638 -4.58 -12.79 37.70
C THR A 638 -4.72 -12.63 39.24
N ASP A 639 -4.08 -13.55 39.98
CA ASP A 639 -4.00 -13.46 41.46
C ASP A 639 -2.64 -12.92 41.93
N LEU A 640 -1.57 -13.44 41.35
CA LEU A 640 -0.21 -13.01 41.68
C LEU A 640 0.61 -12.50 40.47
N SER A 641 1.10 -11.29 40.62
CA SER A 641 1.75 -10.57 39.57
C SER A 641 3.24 -10.62 39.82
N GLU A 642 3.99 -11.24 38.92
CA GLU A 642 5.42 -11.34 39.04
C GLU A 642 6.07 -10.06 38.52
N GLN A 643 6.59 -9.26 39.45
CA GLN A 643 7.44 -8.12 39.14
C GLN A 643 8.75 -8.31 39.87
N ILE A 644 9.71 -8.98 39.23
CA ILE A 644 10.88 -9.53 39.91
C ILE A 644 12.22 -9.16 39.23
N SER A 645 12.34 -7.90 38.83
CA SER A 645 13.57 -7.42 38.20
C SER A 645 14.64 -7.12 39.26
N THR A 646 15.89 -7.44 38.97
CA THR A 646 16.99 -7.01 39.83
C THR A 646 16.86 -5.53 40.19
N ALA A 647 16.91 -5.22 41.48
CA ALA A 647 16.80 -3.84 41.97
C ALA A 647 17.67 -2.93 41.10
N GLY A 648 17.01 -1.93 40.49
CA GLY A 648 17.70 -0.85 39.81
C GLY A 648 17.65 -0.99 38.32
N THR A 649 16.94 -2.01 37.85
CA THR A 649 16.90 -2.30 36.41
C THR A 649 15.64 -1.86 35.70
N GLU A 650 14.50 -1.99 36.37
CA GLU A 650 13.20 -1.59 35.78
C GLU A 650 13.03 -0.16 36.15
N ALA A 651 13.04 0.70 35.16
CA ALA A 651 12.95 2.12 35.49
C ALA A 651 11.62 2.40 36.18
N SER A 652 10.55 1.73 35.76
CA SER A 652 9.28 1.98 36.36
C SER A 652 8.42 0.76 36.46
N GLY A 653 8.20 0.13 35.31
CA GLY A 653 7.12 -0.81 35.13
C GLY A 653 5.81 -0.07 34.88
N THR A 654 4.95 -0.71 34.10
CA THR A 654 3.53 -0.34 33.92
C THR A 654 2.63 -1.58 33.95
N GLY A 655 3.18 -2.76 33.62
CA GLY A 655 2.44 -4.01 33.90
C GLY A 655 2.03 -4.08 35.37
N ASN A 656 3.02 -3.90 36.24
CA ASN A 656 2.79 -3.84 37.67
C ASN A 656 1.52 -3.10 38.05
N MET A 657 1.37 -1.88 37.51
CA MET A 657 0.22 -1.04 37.81
C MET A 657 -1.09 -1.64 37.29
N LYS A 658 -1.04 -2.30 36.15
CA LYS A 658 -2.24 -2.82 35.56
C LYS A 658 -2.78 -3.92 36.46
N PHE A 659 -1.91 -4.82 36.88
CA PHE A 659 -2.23 -5.91 37.79
C PHE A 659 -2.70 -5.37 39.14
N MET A 660 -2.19 -4.21 39.59
CA MET A 660 -2.62 -3.65 40.86
C MET A 660 -4.06 -3.25 40.75
N LEU A 661 -4.35 -2.52 39.68
CA LEU A 661 -5.68 -2.01 39.36
C LEU A 661 -6.73 -3.12 39.23
N ASN A 662 -6.27 -4.29 38.77
CA ASN A 662 -7.15 -5.39 38.37
C ASN A 662 -7.29 -6.53 39.37
N GLY A 663 -6.88 -6.29 40.61
CA GLY A 663 -7.22 -7.18 41.72
C GLY A 663 -6.29 -8.37 41.96
N ALA A 664 -5.01 -8.20 41.58
CA ALA A 664 -3.96 -9.15 41.91
C ALA A 664 -3.01 -8.55 42.97
N LEU A 665 -2.22 -9.40 43.64
CA LEU A 665 -1.24 -8.96 44.60
C LEU A 665 0.09 -9.17 43.96
N THR A 666 1.06 -8.40 44.44
CA THR A 666 2.33 -8.32 43.78
C THR A 666 3.37 -9.09 44.54
N ILE A 667 4.14 -9.88 43.80
CA ILE A 667 5.39 -10.35 44.33
C ILE A 667 6.48 -9.69 43.52
N GLY A 668 7.31 -8.92 44.18
CA GLY A 668 8.35 -8.19 43.49
C GLY A 668 9.41 -7.56 44.36
N THR A 669 10.50 -7.18 43.72
CA THR A 669 11.59 -6.45 44.37
C THR A 669 11.31 -4.94 44.55
N MET A 670 12.16 -4.28 45.33
CA MET A 670 12.11 -2.83 45.52
C MET A 670 12.70 -2.14 44.27
N ASP A 671 11.99 -2.28 43.13
CA ASP A 671 12.40 -1.71 41.84
C ASP A 671 11.29 -0.89 41.24
N GLY A 672 11.66 0.12 40.47
CA GLY A 672 10.71 0.97 39.76
C GLY A 672 9.55 1.43 40.60
N ALA A 673 8.38 1.52 39.98
CA ALA A 673 7.15 1.95 40.65
C ALA A 673 6.62 0.96 41.70
N ASN A 674 7.21 -0.23 41.73
CA ASN A 674 6.97 -1.20 42.81
C ASN A 674 7.09 -0.51 44.15
N VAL A 675 8.24 0.13 44.33
CA VAL A 675 8.52 1.01 45.46
C VAL A 675 7.36 1.93 45.75
N GLU A 676 6.85 2.57 44.71
CA GLU A 676 5.72 3.47 44.88
C GLU A 676 4.36 2.76 45.06
N MET A 677 4.19 1.54 44.57
CA MET A 677 2.93 0.85 44.86
C MET A 677 2.88 0.47 46.33
N ALA A 678 4.04 -0.02 46.81
CA ALA A 678 4.30 -0.33 48.23
C ALA A 678 4.05 0.89 49.13
N GLU A 679 4.82 1.95 48.90
CA GLU A 679 4.46 3.27 49.38
C GLU A 679 2.96 3.54 49.55
N GLU A 680 2.19 3.28 48.50
CA GLU A 680 0.76 3.65 48.44
C GLU A 680 -0.16 2.73 49.21
N ALA A 681 0.04 1.42 49.05
CA ALA A 681 -0.86 0.44 49.65
C ALA A 681 -0.46 0.03 51.08
N GLY A 682 0.74 0.43 51.48
CA GLY A 682 1.40 -0.14 52.62
C GLY A 682 2.27 -1.29 52.11
N GLU A 683 3.53 -1.31 52.56
CA GLU A 683 4.51 -2.35 52.22
C GLU A 683 4.16 -3.77 52.72
N GLU A 684 3.37 -3.88 53.79
CA GLU A 684 2.89 -5.18 54.27
C GLU A 684 1.83 -5.72 53.36
N ASN A 685 1.33 -4.86 52.46
CA ASN A 685 0.29 -5.20 51.51
C ASN A 685 0.79 -5.63 50.13
N LEU A 686 2.10 -5.73 50.02
CA LEU A 686 2.74 -6.30 48.85
C LEU A 686 3.76 -7.31 49.33
N PHE A 687 4.16 -8.25 48.49
CA PHE A 687 5.23 -9.14 48.85
C PHE A 687 6.58 -8.66 48.37
N ILE A 688 7.18 -7.69 49.07
CA ILE A 688 8.54 -7.24 48.73
C ILE A 688 9.61 -8.26 49.19
N PHE A 689 10.67 -8.43 48.41
CA PHE A 689 11.71 -9.38 48.76
C PHE A 689 13.02 -9.06 48.10
N GLY A 690 14.09 -9.69 48.60
CA GLY A 690 15.39 -9.70 47.95
C GLY A 690 16.14 -8.39 47.98
N MET A 691 17.27 -8.36 47.28
CA MET A 691 18.23 -7.22 47.33
C MET A 691 17.65 -5.84 46.98
N ARG A 692 17.79 -4.87 47.87
CA ARG A 692 17.47 -3.51 47.53
C ARG A 692 18.60 -2.94 46.69
N ILE A 693 18.52 -1.65 46.40
CA ILE A 693 19.47 -1.02 45.48
C ILE A 693 20.92 -1.09 45.98
N ASP A 694 21.13 -0.72 47.25
CA ASP A 694 22.46 -0.76 47.91
C ASP A 694 23.02 -2.17 48.05
N ASP A 695 22.14 -3.16 48.28
CA ASP A 695 22.55 -4.55 48.33
C ASP A 695 23.23 -4.96 47.02
N VAL A 696 22.67 -4.55 45.89
CA VAL A 696 23.25 -4.87 44.59
C VAL A 696 24.55 -4.10 44.48
N ALA A 697 24.54 -2.84 44.91
CA ALA A 697 25.75 -2.01 44.96
C ALA A 697 26.88 -2.72 45.75
N ALA A 698 26.56 -3.18 46.97
CA ALA A 698 27.46 -3.92 47.88
C ALA A 698 28.05 -5.15 47.21
N LEU A 699 27.17 -6.00 46.69
CA LEU A 699 27.56 -7.26 46.11
C LEU A 699 28.52 -7.10 44.92
N ASP A 700 28.38 -5.98 44.19
CA ASP A 700 29.28 -5.67 43.07
C ASP A 700 30.69 -5.35 43.53
N LYS A 701 30.80 -4.55 44.59
CA LYS A 701 32.08 -4.14 45.19
C LYS A 701 32.72 -5.31 45.93
N LYS A 702 31.89 -6.10 46.61
CA LYS A 702 32.33 -7.34 47.22
C LYS A 702 32.69 -8.37 46.13
N GLY A 703 31.98 -8.29 45.00
CA GLY A 703 32.20 -9.19 43.83
C GLY A 703 31.19 -10.33 43.72
N TYR A 704 30.55 -10.49 42.55
CA TYR A 704 29.56 -11.57 42.41
C TYR A 704 30.21 -12.95 42.14
N GLU A 705 29.81 -13.94 42.95
CA GLU A 705 30.37 -15.30 42.92
C GLU A 705 29.27 -16.35 42.96
N ALA A 706 28.64 -16.58 41.81
CA ALA A 706 27.43 -17.40 41.69
C ALA A 706 27.44 -18.81 42.33
N LYS A 707 28.52 -19.57 42.13
CA LYS A 707 28.68 -20.95 42.66
C LYS A 707 28.40 -21.09 44.16
N GLU A 708 28.50 -19.98 44.92
CA GLU A 708 28.24 -19.96 46.37
C GLU A 708 26.84 -20.32 46.78
N TYR A 709 25.85 -19.97 45.96
CA TYR A 709 24.46 -20.22 46.32
C TYR A 709 24.10 -21.63 45.88
N TYR A 710 24.83 -22.12 44.88
CA TYR A 710 24.64 -23.46 44.37
C TYR A 710 25.15 -24.51 45.40
N GLU A 711 26.35 -24.24 45.92
CA GLU A 711 26.87 -24.96 47.07
C GLU A 711 25.98 -24.63 48.25
N ALA A 712 25.93 -23.35 48.65
CA ALA A 712 25.10 -22.92 49.80
C ALA A 712 23.64 -23.43 49.85
N LEU A 713 22.98 -23.70 48.71
CA LEU A 713 21.53 -24.02 48.75
C LEU A 713 21.12 -25.30 48.05
N PRO A 714 20.70 -26.29 48.84
CA PRO A 714 20.40 -27.64 48.37
C PRO A 714 19.27 -27.66 47.32
N GLU A 715 18.21 -26.89 47.59
CA GLU A 715 17.01 -26.90 46.76
C GLU A 715 17.26 -26.25 45.40
N LEU A 716 18.19 -25.28 45.39
CA LEU A 716 18.62 -24.64 44.17
C LEU A 716 19.44 -25.66 43.40
N LYS A 717 20.34 -26.32 44.12
CA LYS A 717 21.30 -27.27 43.57
C LYS A 717 20.66 -28.39 42.74
N LEU A 718 19.51 -28.91 43.20
CA LEU A 718 18.83 -29.94 42.44
C LEU A 718 18.45 -29.34 41.09
N VAL A 719 17.55 -28.34 41.15
CA VAL A 719 17.12 -27.51 40.01
C VAL A 719 18.22 -27.30 38.96
N ILE A 720 19.40 -26.88 39.39
CA ILE A 720 20.50 -26.61 38.45
C ILE A 720 21.08 -27.86 37.82
N ASP A 721 21.08 -28.97 38.56
CA ASP A 721 21.59 -30.23 38.03
C ASP A 721 20.65 -30.86 37.02
N GLN A 722 19.36 -30.69 37.25
CA GLN A 722 18.39 -31.23 36.35
C GLN A 722 18.59 -30.55 35.02
N ILE A 723 18.64 -29.21 35.07
CA ILE A 723 18.81 -28.37 33.87
C ILE A 723 20.04 -28.81 33.07
N ASP A 724 21.16 -28.96 33.76
CA ASP A 724 22.44 -29.11 33.11
C ASP A 724 22.68 -30.50 32.58
N ASN A 725 22.12 -31.48 33.30
CA ASN A 725 22.28 -32.90 32.96
C ASN A 725 21.18 -33.39 32.04
N GLY A 726 20.15 -32.55 31.85
CA GLY A 726 19.19 -32.78 30.80
C GLY A 726 17.89 -33.37 31.26
N PHE A 727 17.59 -33.19 32.53
CA PHE A 727 16.32 -33.63 33.06
C PHE A 727 15.20 -33.02 32.27
N PHE A 728 15.42 -31.83 31.72
CA PHE A 728 14.39 -31.13 30.95
C PHE A 728 14.58 -31.22 29.43
N SER A 729 15.75 -31.67 29.02
CA SER A 729 16.00 -32.04 27.61
C SER A 729 16.64 -33.46 27.50
N PRO A 730 15.83 -34.54 27.65
CA PRO A 730 16.42 -35.89 27.52
C PRO A 730 17.04 -36.11 26.15
N LYS A 731 16.25 -36.00 25.09
CA LYS A 731 16.76 -36.27 23.75
C LYS A 731 17.94 -35.37 23.38
N GLN A 732 18.26 -34.41 24.25
CA GLN A 732 19.45 -33.60 24.05
C GLN A 732 19.93 -32.98 25.37
N PRO A 733 20.67 -33.76 26.17
CA PRO A 733 20.99 -33.41 27.57
C PRO A 733 21.97 -32.22 27.65
N ASP A 734 22.18 -31.58 26.53
CA ASP A 734 23.24 -30.64 26.34
C ASP A 734 22.70 -29.21 26.24
N LEU A 735 21.38 -29.11 26.00
CA LEU A 735 20.67 -27.94 25.48
C LEU A 735 20.93 -26.57 26.11
N PHE A 736 20.86 -26.51 27.43
CA PHE A 736 20.96 -25.25 28.17
C PHE A 736 22.37 -24.92 28.66
N LYS A 737 23.37 -25.52 28.02
CA LYS A 737 24.77 -25.17 28.21
C LYS A 737 24.92 -23.67 28.54
N ASP A 738 24.42 -22.80 27.66
CA ASP A 738 24.75 -21.36 27.74
C ASP A 738 24.00 -20.62 28.85
N ILE A 739 22.81 -21.13 29.20
CA ILE A 739 22.03 -20.60 30.32
C ILE A 739 22.82 -20.79 31.61
N ILE A 740 23.30 -22.02 31.79
CA ILE A 740 24.09 -22.40 32.96
C ILE A 740 25.39 -21.61 32.97
N ASN A 741 26.16 -21.67 31.90
CA ASN A 741 27.38 -20.85 31.84
C ASN A 741 27.13 -19.38 32.25
N MET A 742 26.14 -18.74 31.62
CA MET A 742 25.78 -17.35 31.93
C MET A 742 25.59 -17.19 33.43
N LEU A 743 24.70 -18.02 33.99
CA LEU A 743 24.34 -17.99 35.41
C LEU A 743 25.50 -18.07 36.44
N PHE A 744 26.64 -18.67 36.08
CA PHE A 744 27.79 -18.86 37.01
C PHE A 744 28.95 -17.87 36.82
N TYR A 745 29.13 -17.34 35.61
CA TYR A 745 30.25 -16.40 35.33
C TYR A 745 29.90 -15.11 34.61
N HIS A 746 28.60 -14.80 34.45
CA HIS A 746 28.15 -13.69 33.59
C HIS A 746 26.83 -12.99 33.97
N ASP A 747 26.04 -13.61 34.83
CA ASP A 747 24.73 -13.08 35.22
C ASP A 747 24.82 -11.73 35.97
N ARG A 748 24.66 -10.64 35.21
CA ARG A 748 24.73 -9.26 35.75
C ARG A 748 23.49 -8.98 36.56
N PHE A 749 22.53 -9.89 36.53
CA PHE A 749 21.23 -9.64 37.12
C PHE A 749 20.96 -10.57 38.28
N LYS A 750 22.01 -11.34 38.62
CA LYS A 750 22.17 -12.02 39.92
C LYS A 750 20.94 -12.81 40.34
N VAL A 751 20.57 -13.77 39.49
CA VAL A 751 19.44 -14.66 39.76
C VAL A 751 19.55 -15.41 41.09
N PHE A 752 20.75 -15.96 41.34
CA PHE A 752 21.06 -16.78 42.50
C PHE A 752 21.03 -15.95 43.81
N ALA A 753 21.60 -14.75 43.76
CA ALA A 753 21.64 -13.85 44.91
C ALA A 753 20.29 -13.51 45.51
N ASP A 754 19.21 -13.70 44.74
CA ASP A 754 17.86 -13.50 45.27
C ASP A 754 17.05 -14.78 45.26
N TYR A 755 17.67 -15.89 44.82
CA TYR A 755 16.95 -17.14 44.80
C TYR A 755 16.28 -17.46 46.14
N GLU A 756 17.05 -17.37 47.23
CA GLU A 756 16.55 -17.79 48.54
C GLU A 756 15.45 -16.90 49.05
N ALA A 757 15.71 -15.59 49.08
CA ALA A 757 14.72 -14.61 49.47
C ALA A 757 13.39 -14.84 48.70
N TYR A 758 13.50 -15.00 47.38
CA TYR A 758 12.36 -15.27 46.50
C TYR A 758 11.49 -16.46 46.89
N VAL A 759 12.10 -17.65 47.05
CA VAL A 759 11.31 -18.86 47.31
C VAL A 759 10.59 -18.75 48.66
N LYS A 760 11.31 -18.32 49.69
CA LYS A 760 10.69 -18.11 50.97
C LYS A 760 9.51 -17.15 50.83
N CYS A 761 9.68 -16.15 49.96
CA CYS A 761 8.65 -15.14 49.72
C CYS A 761 7.41 -15.77 49.10
N GLN A 762 7.61 -16.53 48.03
CA GLN A 762 6.55 -17.34 47.41
C GLN A 762 5.81 -18.21 48.38
N ASP A 763 6.56 -18.81 49.30
CA ASP A 763 5.97 -19.62 50.35
C ASP A 763 4.95 -18.89 51.21
N LYS A 764 5.18 -17.60 51.48
CA LYS A 764 4.20 -16.81 52.24
C LYS A 764 2.98 -16.46 51.39
N VAL A 765 3.19 -16.25 50.08
CA VAL A 765 2.07 -15.98 49.17
C VAL A 765 1.15 -17.17 49.20
N SER A 766 1.76 -18.35 49.07
CA SER A 766 1.04 -19.62 49.12
C SER A 766 0.25 -19.75 50.44
N GLN A 767 0.93 -19.51 51.55
CA GLN A 767 0.32 -19.46 52.89
C GLN A 767 -0.93 -18.60 52.98
N LEU A 768 -0.88 -17.41 52.37
CA LEU A 768 -1.97 -16.42 52.37
C LEU A 768 -3.12 -16.78 51.42
N TYR A 769 -2.80 -17.41 50.29
CA TYR A 769 -3.80 -17.82 49.32
C TYR A 769 -4.75 -18.86 49.91
N MET A 770 -4.33 -19.51 50.99
CA MET A 770 -5.20 -20.39 51.73
C MET A 770 -6.09 -19.64 52.72
N ASN A 771 -6.00 -18.33 52.72
CA ASN A 771 -6.86 -17.54 53.56
C ASN A 771 -7.71 -16.57 52.74
N PRO A 772 -8.73 -17.09 52.01
CA PRO A 772 -9.68 -16.26 51.27
C PRO A 772 -9.90 -14.86 51.87
N LYS A 773 -10.17 -14.78 53.16
CA LYS A 773 -10.53 -13.51 53.76
C LYS A 773 -9.37 -12.49 53.81
N ALA A 774 -8.22 -12.88 54.34
CA ALA A 774 -7.07 -11.96 54.47
C ALA A 774 -6.50 -11.56 53.11
N TRP A 775 -6.52 -12.52 52.19
CA TRP A 775 -6.02 -12.34 50.82
C TRP A 775 -6.79 -11.23 50.09
N ASN A 776 -8.12 -11.34 50.13
CA ASN A 776 -8.99 -10.37 49.48
C ASN A 776 -8.95 -9.04 50.19
N THR A 777 -8.62 -9.09 51.48
CA THR A 777 -8.46 -7.87 52.25
C THR A 777 -7.18 -7.16 51.76
N MET A 778 -6.19 -7.93 51.37
CA MET A 778 -4.98 -7.35 50.81
C MET A 778 -5.25 -6.87 49.38
N VAL A 779 -6.05 -7.65 48.63
CA VAL A 779 -6.42 -7.29 47.25
C VAL A 779 -7.16 -5.98 47.24
N LEU A 780 -8.12 -5.84 48.16
CA LEU A 780 -8.85 -4.59 48.32
C LEU A 780 -7.90 -3.47 48.70
N LYS A 781 -6.93 -3.77 49.56
CA LYS A 781 -6.03 -2.74 50.01
C LYS A 781 -5.20 -2.30 48.84
N ASN A 782 -4.96 -3.21 47.90
CA ASN A 782 -4.21 -2.88 46.69
C ASN A 782 -5.02 -1.99 45.73
N ILE A 783 -6.20 -2.45 45.30
CA ILE A 783 -7.09 -1.69 44.40
C ILE A 783 -7.42 -0.29 44.90
N ALA A 784 -7.83 -0.16 46.16
CA ALA A 784 -8.22 1.13 46.73
C ALA A 784 -7.07 2.16 46.83
N ALA A 785 -5.82 1.71 46.72
CA ALA A 785 -4.67 2.60 46.82
C ALA A 785 -3.94 2.73 45.48
N SER A 786 -4.59 2.31 44.40
CA SER A 786 -3.96 2.32 43.08
C SER A 786 -4.17 3.63 42.31
N GLY A 787 -5.04 4.50 42.81
CA GLY A 787 -5.29 5.85 42.24
C GLY A 787 -4.13 6.69 41.74
N LYS A 788 -3.02 6.70 42.47
CA LYS A 788 -1.84 7.41 42.00
C LYS A 788 -1.45 6.96 40.58
N PHE A 789 -1.72 5.72 40.22
CA PHE A 789 -1.14 5.22 39.02
C PHE A 789 -1.98 5.45 37.77
N SER A 790 -3.00 6.29 37.88
CA SER A 790 -3.74 6.64 36.68
C SER A 790 -2.90 7.59 35.86
N SER A 791 -2.77 7.29 34.57
CA SER A 791 -2.04 8.17 33.64
C SER A 791 -2.61 9.60 33.62
N ASP A 792 -3.87 9.74 34.02
CA ASP A 792 -4.46 11.06 34.24
C ASP A 792 -3.63 11.88 35.22
N ARG A 793 -3.15 11.23 36.29
CA ARG A 793 -2.34 11.94 37.29
C ARG A 793 -0.96 12.23 36.71
N THR A 794 -0.41 11.27 35.98
CA THR A 794 0.88 11.49 35.38
C THR A 794 0.84 12.71 34.46
N ILE A 795 -0.24 12.82 33.68
CA ILE A 795 -0.34 13.86 32.65
C ILE A 795 -0.47 15.25 33.25
N LYS A 796 -1.29 15.43 34.29
CA LYS A 796 -1.40 16.72 35.01
C LYS A 796 -0.03 17.24 35.36
N GLU A 797 0.81 16.32 35.83
CA GLU A 797 2.11 16.67 36.28
C GLU A 797 2.98 17.19 35.14
N TYR A 798 3.03 16.50 34.00
CA TYR A 798 3.72 17.05 32.82
C TYR A 798 3.07 18.36 32.44
N ALA A 799 1.75 18.40 32.49
CA ALA A 799 1.02 19.59 32.11
C ALA A 799 1.47 20.78 32.96
N GLN A 800 1.37 20.67 34.30
CA GLN A 800 1.89 21.72 35.21
C GLN A 800 3.39 22.05 35.09
N ASN A 801 4.26 21.04 34.96
CA ASN A 801 5.66 21.26 35.31
C ASN A 801 6.65 21.12 34.20
N ILE A 802 6.17 20.64 33.06
CA ILE A 802 7.02 20.48 31.92
C ILE A 802 6.46 21.32 30.79
N TRP A 803 5.20 21.10 30.46
CA TRP A 803 4.61 21.67 29.25
C TRP A 803 3.99 23.00 29.51
N ASN A 804 3.66 23.26 30.77
CA ASN A 804 3.06 24.52 31.11
C ASN A 804 1.82 24.79 30.24
N VAL A 805 0.92 23.81 30.19
CA VAL A 805 -0.38 23.95 29.52
C VAL A 805 -1.58 23.68 30.47
N GLU A 806 -2.78 23.98 30.00
CA GLU A 806 -3.91 24.00 30.90
C GLU A 806 -5.05 23.06 30.48
N PRO A 807 -5.47 22.16 31.43
CA PRO A 807 -6.58 21.17 31.27
C PRO A 807 -7.99 21.73 30.97
N SER A 808 -8.16 22.52 29.89
CA SER A 808 -9.49 22.98 29.41
C SER A 808 -10.29 21.80 28.79
N ASP A 809 -11.49 22.07 28.27
CA ASP A 809 -12.19 21.12 27.37
C ASP A 809 -13.24 21.78 26.46
N ASN B 1 -32.19 13.01 -7.84
CA ASN B 1 -32.42 14.46 -8.04
C ASN B 1 -31.33 15.30 -7.37
N VAL B 2 -31.30 16.58 -7.73
CA VAL B 2 -30.25 17.54 -7.34
C VAL B 2 -30.04 17.66 -5.84
N ALA B 3 -31.14 17.88 -5.11
CA ALA B 3 -31.05 18.22 -3.72
C ALA B 3 -30.47 17.04 -2.94
N GLU B 4 -30.83 15.84 -3.37
CA GLU B 4 -30.32 14.64 -2.72
C GLU B 4 -28.83 14.38 -3.03
N LEU B 5 -28.42 14.59 -4.29
CA LEU B 5 -27.00 14.45 -4.66
C LEU B 5 -26.14 15.44 -3.84
N LYS B 6 -26.70 16.62 -3.60
CA LYS B 6 -26.10 17.64 -2.77
C LYS B 6 -26.05 17.19 -1.33
N LYS B 7 -27.11 16.58 -0.83
CA LYS B 7 -26.98 16.08 0.51
C LYS B 7 -26.00 14.94 0.60
N SER B 8 -25.86 14.12 -0.43
CA SER B 8 -24.90 13.00 -0.37
C SER B 8 -23.49 13.52 -0.38
N PHE B 9 -23.25 14.44 -1.30
CA PHE B 9 -21.99 15.07 -1.42
C PHE B 9 -21.49 15.56 -0.06
N ASN B 10 -22.29 16.44 0.58
CA ASN B 10 -21.89 16.97 1.88
C ASN B 10 -21.67 15.91 2.91
N ARG B 11 -22.47 14.85 2.89
CA ARG B 11 -22.32 13.78 3.85
C ARG B 11 -20.97 13.10 3.69
N HIS B 12 -20.55 12.93 2.44
CA HIS B 12 -19.27 12.28 2.20
C HIS B 12 -18.11 13.20 2.54
N LEU B 13 -18.25 14.46 2.15
CA LEU B 13 -17.25 15.43 2.48
C LEU B 13 -17.12 15.42 3.99
N HIS B 14 -18.25 15.32 4.67
CA HIS B 14 -18.25 15.43 6.11
C HIS B 14 -17.66 14.16 6.78
N PHE B 15 -18.28 13.01 6.50
CA PHE B 15 -17.93 11.74 7.14
C PHE B 15 -16.78 10.95 6.48
N THR B 16 -16.67 11.01 5.13
CA THR B 16 -15.65 10.21 4.46
C THR B 16 -14.31 10.95 4.34
N LEU B 17 -14.40 12.28 4.34
CA LEU B 17 -13.26 13.14 4.20
C LEU B 17 -12.96 13.92 5.47
N VAL B 18 -13.88 13.87 6.42
CA VAL B 18 -13.68 14.56 7.68
C VAL B 18 -13.37 16.07 7.40
N LYS B 19 -14.07 16.65 6.44
CA LYS B 19 -13.82 18.04 6.09
C LYS B 19 -15.07 18.89 6.06
N ASP B 20 -14.96 20.15 6.47
CA ASP B 20 -16.02 21.08 6.17
C ASP B 20 -15.54 22.19 5.21
N ARG B 21 -16.44 22.82 4.45
CA ARG B 21 -16.05 23.60 3.26
C ARG B 21 -14.82 24.43 3.53
N ASN B 22 -14.75 24.92 4.75
CA ASN B 22 -13.63 25.73 5.18
C ASN B 22 -12.22 25.31 4.88
N VAL B 23 -11.92 24.04 4.88
CA VAL B 23 -10.56 23.61 4.62
C VAL B 23 -10.55 22.39 3.70
N ALA B 24 -11.64 22.22 2.96
CA ALA B 24 -11.78 21.15 2.02
C ALA B 24 -10.88 21.41 0.83
N THR B 25 -10.03 20.45 0.46
CA THR B 25 -9.20 20.52 -0.77
C THR B 25 -9.97 20.14 -2.06
N THR B 26 -9.42 20.45 -3.22
CA THR B 26 -10.12 20.11 -4.46
C THR B 26 -10.25 18.60 -4.54
N ARG B 27 -9.21 17.93 -4.07
CA ARG B 27 -9.20 16.48 -3.95
C ARG B 27 -10.31 16.03 -2.99
N ASP B 28 -10.51 16.73 -1.85
CA ASP B 28 -11.58 16.36 -0.93
C ASP B 28 -12.90 16.34 -1.67
N TYR B 29 -13.17 17.41 -2.41
CA TYR B 29 -14.35 17.49 -3.25
C TYR B 29 -14.42 16.34 -4.26
N TYR B 30 -13.35 16.09 -5.03
CA TYR B 30 -13.40 14.99 -6.02
C TYR B 30 -13.87 13.70 -5.38
N PHE B 31 -13.12 13.28 -4.36
CA PHE B 31 -13.48 12.14 -3.54
C PHE B 31 -14.95 12.16 -3.11
N ALA B 32 -15.44 13.28 -2.58
CA ALA B 32 -16.80 13.33 -2.09
C ALA B 32 -17.78 13.01 -3.21
N LEU B 33 -17.54 13.61 -4.38
CA LEU B 33 -18.42 13.36 -5.53
C LEU B 33 -18.30 11.92 -6.09
N ALA B 34 -17.09 11.38 -6.15
CA ALA B 34 -16.88 9.99 -6.54
C ALA B 34 -17.70 9.05 -5.65
N HIS B 35 -17.51 9.15 -4.34
CA HIS B 35 -18.27 8.35 -3.40
C HIS B 35 -19.80 8.49 -3.61
N THR B 36 -20.28 9.72 -3.78
CA THR B 36 -21.69 9.95 -4.13
C THR B 36 -22.10 9.21 -5.42
N VAL B 37 -21.33 9.33 -6.49
CA VAL B 37 -21.65 8.63 -7.75
C VAL B 37 -21.50 7.09 -7.61
N ARG B 38 -20.41 6.65 -6.98
CA ARG B 38 -20.24 5.22 -6.76
C ARG B 38 -21.34 4.57 -5.92
N ASP B 39 -21.91 5.30 -4.97
CA ASP B 39 -22.98 4.79 -4.16
C ASP B 39 -24.19 4.46 -5.03
N HIS B 40 -24.36 5.21 -6.11
CA HIS B 40 -25.48 5.02 -7.03
C HIS B 40 -25.35 3.82 -7.97
N LEU B 41 -24.29 3.02 -7.85
CA LEU B 41 -24.28 1.78 -8.64
C LEU B 41 -24.23 0.47 -7.82
N VAL B 42 -24.17 0.60 -6.50
CA VAL B 42 -23.99 -0.55 -5.63
C VAL B 42 -25.11 -1.61 -5.79
N GLY B 43 -26.37 -1.17 -5.70
CA GLY B 43 -27.53 -2.03 -5.78
C GLY B 43 -27.58 -2.85 -7.06
N ARG B 44 -27.45 -2.17 -8.20
CA ARG B 44 -27.32 -2.84 -9.49
C ARG B 44 -26.09 -3.73 -9.54
N TRP B 45 -25.00 -3.31 -8.91
CA TRP B 45 -23.80 -4.15 -8.88
C TRP B 45 -24.08 -5.47 -8.17
N ILE B 46 -24.66 -5.42 -6.95
CA ILE B 46 -25.03 -6.64 -6.23
C ILE B 46 -26.05 -7.44 -7.07
N ARG B 47 -27.17 -6.80 -7.42
CA ARG B 47 -28.24 -7.47 -8.19
C ARG B 47 -27.79 -8.15 -9.49
N THR B 48 -26.87 -7.51 -10.22
CA THR B 48 -26.31 -8.10 -11.43
C THR B 48 -25.60 -9.40 -11.13
N GLN B 49 -24.66 -9.34 -10.19
CA GLN B 49 -23.88 -10.49 -9.81
C GLN B 49 -24.75 -11.52 -9.13
N GLN B 50 -25.73 -11.07 -8.35
CA GLN B 50 -26.69 -11.98 -7.78
C GLN B 50 -27.45 -12.74 -8.86
N HIS B 51 -27.99 -12.00 -9.83
CA HIS B 51 -28.67 -12.62 -10.95
C HIS B 51 -27.83 -13.68 -11.69
N TYR B 52 -26.54 -13.41 -11.89
CA TYR B 52 -25.64 -14.37 -12.54
C TYR B 52 -25.55 -15.67 -11.77
N TYR B 53 -25.50 -15.56 -10.45
CA TYR B 53 -25.43 -16.72 -9.59
C TYR B 53 -26.78 -17.51 -9.53
N ASP B 54 -27.90 -16.78 -9.49
N ASP B 54 -27.89 -16.78 -9.44
CA ASP B 54 -29.24 -17.38 -9.48
CA ASP B 54 -29.21 -17.39 -9.55
C ASP B 54 -29.59 -18.07 -10.83
C ASP B 54 -29.26 -18.12 -10.88
N LYS B 55 -29.43 -17.35 -11.95
CA LYS B 55 -29.75 -17.90 -13.31
C LYS B 55 -28.60 -18.60 -14.09
N CYS B 56 -27.39 -18.66 -13.54
CA CYS B 56 -26.23 -19.25 -14.23
C CYS B 56 -26.11 -19.08 -15.77
N PRO B 57 -26.12 -17.84 -16.27
CA PRO B 57 -25.86 -17.72 -17.71
C PRO B 57 -24.44 -18.13 -17.99
N LYS B 58 -24.12 -18.48 -19.24
CA LYS B 58 -22.70 -18.72 -19.55
C LYS B 58 -21.92 -17.42 -19.37
N ARG B 59 -20.87 -17.48 -18.57
CA ARG B 59 -20.04 -16.31 -18.28
C ARG B 59 -18.86 -16.19 -19.26
N VAL B 60 -18.60 -14.96 -19.69
CA VAL B 60 -17.43 -14.64 -20.51
C VAL B 60 -16.32 -14.03 -19.63
N TYR B 61 -15.13 -14.64 -19.67
CA TYR B 61 -13.98 -14.11 -18.95
C TYR B 61 -12.93 -13.55 -19.91
N TYR B 62 -12.81 -12.23 -19.95
CA TYR B 62 -11.80 -11.58 -20.78
C TYR B 62 -10.45 -11.46 -20.06
N LEU B 63 -9.46 -12.23 -20.49
CA LEU B 63 -8.19 -12.35 -19.74
C LEU B 63 -7.06 -11.60 -20.42
N SER B 64 -6.42 -10.72 -19.66
CA SER B 64 -5.53 -9.67 -20.22
C SER B 64 -4.47 -9.14 -19.24
N LEU B 65 -3.26 -8.83 -19.71
CA LEU B 65 -2.24 -8.25 -18.82
C LEU B 65 -2.37 -6.74 -18.78
N GLU B 66 -3.41 -6.22 -19.44
CA GLU B 66 -3.55 -4.80 -19.69
C GLU B 66 -5.02 -4.37 -19.78
N PHE B 67 -5.43 -3.44 -18.90
CA PHE B 67 -6.71 -2.72 -19.05
C PHE B 67 -6.48 -1.23 -18.97
N TYR B 68 -6.46 -0.60 -20.16
CA TYR B 68 -6.21 0.84 -20.38
C TYR B 68 -7.49 1.65 -20.14
N MET B 69 -7.79 1.91 -18.87
CA MET B 69 -9.13 2.31 -18.45
C MET B 69 -9.41 3.80 -18.49
N GLY B 70 -8.42 4.63 -18.19
CA GLY B 70 -8.60 6.07 -18.07
C GLY B 70 -9.33 6.40 -16.77
N ARG B 71 -9.93 7.60 -16.71
CA ARG B 71 -10.71 8.04 -15.54
C ARG B 71 -12.08 7.34 -15.51
N THR B 72 -12.61 7.11 -14.32
CA THR B 72 -13.92 6.46 -14.14
C THR B 72 -15.02 7.45 -13.85
N LEU B 73 -14.71 8.52 -13.12
CA LEU B 73 -15.78 9.35 -12.60
C LEU B 73 -16.82 9.73 -13.65
N GLN B 74 -16.39 10.52 -14.62
CA GLN B 74 -17.27 10.98 -15.67
C GLN B 74 -17.93 9.83 -16.49
N ASN B 75 -17.16 8.83 -16.91
CA ASN B 75 -17.72 7.70 -17.64
C ASN B 75 -18.85 7.02 -16.88
N THR B 76 -18.66 6.93 -15.55
CA THR B 76 -19.63 6.35 -14.67
C THR B 76 -20.91 7.18 -14.55
N MET B 77 -20.76 8.49 -14.39
CA MET B 77 -21.95 9.36 -14.33
C MET B 77 -22.78 9.18 -15.58
N ILE B 78 -22.10 9.28 -16.73
CA ILE B 78 -22.77 9.21 -18.02
C ILE B 78 -23.56 7.93 -18.10
N ASN B 79 -22.94 6.80 -17.77
CA ASN B 79 -23.62 5.54 -17.94
C ASN B 79 -24.72 5.29 -16.91
N LEU B 80 -24.81 6.14 -15.89
CA LEU B 80 -25.84 6.03 -14.86
C LEU B 80 -26.97 7.04 -15.11
N GLY B 81 -26.89 7.74 -16.23
CA GLY B 81 -27.75 8.92 -16.49
C GLY B 81 -27.63 10.01 -15.43
N LEU B 82 -26.46 10.15 -14.80
CA LEU B 82 -26.37 11.06 -13.67
C LEU B 82 -25.62 12.35 -13.93
N GLN B 83 -24.95 12.43 -15.09
CA GLN B 83 -24.03 13.52 -15.29
C GLN B 83 -24.69 14.88 -15.11
N ASN B 84 -25.79 15.14 -15.82
CA ASN B 84 -26.47 16.42 -15.71
C ASN B 84 -26.90 16.75 -14.31
N ALA B 85 -27.49 15.82 -13.60
CA ALA B 85 -27.88 16.16 -12.25
C ALA B 85 -26.65 16.48 -11.37
N CYS B 86 -25.53 15.79 -11.61
CA CYS B 86 -24.32 15.98 -10.80
C CYS B 86 -23.72 17.31 -11.13
N ASP B 87 -23.71 17.62 -12.41
CA ASP B 87 -23.23 18.87 -12.93
C ASP B 87 -23.86 20.02 -12.11
N GLU B 88 -25.18 19.97 -12.03
CA GLU B 88 -26.03 20.99 -11.43
C GLU B 88 -25.87 21.08 -9.89
N ALA B 89 -25.84 19.91 -9.26
CA ALA B 89 -25.63 19.80 -7.83
C ALA B 89 -24.29 20.44 -7.46
N ILE B 90 -23.25 20.10 -8.22
CA ILE B 90 -21.88 20.62 -8.00
C ILE B 90 -21.79 22.11 -8.29
N TYR B 91 -22.49 22.50 -9.34
CA TYR B 91 -22.58 23.89 -9.70
C TYR B 91 -23.23 24.65 -8.57
N GLN B 92 -24.36 24.16 -8.09
CA GLN B 92 -25.11 24.87 -7.06
C GLN B 92 -24.32 25.02 -5.78
N LEU B 93 -23.33 24.15 -5.55
CA LEU B 93 -22.49 24.21 -4.36
C LEU B 93 -21.27 25.13 -4.56
N GLY B 94 -21.25 25.82 -5.69
CA GLY B 94 -20.22 26.79 -5.98
C GLY B 94 -18.93 26.12 -6.37
N LEU B 95 -18.99 24.93 -6.94
CA LEU B 95 -17.78 24.26 -7.38
C LEU B 95 -17.82 24.05 -8.87
N ASP B 96 -16.68 23.69 -9.44
CA ASP B 96 -16.59 23.42 -10.85
C ASP B 96 -16.25 21.94 -11.14
N ILE B 97 -17.16 21.29 -11.85
CA ILE B 97 -17.11 19.84 -11.93
C ILE B 97 -15.88 19.42 -12.69
N GLU B 98 -15.56 20.18 -13.74
CA GLU B 98 -14.45 19.85 -14.64
C GLU B 98 -13.14 19.91 -13.86
N GLU B 99 -13.15 20.78 -12.86
CA GLU B 99 -12.03 20.97 -11.97
C GLU B 99 -11.82 19.72 -11.11
N LEU B 100 -12.91 19.21 -10.53
CA LEU B 100 -12.83 17.98 -9.69
C LEU B 100 -12.43 16.78 -10.54
N GLU B 101 -13.10 16.62 -11.68
CA GLU B 101 -12.78 15.58 -12.61
C GLU B 101 -11.27 15.54 -12.95
N GLU B 102 -10.61 16.70 -13.00
CA GLU B 102 -9.19 16.81 -13.39
C GLU B 102 -8.24 16.14 -12.40
N ILE B 103 -8.66 16.09 -11.14
CA ILE B 103 -7.94 15.44 -10.04
C ILE B 103 -7.62 13.94 -10.29
N GLU B 104 -8.54 13.22 -10.93
CA GLU B 104 -8.50 11.76 -10.98
C GLU B 104 -7.28 11.28 -11.74
N GLU B 105 -6.52 10.35 -11.16
CA GLU B 105 -5.48 9.68 -11.97
C GLU B 105 -6.10 8.76 -13.05
N ASP B 106 -5.48 8.70 -14.23
CA ASP B 106 -5.84 7.62 -15.18
C ASP B 106 -5.49 6.29 -14.55
N ALA B 107 -6.35 5.32 -14.79
CA ALA B 107 -5.93 3.96 -14.61
C ALA B 107 -5.14 3.59 -15.88
N GLY B 108 -3.87 4.00 -15.97
CA GLY B 108 -3.07 3.67 -17.15
C GLY B 108 -2.44 2.27 -17.11
N LEU B 109 -3.28 1.24 -17.00
CA LEU B 109 -2.80 -0.14 -16.86
C LEU B 109 -2.66 -0.79 -18.24
N GLY B 110 -2.11 -0.03 -19.17
CA GLY B 110 -2.17 -0.36 -20.58
C GLY B 110 -1.06 0.36 -21.32
N ASN B 111 -0.79 -0.06 -22.56
CA ASN B 111 0.22 0.57 -23.43
C ASN B 111 -0.38 1.34 -24.59
N GLY B 112 -1.49 0.83 -25.12
CA GLY B 112 -2.08 1.41 -26.29
C GLY B 112 -3.28 0.59 -26.70
N GLY B 113 -3.36 0.28 -27.99
CA GLY B 113 -4.55 -0.27 -28.61
C GLY B 113 -5.04 -1.59 -28.08
N LEU B 114 -4.10 -2.51 -27.81
CA LEU B 114 -4.39 -3.82 -27.19
C LEU B 114 -5.06 -3.68 -25.81
N GLY B 115 -4.46 -2.88 -24.93
CA GLY B 115 -5.04 -2.56 -23.62
C GLY B 115 -6.30 -1.68 -23.69
N ARG B 116 -6.45 -0.89 -24.74
CA ARG B 116 -7.61 -0.01 -24.80
C ARG B 116 -8.75 -0.78 -25.41
N LEU B 117 -8.41 -1.81 -26.17
CA LEU B 117 -9.43 -2.71 -26.70
C LEU B 117 -10.14 -3.40 -25.55
N ALA B 118 -9.36 -3.82 -24.57
CA ALA B 118 -9.92 -4.46 -23.40
C ALA B 118 -10.96 -3.54 -22.73
N ALA B 119 -10.58 -2.27 -22.57
CA ALA B 119 -11.43 -1.28 -21.90
C ALA B 119 -12.78 -1.06 -22.64
N CYS B 120 -12.72 -0.75 -23.93
CA CYS B 120 -13.93 -0.57 -24.73
C CYS B 120 -14.83 -1.79 -24.64
N PHE B 121 -14.27 -2.99 -24.85
CA PHE B 121 -15.01 -4.26 -24.74
C PHE B 121 -15.78 -4.44 -23.44
N LEU B 122 -15.21 -4.08 -22.30
CA LEU B 122 -15.93 -4.24 -21.02
C LEU B 122 -17.13 -3.32 -20.96
N ASP B 123 -16.96 -2.13 -21.51
CA ASP B 123 -18.02 -1.19 -21.51
C ASP B 123 -19.12 -1.80 -22.41
N SER B 124 -18.69 -2.33 -23.56
CA SER B 124 -19.63 -2.86 -24.51
C SER B 124 -20.40 -4.06 -23.96
N MET B 125 -19.67 -5.04 -23.41
CA MET B 125 -20.32 -6.24 -22.81
C MET B 125 -21.30 -5.92 -21.67
N ALA B 126 -20.95 -4.97 -20.80
CA ALA B 126 -21.93 -4.46 -19.82
C ALA B 126 -23.15 -3.78 -20.48
N THR B 127 -22.96 -3.06 -21.58
CA THR B 127 -24.09 -2.36 -22.21
C THR B 127 -25.06 -3.34 -22.89
N LEU B 128 -24.51 -4.36 -23.56
CA LEU B 128 -25.31 -5.50 -24.12
C LEU B 128 -25.72 -6.49 -23.05
N GLY B 129 -25.37 -6.21 -21.79
CA GLY B 129 -25.77 -7.05 -20.64
C GLY B 129 -25.40 -8.53 -20.65
N LEU B 130 -24.18 -8.83 -21.14
CA LEU B 130 -23.58 -10.17 -21.06
C LEU B 130 -23.10 -10.48 -19.65
N ALA B 131 -22.96 -11.76 -19.32
CA ALA B 131 -22.38 -12.09 -18.03
C ALA B 131 -20.83 -12.04 -18.12
N ALA B 132 -20.25 -10.84 -18.10
CA ALA B 132 -18.83 -10.76 -18.42
C ALA B 132 -17.94 -10.22 -17.31
N TYR B 133 -16.72 -10.78 -17.21
CA TYR B 133 -15.73 -10.32 -16.24
C TYR B 133 -14.41 -9.86 -16.88
N GLY B 134 -13.80 -8.80 -16.38
CA GLY B 134 -12.47 -8.46 -16.80
C GLY B 134 -11.51 -8.99 -15.78
N TYR B 135 -10.43 -9.63 -16.22
CA TYR B 135 -9.40 -10.19 -15.31
C TYR B 135 -7.97 -9.82 -15.73
N GLY B 136 -7.21 -9.20 -14.82
CA GLY B 136 -5.84 -8.78 -15.11
C GLY B 136 -5.05 -8.47 -13.84
N ILE B 137 -3.97 -7.69 -14.00
CA ILE B 137 -3.11 -7.32 -12.88
C ILE B 137 -3.39 -5.90 -12.38
N ARG B 138 -3.56 -5.75 -11.07
CA ARG B 138 -3.54 -4.44 -10.41
C ARG B 138 -2.09 -3.92 -10.25
N TYR B 139 -1.48 -3.45 -11.34
CA TYR B 139 -0.16 -2.81 -11.29
C TYR B 139 -0.16 -1.64 -10.33
N GLU B 140 0.81 -1.60 -9.42
CA GLU B 140 1.01 -0.39 -8.61
C GLU B 140 1.37 0.78 -9.52
N TYR B 141 2.12 0.50 -10.59
CA TYR B 141 2.52 1.55 -11.50
C TYR B 141 2.10 1.15 -12.86
N GLY B 142 1.21 1.98 -13.44
CA GLY B 142 0.72 1.79 -14.79
C GLY B 142 1.78 2.23 -15.76
N ILE B 143 1.39 2.50 -17.01
CA ILE B 143 2.33 3.07 -17.97
C ILE B 143 2.92 4.35 -17.33
N PHE B 144 4.25 4.51 -17.39
CA PHE B 144 4.94 5.68 -16.79
C PHE B 144 4.40 7.02 -17.29
N ASN B 145 4.49 8.05 -16.45
CA ASN B 145 4.32 9.43 -16.87
C ASN B 145 5.48 10.01 -17.66
N GLN B 146 5.14 10.69 -18.75
CA GLN B 146 6.13 11.26 -19.66
C GLN B 146 6.24 12.78 -19.50
N LYS B 147 7.39 13.23 -18.98
CA LYS B 147 7.77 14.64 -19.05
C LYS B 147 8.70 14.77 -20.25
N ILE B 148 8.75 15.97 -20.82
CA ILE B 148 9.74 16.29 -21.84
C ILE B 148 10.73 17.28 -21.24
N ARG B 149 12.02 16.94 -21.21
CA ARG B 149 13.05 17.84 -20.68
C ARG B 149 14.19 17.97 -21.67
N ASP B 150 14.34 19.20 -22.21
CA ASP B 150 15.23 19.49 -23.33
C ASP B 150 14.84 18.69 -24.56
N GLY B 151 13.56 18.73 -24.88
CA GLY B 151 13.03 18.02 -26.03
C GLY B 151 13.22 16.51 -26.02
N TRP B 152 13.58 15.96 -24.86
CA TRP B 152 13.72 14.49 -24.64
C TRP B 152 12.66 13.91 -23.69
N GLN B 153 12.01 12.81 -24.09
CA GLN B 153 11.15 12.01 -23.15
C GLN B 153 11.90 11.62 -21.90
N VAL B 154 11.22 11.80 -20.78
CA VAL B 154 11.76 11.47 -19.47
C VAL B 154 10.70 10.63 -18.69
N GLU B 155 11.10 9.50 -18.13
CA GLU B 155 10.12 8.67 -17.45
C GLU B 155 9.96 9.05 -15.98
N GLU B 156 8.71 9.16 -15.54
CA GLU B 156 8.43 9.33 -14.11
C GLU B 156 7.40 8.30 -13.71
N ALA B 157 7.64 7.61 -12.60
CA ALA B 157 6.75 6.55 -12.13
C ALA B 157 5.33 7.08 -12.07
N ASP B 158 4.40 6.30 -12.62
CA ASP B 158 3.00 6.61 -12.61
C ASP B 158 2.50 6.14 -11.27
N ASP B 159 2.58 7.02 -10.29
CA ASP B 159 2.25 6.63 -8.96
C ASP B 159 0.72 6.63 -8.72
N TRP B 160 -0.03 6.09 -9.68
CA TRP B 160 -1.51 6.32 -9.72
C TRP B 160 -2.33 6.06 -8.44
N LEU B 161 -1.83 5.22 -7.50
CA LEU B 161 -2.57 4.84 -6.25
C LEU B 161 -2.16 5.55 -4.93
N ARG B 162 -1.26 6.54 -5.02
CA ARG B 162 -0.82 7.32 -3.87
C ARG B 162 -1.93 7.77 -2.96
N TYR B 163 -2.95 8.43 -3.50
CA TYR B 163 -3.97 9.03 -2.66
C TYR B 163 -5.13 8.09 -2.40
N GLY B 164 -5.08 6.90 -3.00
CA GLY B 164 -6.15 5.93 -2.91
C GLY B 164 -6.94 5.87 -4.20
N ASN B 165 -7.81 4.86 -4.35
CA ASN B 165 -8.69 4.67 -5.50
C ASN B 165 -10.09 4.25 -5.04
N PRO B 166 -11.10 5.13 -5.21
CA PRO B 166 -12.46 4.80 -4.74
C PRO B 166 -13.24 3.99 -5.75
N TRP B 167 -12.59 3.53 -6.80
CA TRP B 167 -13.27 2.70 -7.80
C TRP B 167 -12.91 1.21 -7.72
N GLU B 168 -12.37 0.79 -6.57
CA GLU B 168 -11.97 -0.59 -6.36
C GLU B 168 -12.43 -1.01 -4.98
N LYS B 169 -12.88 -2.26 -4.85
CA LYS B 169 -13.12 -2.85 -3.54
C LYS B 169 -12.37 -4.18 -3.42
N SER B 170 -11.47 -4.26 -2.46
CA SER B 170 -10.71 -5.52 -2.26
C SER B 170 -11.67 -6.65 -1.84
N ARG B 171 -11.19 -7.88 -1.88
CA ARG B 171 -12.04 -9.02 -1.65
C ARG B 171 -11.21 -10.00 -0.83
N PRO B 172 -11.03 -9.70 0.46
CA PRO B 172 -10.20 -10.47 1.33
C PRO B 172 -10.54 -11.99 1.31
N GLU B 173 -11.82 -12.33 1.12
CA GLU B 173 -12.21 -13.74 1.09
C GLU B 173 -11.74 -14.52 -0.16
N PHE B 174 -11.39 -13.82 -1.24
CA PHE B 174 -10.99 -14.55 -2.43
C PHE B 174 -9.48 -14.61 -2.76
N MET B 175 -8.64 -14.31 -1.77
CA MET B 175 -7.20 -14.49 -1.88
C MET B 175 -6.83 -15.92 -2.22
N LEU B 176 -5.78 -16.11 -3.01
CA LEU B 176 -5.39 -17.39 -3.54
C LEU B 176 -3.90 -17.47 -3.41
N PRO B 177 -3.38 -18.70 -3.20
CA PRO B 177 -1.98 -18.95 -3.38
C PRO B 177 -1.70 -19.03 -4.89
N VAL B 178 -0.53 -18.56 -5.30
CA VAL B 178 0.01 -18.86 -6.63
C VAL B 178 1.42 -19.43 -6.39
N HIS B 179 1.78 -20.47 -7.15
CA HIS B 179 3.05 -21.19 -6.94
C HIS B 179 4.10 -20.92 -8.03
N PHE B 180 5.37 -20.91 -7.62
CA PHE B 180 6.51 -20.73 -8.54
C PHE B 180 7.67 -21.60 -8.10
N TYR B 181 8.50 -22.03 -9.06
CA TYR B 181 9.69 -22.86 -8.82
C TYR B 181 9.35 -24.27 -8.32
N GLY B 182 10.11 -24.79 -7.34
CA GLY B 182 9.85 -26.14 -6.82
C GLY B 182 10.11 -27.23 -7.84
N LYS B 183 9.54 -28.40 -7.62
CA LYS B 183 9.79 -29.54 -8.50
C LYS B 183 8.55 -30.43 -8.64
N VAL B 184 8.63 -31.37 -9.59
CA VAL B 184 7.53 -32.27 -9.91
C VAL B 184 7.82 -33.70 -9.45
N GLU B 185 6.89 -34.27 -8.70
CA GLU B 185 6.89 -35.69 -8.38
C GLU B 185 5.73 -36.31 -9.16
N HIS B 186 6.00 -37.43 -9.81
CA HIS B 186 4.92 -38.17 -10.47
C HIS B 186 4.63 -39.39 -9.60
N THR B 187 3.96 -39.13 -8.48
CA THR B 187 3.62 -40.15 -7.51
C THR B 187 2.52 -41.00 -8.08
N ASN B 188 2.12 -42.01 -7.32
CA ASN B 188 1.08 -42.95 -7.73
C ASN B 188 -0.31 -42.53 -7.27
N THR B 189 -0.49 -41.21 -7.05
CA THR B 189 -1.77 -40.54 -6.69
C THR B 189 -2.05 -39.38 -7.63
N GLY B 190 -1.25 -39.32 -8.68
CA GLY B 190 -1.26 -38.17 -9.54
C GLY B 190 0.08 -37.51 -9.40
N THR B 191 0.35 -36.63 -10.35
CA THR B 191 1.61 -35.94 -10.42
C THR B 191 1.46 -34.71 -9.52
N LYS B 192 2.51 -34.37 -8.77
CA LYS B 192 2.42 -33.33 -7.72
C LYS B 192 3.54 -32.28 -7.73
N TRP B 193 3.16 -31.00 -7.63
CA TRP B 193 4.11 -29.91 -7.75
C TRP B 193 4.45 -29.47 -6.35
N ILE B 194 5.72 -29.51 -5.98
CA ILE B 194 6.06 -29.44 -4.57
C ILE B 194 7.29 -28.58 -4.32
N ASP B 195 7.45 -28.09 -3.09
CA ASP B 195 8.58 -27.27 -2.73
C ASP B 195 8.55 -25.95 -3.48
N THR B 196 7.38 -25.39 -3.62
CA THR B 196 7.29 -24.18 -4.37
C THR B 196 7.38 -22.98 -3.43
N GLN B 197 7.66 -21.84 -4.06
CA GLN B 197 7.59 -20.53 -3.45
C GLN B 197 6.21 -20.01 -3.76
N VAL B 198 5.58 -19.39 -2.77
CA VAL B 198 4.19 -18.99 -2.86
C VAL B 198 4.08 -17.46 -2.86
N VAL B 199 3.26 -16.94 -3.77
CA VAL B 199 2.86 -15.54 -3.75
C VAL B 199 1.37 -15.59 -3.53
N LEU B 200 0.82 -14.64 -2.77
CA LEU B 200 -0.63 -14.51 -2.62
C LEU B 200 -1.21 -13.52 -3.63
N ALA B 201 -2.43 -13.81 -4.08
CA ALA B 201 -3.14 -12.95 -5.03
C ALA B 201 -4.41 -12.36 -4.40
N LEU B 202 -4.36 -11.09 -4.00
CA LEU B 202 -5.54 -10.42 -3.49
C LEU B 202 -6.36 -9.69 -4.58
N PRO B 203 -7.62 -10.10 -4.81
CA PRO B 203 -8.38 -9.44 -5.91
C PRO B 203 -9.08 -8.13 -5.54
N TYR B 204 -9.13 -7.18 -6.49
CA TYR B 204 -9.94 -5.93 -6.37
C TYR B 204 -10.97 -5.81 -7.48
N ASP B 205 -12.22 -5.58 -7.06
CA ASP B 205 -13.33 -5.49 -7.99
C ASP B 205 -13.61 -4.05 -8.31
N THR B 206 -13.76 -3.77 -9.60
CA THR B 206 -14.12 -2.46 -10.08
C THR B 206 -15.43 -2.60 -10.84
N PRO B 207 -16.39 -1.68 -10.61
CA PRO B 207 -17.67 -1.72 -11.31
C PRO B 207 -17.57 -1.35 -12.81
N VAL B 208 -18.09 -2.20 -13.69
CA VAL B 208 -18.23 -1.87 -15.10
C VAL B 208 -19.71 -1.59 -15.38
N PRO B 209 -20.11 -0.30 -15.27
CA PRO B 209 -21.53 0.00 -15.49
C PRO B 209 -21.87 -0.05 -16.98
N GLY B 210 -23.03 -0.61 -17.31
CA GLY B 210 -23.57 -0.61 -18.66
C GLY B 210 -24.14 0.75 -18.95
N TYR B 211 -24.29 1.07 -20.23
CA TYR B 211 -24.92 2.33 -20.62
C TYR B 211 -26.44 2.23 -20.49
N MET B 212 -26.97 2.91 -19.48
CA MET B 212 -28.40 2.99 -19.23
C MET B 212 -29.14 1.67 -19.26
N ASN B 213 -28.63 0.70 -18.52
CA ASN B 213 -29.40 -0.51 -18.26
C ASN B 213 -29.32 -0.86 -16.74
N ASN B 214 -29.44 -2.13 -16.38
CA ASN B 214 -29.38 -2.43 -14.96
C ASN B 214 -28.15 -3.27 -14.60
N THR B 215 -27.27 -3.40 -15.60
CA THR B 215 -26.05 -4.19 -15.48
C THR B 215 -24.88 -3.42 -14.96
N VAL B 216 -24.25 -3.99 -13.94
CA VAL B 216 -22.94 -3.54 -13.55
C VAL B 216 -22.13 -4.81 -13.37
N ASN B 217 -21.24 -5.05 -14.34
CA ASN B 217 -20.30 -6.17 -14.30
C ASN B 217 -19.04 -5.85 -13.54
N THR B 218 -18.11 -6.78 -13.56
CA THR B 218 -16.94 -6.64 -12.72
C THR B 218 -15.64 -6.72 -13.49
N MET B 219 -14.70 -5.86 -13.09
CA MET B 219 -13.31 -6.03 -13.43
C MET B 219 -12.53 -6.32 -12.17
N ARG B 220 -11.92 -7.51 -12.17
CA ARG B 220 -11.17 -8.01 -11.02
C ARG B 220 -9.70 -8.09 -11.36
N LEU B 221 -8.98 -7.18 -10.71
CA LEU B 221 -7.55 -7.09 -10.93
C LEU B 221 -6.92 -7.71 -9.70
N TRP B 222 -5.84 -8.47 -9.89
CA TRP B 222 -5.19 -9.18 -8.76
C TRP B 222 -4.01 -8.38 -8.22
N SER B 223 -3.73 -8.48 -6.93
CA SER B 223 -2.49 -7.89 -6.37
C SER B 223 -1.59 -8.89 -5.69
N ALA B 224 -0.28 -8.74 -5.85
CA ALA B 224 0.72 -9.62 -5.22
C ALA B 224 0.97 -9.33 -3.72
N ARG B 225 0.86 -10.38 -2.89
CA ARG B 225 1.22 -10.31 -1.44
C ARG B 225 2.12 -11.47 -1.02
N ALA B 226 3.03 -11.22 -0.08
CA ALA B 226 3.86 -12.26 0.54
C ALA B 226 3.01 -13.14 1.44
N PRO B 227 3.38 -14.43 1.64
CA PRO B 227 2.61 -15.26 2.57
C PRO B 227 3.11 -15.09 4.00
N ASN B 228 2.47 -15.78 4.97
CA ASN B 228 3.07 -15.98 6.33
C ASN B 228 3.46 -17.47 6.60
N ASP B 229 4.73 -17.80 6.30
CA ASP B 229 5.22 -19.18 5.97
C ASP B 229 4.95 -19.69 4.50
N PHE B 230 6.00 -19.73 3.65
CA PHE B 230 5.87 -19.99 2.18
C PHE B 230 5.49 -21.44 1.85
N ASP B 239 18.78 -12.83 9.75
CA ASP B 239 18.30 -11.50 10.12
C ASP B 239 16.80 -11.31 9.86
N TYR B 240 16.09 -10.95 10.94
CA TYR B 240 14.65 -10.71 10.94
C TYR B 240 14.22 -9.47 10.09
N ILE B 241 14.89 -8.32 10.31
CA ILE B 241 14.56 -7.10 9.56
C ILE B 241 14.63 -7.33 8.05
N GLN B 242 15.78 -7.85 7.59
CA GLN B 242 16.01 -8.12 6.18
C GLN B 242 14.95 -9.08 5.61
N ALA B 243 14.58 -10.09 6.39
CA ALA B 243 13.52 -11.06 6.03
C ALA B 243 12.20 -10.35 5.71
N VAL B 244 11.84 -9.40 6.58
CA VAL B 244 10.60 -8.67 6.40
C VAL B 244 10.68 -7.75 5.17
N LEU B 245 11.85 -7.11 5.01
CA LEU B 245 12.11 -6.28 3.87
C LEU B 245 12.02 -7.15 2.65
N ASP B 246 12.45 -8.39 2.80
CA ASP B 246 12.58 -9.24 1.62
C ASP B 246 11.25 -9.60 0.96
N ARG B 247 10.17 -9.38 1.72
CA ARG B 247 8.81 -9.61 1.24
C ARG B 247 8.51 -8.76 0.01
N ASN B 248 9.31 -7.71 -0.17
CA ASN B 248 9.32 -6.93 -1.41
C ASN B 248 9.37 -7.76 -2.68
N LEU B 249 10.18 -8.82 -2.69
CA LEU B 249 10.37 -9.60 -3.90
C LEU B 249 9.08 -10.28 -4.38
N ALA B 250 8.34 -10.97 -3.50
CA ALA B 250 6.99 -11.48 -3.85
C ALA B 250 6.04 -10.38 -4.36
N GLU B 251 5.95 -9.28 -3.65
CA GLU B 251 4.99 -8.24 -4.02
C GLU B 251 5.45 -7.49 -5.24
N ASN B 252 6.69 -7.74 -5.66
CA ASN B 252 7.18 -7.13 -6.90
C ASN B 252 6.43 -7.54 -8.16
N ILE B 253 5.64 -8.61 -8.07
CA ILE B 253 5.10 -9.21 -9.29
C ILE B 253 4.03 -8.31 -9.87
N SER B 254 3.15 -7.83 -9.02
CA SER B 254 2.16 -6.92 -9.52
C SER B 254 2.62 -5.45 -9.39
N ARG B 255 3.91 -5.18 -9.55
CA ARG B 255 4.36 -3.83 -9.23
C ARG B 255 4.25 -2.83 -10.35
N VAL B 256 4.60 -3.23 -11.56
CA VAL B 256 4.73 -2.23 -12.60
C VAL B 256 4.43 -2.83 -13.95
N LEU B 257 3.57 -2.18 -14.72
CA LEU B 257 3.27 -2.64 -16.07
C LEU B 257 4.51 -2.55 -16.98
N TYR B 258 4.81 -3.62 -17.69
CA TYR B 258 5.83 -3.53 -18.74
C TYR B 258 5.41 -2.56 -19.86
N PRO B 259 6.27 -1.59 -20.13
CA PRO B 259 5.88 -0.47 -20.94
C PRO B 259 6.21 -0.66 -22.42
N ASN B 260 6.31 -1.90 -22.89
CA ASN B 260 6.64 -2.12 -24.31
C ASN B 260 5.46 -2.17 -25.22
N ASP B 261 5.46 -1.37 -26.27
CA ASP B 261 4.41 -1.48 -27.24
C ASP B 261 4.94 -2.28 -28.41
N ASN B 262 4.29 -3.41 -28.72
CA ASN B 262 4.64 -4.23 -29.92
C ASN B 262 6.09 -4.75 -29.93
N PHE B 263 6.61 -5.09 -28.74
CA PHE B 263 7.96 -5.63 -28.60
C PHE B 263 8.01 -6.65 -27.47
N PHE B 264 8.46 -7.86 -27.78
CA PHE B 264 8.76 -8.85 -26.74
C PHE B 264 10.13 -8.68 -26.11
N GLU B 265 10.14 -8.63 -24.80
CA GLU B 265 11.33 -8.52 -24.03
C GLU B 265 11.24 -9.66 -23.01
N GLY B 266 12.03 -10.71 -23.25
CA GLY B 266 11.88 -11.94 -22.48
C GLY B 266 12.35 -11.91 -21.03
N LYS B 267 11.83 -10.96 -20.27
CA LYS B 267 12.29 -10.78 -18.89
C LYS B 267 11.61 -11.76 -17.92
N GLU B 268 12.36 -12.18 -16.89
CA GLU B 268 11.79 -13.12 -15.94
C GLU B 268 10.53 -12.61 -15.17
N LEU B 269 10.57 -11.38 -14.65
CA LEU B 269 9.44 -10.81 -13.91
C LEU B 269 8.14 -10.87 -14.72
N ARG B 270 8.30 -10.67 -16.01
CA ARG B 270 7.21 -10.64 -16.95
C ARG B 270 6.61 -12.01 -17.06
N LEU B 271 7.46 -13.04 -17.06
CA LEU B 271 6.93 -14.37 -17.11
C LEU B 271 6.11 -14.61 -15.83
N LYS B 272 6.65 -14.17 -14.68
CA LYS B 272 5.94 -14.29 -13.42
C LYS B 272 4.60 -13.55 -13.44
N GLN B 273 4.58 -12.32 -13.95
CA GLN B 273 3.33 -11.60 -14.10
C GLN B 273 2.27 -12.48 -14.85
N GLU B 274 2.73 -13.15 -15.90
CA GLU B 274 1.83 -13.82 -16.81
C GLU B 274 1.20 -15.07 -16.15
N TYR B 275 1.99 -15.81 -15.35
CA TYR B 275 1.44 -16.97 -14.68
C TYR B 275 0.51 -16.49 -13.54
N PHE B 276 1.00 -15.47 -12.83
CA PHE B 276 0.31 -14.86 -11.70
C PHE B 276 -1.13 -14.54 -12.01
N VAL B 277 -1.35 -13.76 -13.06
CA VAL B 277 -2.69 -13.38 -13.45
C VAL B 277 -3.47 -14.59 -13.97
N VAL B 278 -2.81 -15.49 -14.68
CA VAL B 278 -3.45 -16.72 -15.16
C VAL B 278 -3.87 -17.64 -14.00
N ALA B 279 -2.94 -17.90 -13.09
CA ALA B 279 -3.20 -18.85 -12.02
C ALA B 279 -4.40 -18.46 -11.12
N ALA B 280 -4.45 -17.19 -10.69
CA ALA B 280 -5.49 -16.74 -9.77
C ALA B 280 -6.84 -16.66 -10.49
N THR B 281 -6.78 -16.26 -11.75
CA THR B 281 -7.97 -16.16 -12.52
C THR B 281 -8.56 -17.56 -12.71
N LEU B 282 -7.74 -18.51 -13.14
CA LEU B 282 -8.24 -19.85 -13.35
C LEU B 282 -8.86 -20.46 -12.08
N GLN B 283 -8.26 -20.23 -10.91
CA GLN B 283 -8.86 -20.75 -9.67
C GLN B 283 -10.20 -20.11 -9.41
N ASP B 284 -10.24 -18.80 -9.35
CA ASP B 284 -11.48 -18.07 -9.26
C ASP B 284 -12.59 -18.58 -10.21
N ILE B 285 -12.25 -18.95 -11.44
CA ILE B 285 -13.26 -19.41 -12.40
C ILE B 285 -13.79 -20.81 -12.04
N ILE B 286 -12.89 -21.70 -11.70
CA ILE B 286 -13.26 -23.01 -11.26
C ILE B 286 -14.07 -22.86 -9.98
N ARG B 287 -13.52 -22.14 -9.02
CA ARG B 287 -14.23 -21.92 -7.76
C ARG B 287 -15.67 -21.50 -7.99
N ARG B 288 -15.89 -20.57 -8.93
CA ARG B 288 -17.21 -19.99 -9.15
C ARG B 288 -18.15 -20.98 -9.78
N PHE B 289 -17.63 -21.74 -10.72
CA PHE B 289 -18.39 -22.70 -11.51
C PHE B 289 -18.87 -23.81 -10.59
N LYS B 290 -17.92 -24.27 -9.76
CA LYS B 290 -18.17 -25.23 -8.68
C LYS B 290 -19.13 -24.76 -7.61
N ALA B 291 -19.14 -23.47 -7.29
CA ALA B 291 -20.04 -22.93 -6.26
C ALA B 291 -21.43 -22.68 -6.81
N SER B 292 -21.60 -22.96 -8.10
CA SER B 292 -22.85 -22.66 -8.77
C SER B 292 -23.62 -23.94 -8.95
N LYS B 293 -24.94 -23.81 -9.06
CA LYS B 293 -25.78 -24.84 -9.70
C LYS B 293 -25.02 -26.05 -10.35
N PHE B 294 -24.17 -25.81 -11.35
CA PHE B 294 -23.53 -26.89 -12.17
C PHE B 294 -22.33 -27.59 -11.53
N THR B 302 -16.15 -34.87 -13.37
CA THR B 302 -16.79 -34.38 -14.58
C THR B 302 -18.22 -33.89 -14.37
N VAL B 303 -18.45 -33.19 -13.26
CA VAL B 303 -19.52 -32.20 -13.26
C VAL B 303 -19.00 -31.17 -14.27
N PHE B 304 -17.69 -31.29 -14.50
CA PHE B 304 -16.95 -30.50 -15.47
C PHE B 304 -17.33 -30.65 -16.92
N ASP B 305 -18.27 -31.54 -17.24
CA ASP B 305 -18.70 -31.63 -18.62
C ASP B 305 -19.43 -30.38 -19.15
N ALA B 306 -19.97 -29.58 -18.23
CA ALA B 306 -20.73 -28.37 -18.55
C ALA B 306 -19.86 -27.08 -18.61
N PHE B 307 -18.65 -27.19 -18.07
CA PHE B 307 -17.69 -26.09 -18.01
C PHE B 307 -17.69 -25.24 -19.32
N PRO B 308 -17.44 -25.86 -20.49
CA PRO B 308 -17.44 -24.99 -21.65
C PRO B 308 -18.84 -24.53 -22.06
N ASP B 309 -19.89 -25.00 -21.38
CA ASP B 309 -21.21 -24.44 -21.64
C ASP B 309 -21.48 -23.31 -20.68
N GLN B 310 -20.57 -23.17 -19.74
CA GLN B 310 -20.65 -22.15 -18.72
C GLN B 310 -19.44 -21.17 -18.60
N VAL B 311 -18.41 -21.37 -19.44
CA VAL B 311 -17.17 -20.59 -19.33
C VAL B 311 -16.57 -20.32 -20.69
N ALA B 312 -16.16 -19.06 -20.90
CA ALA B 312 -15.39 -18.67 -22.09
C ALA B 312 -14.17 -17.87 -21.63
N ILE B 313 -13.00 -18.23 -22.12
CA ILE B 313 -11.84 -17.43 -21.79
C ILE B 313 -11.11 -16.91 -23.03
N GLN B 314 -11.20 -15.61 -23.25
CA GLN B 314 -10.59 -14.98 -24.37
C GLN B 314 -9.20 -14.65 -23.96
N LEU B 315 -8.24 -15.19 -24.69
CA LEU B 315 -6.83 -14.83 -24.50
C LEU B 315 -6.53 -13.55 -25.27
N ASN B 316 -6.18 -12.51 -24.51
CA ASN B 316 -5.87 -11.21 -25.08
C ASN B 316 -4.41 -11.19 -25.54
N ASP B 317 -4.22 -11.74 -26.74
CA ASP B 317 -2.90 -12.05 -27.27
C ASP B 317 -2.30 -13.20 -26.49
N THR B 318 -1.02 -13.50 -26.71
CA THR B 318 -0.42 -14.68 -26.11
C THR B 318 -0.03 -14.43 -24.66
N HIS B 319 -0.04 -13.18 -24.22
CA HIS B 319 0.36 -12.86 -22.85
C HIS B 319 -0.26 -13.79 -21.80
N PRO B 320 -1.59 -14.02 -21.85
CA PRO B 320 -2.09 -14.96 -20.85
C PRO B 320 -2.08 -16.39 -21.41
N ALA B 321 -1.02 -16.75 -22.13
CA ALA B 321 -0.91 -18.06 -22.81
C ALA B 321 -0.80 -19.25 -21.85
N LEU B 322 -0.04 -19.10 -20.79
CA LEU B 322 0.02 -20.14 -19.78
C LEU B 322 -1.39 -20.59 -19.33
N ALA B 323 -2.42 -19.76 -19.52
CA ALA B 323 -3.77 -20.22 -19.13
C ALA B 323 -4.16 -21.60 -19.69
N ILE B 324 -3.55 -22.02 -20.79
CA ILE B 324 -3.87 -23.33 -21.40
C ILE B 324 -3.22 -24.48 -20.63
N PRO B 325 -1.87 -24.53 -20.58
CA PRO B 325 -1.28 -25.52 -19.67
C PRO B 325 -1.72 -25.41 -18.19
N GLU B 326 -2.16 -24.24 -17.71
CA GLU B 326 -2.68 -24.13 -16.32
C GLU B 326 -4.02 -24.84 -16.12
N LEU B 327 -5.00 -24.56 -16.98
CA LEU B 327 -6.28 -25.28 -16.97
C LEU B 327 -6.12 -26.80 -16.99
N MET B 328 -5.32 -27.29 -17.95
CA MET B 328 -4.90 -28.69 -18.03
C MET B 328 -4.30 -29.11 -16.68
N ARG B 329 -3.25 -28.43 -16.22
CA ARG B 329 -2.71 -28.71 -14.86
C ARG B 329 -3.82 -28.91 -13.81
N ILE B 330 -4.74 -27.96 -13.73
CA ILE B 330 -5.81 -28.07 -12.77
C ILE B 330 -6.69 -29.27 -13.06
N PHE B 331 -7.13 -29.44 -14.30
CA PHE B 331 -8.03 -30.55 -14.67
C PHE B 331 -7.47 -31.96 -14.42
N VAL B 332 -6.24 -32.18 -14.85
CA VAL B 332 -5.55 -33.46 -14.63
C VAL B 332 -5.12 -33.66 -13.16
N ASP B 333 -4.26 -32.79 -12.65
CA ASP B 333 -3.61 -33.06 -11.37
C ASP B 333 -4.49 -32.94 -10.16
N ILE B 334 -5.47 -32.06 -10.20
CA ILE B 334 -6.28 -31.84 -9.02
C ILE B 334 -7.62 -32.49 -9.24
N GLU B 335 -8.27 -32.14 -10.34
CA GLU B 335 -9.59 -32.66 -10.65
C GLU B 335 -9.58 -34.13 -11.13
N LYS B 336 -8.39 -34.65 -11.43
CA LYS B 336 -8.22 -36.10 -11.70
C LYS B 336 -9.01 -36.56 -12.92
N LEU B 337 -9.14 -35.65 -13.88
CA LEU B 337 -9.73 -35.99 -15.14
C LEU B 337 -8.67 -36.63 -16.02
N PRO B 338 -9.10 -37.59 -16.87
CA PRO B 338 -8.20 -38.17 -17.84
C PRO B 338 -7.82 -37.13 -18.90
N TRP B 339 -6.52 -37.06 -19.17
CA TRP B 339 -5.96 -36.12 -20.11
C TRP B 339 -6.80 -35.83 -21.34
N SER B 340 -7.41 -36.83 -21.95
CA SER B 340 -8.13 -36.57 -23.22
C SER B 340 -9.34 -35.67 -22.97
N LYS B 341 -10.06 -35.99 -21.91
CA LYS B 341 -11.20 -35.18 -21.47
C LYS B 341 -10.76 -33.73 -21.19
N ALA B 342 -9.76 -33.59 -20.29
CA ALA B 342 -9.21 -32.29 -19.89
C ALA B 342 -8.95 -31.46 -21.13
N TRP B 343 -8.42 -32.11 -22.17
CA TRP B 343 -8.05 -31.44 -23.37
C TRP B 343 -9.23 -31.11 -24.26
N GLU B 344 -10.23 -31.99 -24.32
CA GLU B 344 -11.45 -31.68 -25.07
C GLU B 344 -11.95 -30.33 -24.48
N LEU B 345 -12.11 -30.26 -23.16
CA LEU B 345 -12.65 -29.08 -22.45
C LEU B 345 -11.82 -27.79 -22.49
N THR B 346 -10.49 -27.96 -22.41
CA THR B 346 -9.56 -26.84 -22.60
C THR B 346 -9.83 -26.19 -23.98
N GLN B 347 -9.65 -26.98 -25.03
CA GLN B 347 -9.98 -26.50 -26.38
C GLN B 347 -11.31 -25.80 -26.43
N LYS B 348 -12.31 -26.37 -25.80
CA LYS B 348 -13.62 -25.77 -25.92
C LYS B 348 -13.82 -24.51 -25.04
N THR B 349 -12.98 -24.33 -24.03
CA THR B 349 -13.06 -23.13 -23.18
C THR B 349 -12.36 -21.90 -23.78
N PHE B 350 -11.16 -22.10 -24.29
CA PHE B 350 -10.35 -20.98 -24.75
C PHE B 350 -10.61 -20.48 -26.16
N ALA B 351 -10.39 -19.18 -26.34
CA ALA B 351 -10.29 -18.55 -27.65
C ALA B 351 -9.11 -17.57 -27.66
N TYR B 352 -8.46 -17.43 -28.80
CA TYR B 352 -7.22 -16.65 -28.89
C TYR B 352 -7.40 -15.47 -29.83
N THR B 353 -7.00 -14.28 -29.38
CA THR B 353 -7.04 -13.10 -30.23
C THR B 353 -5.61 -12.72 -30.58
N ASN B 354 -5.28 -12.80 -31.88
CA ASN B 354 -3.98 -12.36 -32.39
C ASN B 354 -3.94 -10.88 -32.84
N HIS B 355 -3.01 -10.11 -32.28
CA HIS B 355 -2.89 -8.69 -32.55
C HIS B 355 -1.51 -8.39 -33.07
N THR B 356 -0.62 -9.36 -32.94
CA THR B 356 0.80 -9.07 -33.15
C THR B 356 1.16 -9.29 -34.63
N VAL B 357 2.07 -8.44 -35.10
CA VAL B 357 2.44 -8.46 -36.52
C VAL B 357 3.95 -8.71 -36.74
N LEU B 358 4.82 -8.00 -36.05
CA LEU B 358 6.24 -8.05 -36.42
C LEU B 358 7.02 -9.06 -35.62
N PRO B 359 7.96 -9.76 -36.29
CA PRO B 359 8.85 -10.70 -35.61
C PRO B 359 9.17 -10.37 -34.12
N GLU B 360 9.56 -9.12 -33.81
CA GLU B 360 10.04 -8.77 -32.46
C GLU B 360 8.94 -8.67 -31.40
N ALA B 361 7.68 -8.71 -31.81
CA ALA B 361 6.55 -8.59 -30.89
C ALA B 361 6.08 -9.94 -30.39
N LEU B 362 6.26 -10.96 -31.24
CA LEU B 362 6.05 -12.41 -31.00
C LEU B 362 6.65 -12.84 -29.64
N GLU B 363 5.83 -13.40 -28.76
CA GLU B 363 6.36 -13.91 -27.51
C GLU B 363 6.91 -15.29 -27.70
N ARG B 364 8.21 -15.46 -27.50
CA ARG B 364 8.79 -16.79 -27.39
C ARG B 364 9.62 -16.84 -26.13
N TRP B 365 9.31 -17.80 -25.28
CA TRP B 365 9.96 -17.95 -23.98
C TRP B 365 11.02 -19.02 -23.97
N PRO B 366 12.19 -18.71 -23.41
CA PRO B 366 13.26 -19.70 -23.37
C PRO B 366 12.86 -20.90 -22.52
N VAL B 367 13.13 -22.09 -23.02
CA VAL B 367 12.87 -23.30 -22.25
C VAL B 367 13.52 -23.37 -20.85
N ASP B 368 14.79 -22.92 -20.65
CA ASP B 368 15.45 -23.02 -19.32
C ASP B 368 14.56 -22.33 -18.30
N LEU B 369 14.11 -21.15 -18.70
CA LEU B 369 13.35 -20.23 -17.89
C LEU B 369 12.01 -20.83 -17.52
N VAL B 370 11.26 -21.29 -18.53
CA VAL B 370 9.97 -21.98 -18.29
C VAL B 370 10.10 -23.27 -17.45
N GLU B 371 11.25 -23.94 -17.55
CA GLU B 371 11.53 -25.12 -16.76
C GLU B 371 11.78 -24.85 -15.28
N LYS B 372 12.63 -23.85 -14.99
CA LYS B 372 13.01 -23.47 -13.64
C LYS B 372 11.83 -22.85 -12.89
N LEU B 373 11.01 -22.04 -13.59
CA LEU B 373 9.91 -21.29 -12.95
C LEU B 373 8.62 -22.10 -12.90
N LEU B 374 8.40 -22.97 -13.87
CA LEU B 374 7.15 -23.69 -13.92
C LEU B 374 7.28 -25.12 -14.52
N PRO B 375 8.00 -26.05 -13.83
CA PRO B 375 8.33 -27.39 -14.41
C PRO B 375 7.12 -28.19 -14.93
N ARG B 376 6.03 -28.11 -14.17
CA ARG B 376 4.84 -28.89 -14.49
C ARG B 376 4.23 -28.40 -15.79
N HIS B 377 4.26 -27.08 -15.98
CA HIS B 377 3.68 -26.46 -17.14
C HIS B 377 4.52 -26.87 -18.33
N LEU B 378 5.83 -26.97 -18.11
CA LEU B 378 6.70 -27.34 -19.20
C LEU B 378 6.30 -28.72 -19.63
N GLU B 379 6.22 -29.63 -18.68
CA GLU B 379 5.91 -31.03 -18.97
C GLU B 379 4.63 -31.12 -19.75
N ILE B 380 3.61 -30.41 -19.29
CA ILE B 380 2.31 -30.40 -19.92
C ILE B 380 2.38 -29.78 -21.31
N ILE B 381 3.31 -28.85 -21.51
CA ILE B 381 3.42 -28.17 -22.82
C ILE B 381 4.03 -29.11 -23.83
N TYR B 382 5.04 -29.86 -23.39
CA TYR B 382 5.66 -30.91 -24.18
C TYR B 382 4.62 -31.94 -24.53
N GLU B 383 3.85 -32.35 -23.53
CA GLU B 383 2.84 -33.34 -23.78
C GLU B 383 1.84 -32.84 -24.87
N ILE B 384 1.38 -31.59 -24.70
CA ILE B 384 0.55 -30.94 -25.70
C ILE B 384 1.21 -31.01 -27.07
N ASN B 385 2.50 -30.68 -27.11
CA ASN B 385 3.27 -30.74 -28.36
C ASN B 385 3.40 -32.13 -29.00
N GLN B 386 3.73 -33.13 -28.19
CA GLN B 386 3.72 -34.52 -28.65
C GLN B 386 2.41 -34.91 -29.33
N LYS B 387 1.30 -34.84 -28.58
CA LYS B 387 -0.01 -35.13 -29.17
C LYS B 387 -0.21 -34.41 -30.52
N HIS B 388 0.38 -33.22 -30.64
CA HIS B 388 0.19 -32.35 -31.76
C HIS B 388 1.02 -32.82 -32.96
N LEU B 389 2.34 -32.86 -32.77
CA LEU B 389 3.23 -33.33 -33.82
C LEU B 389 2.95 -34.78 -34.24
N ASP B 390 2.31 -35.57 -33.36
CA ASP B 390 1.88 -36.93 -33.69
C ASP B 390 0.89 -36.88 -34.82
N ARG B 391 -0.15 -36.08 -34.62
CA ARG B 391 -1.23 -35.97 -35.59
C ARG B 391 -0.70 -35.48 -36.93
N ILE B 392 0.35 -34.65 -36.89
CA ILE B 392 0.90 -34.05 -38.10
C ILE B 392 1.65 -35.08 -38.93
N VAL B 393 2.58 -35.82 -38.27
CA VAL B 393 3.21 -37.03 -38.80
C VAL B 393 2.19 -37.96 -39.49
N ALA B 394 1.06 -38.19 -38.83
CA ALA B 394 0.01 -39.06 -39.35
C ALA B 394 -0.59 -38.61 -40.68
N LEU B 395 -0.71 -37.30 -40.87
CA LEU B 395 -1.29 -36.74 -42.10
C LEU B 395 -0.24 -36.34 -43.12
N PHE B 396 1.04 -36.44 -42.73
CA PHE B 396 2.11 -35.88 -43.54
C PHE B 396 3.45 -36.60 -43.26
N PRO B 397 3.51 -37.93 -43.47
CA PRO B 397 4.68 -38.66 -42.94
C PRO B 397 6.01 -38.34 -43.64
N LYS B 398 5.98 -38.04 -44.94
CA LYS B 398 7.21 -37.63 -45.65
C LYS B 398 7.54 -36.13 -45.42
N ASP B 399 6.76 -35.43 -44.59
CA ASP B 399 6.95 -33.96 -44.43
C ASP B 399 7.66 -33.60 -43.14
N VAL B 400 8.99 -33.62 -43.22
CA VAL B 400 9.84 -33.35 -42.08
C VAL B 400 9.88 -31.87 -41.72
N ASP B 401 9.69 -31.01 -42.71
CA ASP B 401 9.86 -29.61 -42.40
C ASP B 401 8.58 -29.02 -41.75
N ARG B 402 7.43 -29.52 -42.17
CA ARG B 402 6.15 -29.16 -41.57
C ARG B 402 6.13 -29.46 -40.06
N LEU B 403 6.86 -30.49 -39.65
CA LEU B 403 7.02 -30.79 -38.24
C LEU B 403 7.69 -29.64 -37.48
N ARG B 404 8.99 -29.42 -37.67
CA ARG B 404 9.65 -28.38 -36.91
C ARG B 404 8.98 -27.02 -37.10
N ARG B 405 8.31 -26.85 -38.24
CA ARG B 405 7.57 -25.61 -38.55
C ARG B 405 6.35 -25.41 -37.66
N MET B 406 5.55 -26.45 -37.44
CA MET B 406 4.37 -26.35 -36.60
C MET B 406 4.60 -26.72 -35.13
N SER B 407 5.85 -27.08 -34.77
CA SER B 407 6.19 -27.47 -33.38
C SER B 407 5.95 -26.30 -32.44
N LEU B 408 5.63 -26.57 -31.17
CA LEU B 408 5.57 -25.46 -30.20
C LEU B 408 6.98 -25.12 -29.80
N ILE B 409 7.91 -26.08 -29.91
CA ILE B 409 9.30 -25.78 -29.57
C ILE B 409 10.09 -25.40 -30.81
N GLU B 410 10.61 -24.17 -30.82
CA GLU B 410 11.57 -23.69 -31.79
C GLU B 410 12.89 -24.30 -31.35
N GLU B 411 13.19 -25.48 -31.88
CA GLU B 411 14.30 -26.35 -31.39
C GLU B 411 15.75 -25.86 -31.61
N GLU B 412 15.96 -24.91 -32.51
CA GLU B 412 17.34 -24.46 -32.83
C GLU B 412 17.98 -23.65 -31.69
N GLY B 413 19.22 -24.00 -31.37
CA GLY B 413 20.08 -23.27 -30.44
C GLY B 413 19.49 -23.10 -29.06
N SER B 414 19.03 -21.86 -28.83
CA SER B 414 18.40 -21.43 -27.57
C SER B 414 17.31 -22.37 -27.07
N LYS B 415 16.38 -22.69 -27.97
CA LYS B 415 15.21 -23.53 -27.66
C LYS B 415 14.19 -22.64 -26.94
N ARG B 416 13.06 -22.38 -27.61
CA ARG B 416 12.02 -21.51 -27.03
C ARG B 416 10.58 -21.97 -27.38
N ILE B 417 9.64 -21.66 -26.49
CA ILE B 417 8.24 -22.02 -26.70
C ILE B 417 7.57 -20.92 -27.51
N ASN B 418 6.88 -21.33 -28.57
CA ASN B 418 6.19 -20.40 -29.44
C ASN B 418 4.75 -20.28 -28.94
N MET B 419 4.52 -19.28 -28.09
CA MET B 419 3.24 -19.15 -27.37
C MET B 419 2.00 -19.05 -28.29
N ALA B 420 2.17 -18.48 -29.49
CA ALA B 420 1.13 -18.44 -30.51
C ALA B 420 0.63 -19.84 -30.89
N HIS B 421 1.60 -20.70 -31.21
CA HIS B 421 1.37 -22.12 -31.58
C HIS B 421 0.60 -22.81 -30.47
N LEU B 422 1.00 -22.55 -29.23
CA LEU B 422 0.29 -23.03 -28.04
C LEU B 422 -1.16 -22.53 -27.97
N CYS B 423 -1.37 -21.23 -28.20
CA CYS B 423 -2.72 -20.68 -28.24
C CYS B 423 -3.56 -21.26 -29.37
N ILE B 424 -2.96 -21.38 -30.55
CA ILE B 424 -3.64 -21.96 -31.71
C ILE B 424 -4.11 -23.40 -31.38
N VAL B 425 -3.24 -24.23 -30.81
CA VAL B 425 -3.69 -25.61 -30.58
C VAL B 425 -4.62 -25.76 -29.38
N GLY B 426 -4.47 -24.95 -28.34
CA GLY B 426 -5.38 -25.01 -27.18
C GLY B 426 -6.72 -24.30 -27.33
N SER B 427 -6.93 -23.58 -28.42
CA SER B 427 -8.17 -22.79 -28.58
C SER B 427 -9.03 -23.31 -29.71
N HIS B 428 -10.33 -23.14 -29.59
CA HIS B 428 -11.23 -23.56 -30.64
C HIS B 428 -11.44 -22.47 -31.70
N ALA B 429 -11.17 -21.23 -31.31
CA ALA B 429 -11.24 -20.12 -32.23
C ALA B 429 -10.00 -19.24 -32.13
N VAL B 430 -9.44 -18.89 -33.27
CA VAL B 430 -8.34 -17.91 -33.42
C VAL B 430 -8.82 -16.71 -34.30
N ASN B 431 -8.59 -15.46 -33.86
CA ASN B 431 -9.06 -14.26 -34.59
C ASN B 431 -8.09 -13.12 -34.73
N GLY B 432 -8.14 -12.47 -35.88
CA GLY B 432 -7.47 -11.22 -36.13
C GLY B 432 -8.41 -10.04 -35.89
N VAL B 433 -7.89 -8.83 -36.02
CA VAL B 433 -8.60 -7.70 -35.47
C VAL B 433 -9.14 -6.77 -36.54
N ALA B 434 -8.88 -7.13 -37.80
CA ALA B 434 -9.40 -6.41 -38.97
C ALA B 434 -9.40 -7.38 -40.15
N LYS B 435 -10.22 -7.11 -41.18
CA LYS B 435 -10.35 -8.02 -42.35
C LYS B 435 -9.00 -8.42 -42.94
N ILE B 436 -8.27 -7.41 -43.39
CA ILE B 436 -7.01 -7.59 -44.06
C ILE B 436 -6.03 -8.41 -43.21
N HIS B 437 -6.04 -8.18 -41.90
CA HIS B 437 -5.08 -8.75 -40.96
C HIS B 437 -5.36 -10.20 -40.68
N SER B 438 -6.61 -10.50 -40.34
CA SER B 438 -7.04 -11.87 -40.11
C SER B 438 -6.73 -12.68 -41.35
N ASP B 439 -6.96 -12.05 -42.51
CA ASP B 439 -6.67 -12.60 -43.82
C ASP B 439 -5.20 -13.04 -44.00
N ILE B 440 -4.25 -12.18 -43.65
CA ILE B 440 -2.86 -12.53 -43.75
C ILE B 440 -2.65 -13.62 -42.72
N VAL B 441 -3.14 -13.38 -41.50
CA VAL B 441 -3.00 -14.33 -40.42
C VAL B 441 -3.37 -15.76 -40.87
N LYS B 442 -4.53 -15.89 -41.54
CA LYS B 442 -5.09 -17.18 -41.92
C LYS B 442 -4.39 -17.76 -43.15
N THR B 443 -4.31 -17.00 -44.26
CA THR B 443 -3.80 -17.54 -45.51
C THR B 443 -2.27 -17.58 -45.54
N LYS B 444 -1.63 -16.66 -44.82
CA LYS B 444 -0.18 -16.60 -44.83
C LYS B 444 0.44 -17.04 -43.51
N VAL B 445 0.54 -16.14 -42.54
CA VAL B 445 1.27 -16.43 -41.29
C VAL B 445 0.95 -17.82 -40.66
N PHE B 446 -0.30 -18.28 -40.75
CA PHE B 446 -0.64 -19.59 -40.21
C PHE B 446 -1.14 -20.61 -41.22
N LYS B 447 -0.77 -20.44 -42.49
CA LYS B 447 -1.10 -21.44 -43.52
C LYS B 447 -1.07 -22.89 -43.00
N ASP B 448 0.00 -23.27 -42.30
CA ASP B 448 0.16 -24.64 -41.81
C ASP B 448 -1.00 -25.10 -40.91
N PHE B 449 -1.50 -24.22 -40.05
CA PHE B 449 -2.52 -24.60 -39.06
C PHE B 449 -3.93 -24.45 -39.64
N SER B 450 -4.13 -23.38 -40.42
CA SER B 450 -5.45 -23.07 -40.96
C SER B 450 -5.88 -24.07 -42.02
N GLU B 451 -4.90 -24.58 -42.79
CA GLU B 451 -5.11 -25.68 -43.72
C GLU B 451 -5.75 -26.85 -43.00
N LEU B 452 -5.26 -27.17 -41.81
CA LEU B 452 -5.80 -28.22 -40.98
C LEU B 452 -7.20 -28.00 -40.39
N GLU B 453 -7.62 -26.75 -40.20
CA GLU B 453 -8.95 -26.48 -39.65
C GLU B 453 -9.40 -25.08 -40.01
N PRO B 454 -9.81 -24.87 -41.28
CA PRO B 454 -10.02 -23.53 -41.79
C PRO B 454 -10.99 -22.77 -40.88
N ASP B 455 -12.02 -23.48 -40.42
CA ASP B 455 -13.10 -22.94 -39.61
C ASP B 455 -12.69 -22.34 -38.25
N LYS B 456 -11.52 -22.71 -37.75
CA LYS B 456 -11.02 -22.20 -36.48
C LYS B 456 -10.62 -20.72 -36.53
N PHE B 457 -10.19 -20.27 -37.71
CA PHE B 457 -9.58 -18.97 -37.92
C PHE B 457 -10.66 -18.01 -38.38
N GLN B 458 -10.88 -16.91 -37.64
CA GLN B 458 -11.87 -15.88 -38.03
C GLN B 458 -11.40 -14.46 -37.84
N ASN B 459 -12.14 -13.51 -38.41
CA ASN B 459 -11.91 -12.10 -38.19
C ASN B 459 -12.97 -11.58 -37.27
N LYS B 460 -12.60 -10.60 -36.47
CA LYS B 460 -13.52 -9.77 -35.70
C LYS B 460 -12.91 -8.38 -35.74
N THR B 461 -13.43 -7.57 -36.64
CA THR B 461 -12.87 -6.26 -36.82
C THR B 461 -13.06 -5.49 -35.53
N ASN B 462 -12.04 -4.71 -35.16
CA ASN B 462 -12.04 -3.97 -33.90
C ASN B 462 -13.14 -2.93 -33.79
N GLY B 463 -13.28 -2.37 -32.58
CA GLY B 463 -14.35 -1.41 -32.25
C GLY B 463 -13.96 -0.49 -31.08
N ILE B 464 -14.74 0.57 -30.88
CA ILE B 464 -14.53 1.53 -29.80
C ILE B 464 -15.89 1.85 -29.21
N THR B 465 -15.94 2.05 -27.88
CA THR B 465 -17.19 2.45 -27.25
C THR B 465 -17.57 3.90 -27.58
N PRO B 466 -18.79 4.10 -28.11
CA PRO B 466 -19.23 5.44 -28.37
C PRO B 466 -19.75 6.08 -27.09
N ARG B 467 -19.66 5.39 -25.95
CA ARG B 467 -19.88 6.12 -24.71
C ARG B 467 -18.67 7.04 -24.48
N ARG B 468 -17.56 6.47 -24.05
CA ARG B 468 -16.36 7.24 -23.79
C ARG B 468 -15.95 8.15 -24.99
N TRP B 469 -16.10 7.61 -26.21
CA TRP B 469 -15.50 8.23 -27.38
C TRP B 469 -16.44 9.05 -28.23
N LEU B 470 -17.69 9.17 -27.80
CA LEU B 470 -18.53 10.20 -28.35
C LEU B 470 -19.21 10.94 -27.19
N LEU B 471 -20.18 10.29 -26.54
CA LEU B 471 -20.84 10.90 -25.40
C LEU B 471 -19.92 11.71 -24.48
N LEU B 472 -18.93 11.06 -23.89
CA LEU B 472 -18.10 11.69 -22.85
C LEU B 472 -17.10 12.73 -23.38
N CYS B 473 -16.33 12.36 -24.39
CA CYS B 473 -15.23 13.24 -24.83
C CYS B 473 -15.72 14.32 -25.76
N ASN B 474 -17.02 14.35 -26.03
CA ASN B 474 -17.55 15.19 -27.06
C ASN B 474 -19.08 15.32 -26.94
N PRO B 475 -19.56 15.96 -25.85
CA PRO B 475 -21.01 16.06 -25.67
C PRO B 475 -21.75 16.94 -26.71
N GLY B 476 -21.05 17.94 -27.25
CA GLY B 476 -21.57 18.79 -28.32
C GLY B 476 -22.11 17.98 -29.48
N LEU B 477 -21.23 17.14 -30.03
CA LEU B 477 -21.57 16.27 -31.18
C LEU B 477 -22.68 15.29 -30.83
N ALA B 478 -22.52 14.66 -29.68
CA ALA B 478 -23.48 13.72 -29.18
C ALA B 478 -24.86 14.35 -29.12
N GLU B 479 -24.96 15.57 -28.59
CA GLU B 479 -26.24 16.28 -28.47
C GLU B 479 -26.80 16.61 -29.85
N LEU B 480 -25.92 17.11 -30.72
CA LEU B 480 -26.31 17.48 -32.07
C LEU B 480 -26.91 16.28 -32.74
N ILE B 481 -26.10 15.22 -32.89
CA ILE B 481 -26.57 14.01 -33.54
C ILE B 481 -27.93 13.58 -32.93
N ALA B 482 -28.01 13.62 -31.60
CA ALA B 482 -29.20 13.24 -30.85
C ALA B 482 -30.40 14.11 -31.13
N GLU B 483 -30.15 15.40 -31.35
CA GLU B 483 -31.21 16.33 -31.69
C GLU B 483 -31.68 16.09 -33.13
N LYS B 484 -30.95 15.33 -33.91
CA LYS B 484 -31.40 15.07 -35.28
C LYS B 484 -32.12 13.75 -35.41
N ILE B 485 -31.56 12.72 -34.77
CA ILE B 485 -32.01 11.38 -35.02
C ILE B 485 -32.41 10.66 -33.73
N GLY B 486 -32.44 11.38 -32.62
CA GLY B 486 -32.72 10.77 -31.35
C GLY B 486 -31.56 9.95 -30.82
N GLU B 487 -31.71 9.36 -29.65
CA GLU B 487 -30.56 8.79 -28.99
C GLU B 487 -30.25 7.29 -29.20
N ASP B 488 -31.10 6.58 -29.94
CA ASP B 488 -30.84 5.19 -30.27
C ASP B 488 -29.41 4.90 -30.73
N TYR B 489 -28.77 5.85 -31.40
CA TYR B 489 -27.44 5.59 -31.98
C TYR B 489 -26.40 5.14 -30.93
N VAL B 490 -26.61 5.56 -29.67
CA VAL B 490 -25.61 5.28 -28.65
C VAL B 490 -25.47 3.79 -28.46
N LYS B 491 -26.59 3.06 -28.52
CA LYS B 491 -26.63 1.60 -28.27
C LYS B 491 -26.70 0.86 -29.57
N ASP B 492 -26.89 1.61 -30.65
CA ASP B 492 -26.80 1.02 -31.96
C ASP B 492 -26.20 2.02 -32.96
N LEU B 493 -24.88 2.03 -33.04
CA LEU B 493 -24.21 3.03 -33.83
C LEU B 493 -24.48 2.94 -35.32
N SER B 494 -25.06 1.84 -35.77
CA SER B 494 -25.35 1.70 -37.19
C SER B 494 -26.45 2.71 -37.57
N GLN B 495 -27.13 3.23 -36.55
CA GLN B 495 -28.20 4.20 -36.73
C GLN B 495 -27.64 5.52 -37.24
N LEU B 496 -26.33 5.70 -37.15
CA LEU B 496 -25.75 6.92 -37.66
C LEU B 496 -25.90 7.07 -39.17
N THR B 497 -26.29 6.01 -39.90
CA THR B 497 -26.53 6.18 -41.35
C THR B 497 -27.68 7.15 -41.59
N LYS B 498 -28.68 7.16 -40.70
CA LYS B 498 -29.78 8.11 -40.76
C LYS B 498 -29.35 9.56 -41.01
N LEU B 499 -28.08 9.85 -40.75
CA LEU B 499 -27.53 11.17 -40.93
C LEU B 499 -27.30 11.48 -42.41
N HIS B 500 -27.21 10.44 -43.23
CA HIS B 500 -27.00 10.62 -44.65
C HIS B 500 -28.11 11.49 -45.16
N SER B 501 -29.27 11.38 -44.55
CA SER B 501 -30.41 12.10 -45.04
C SER B 501 -30.30 13.58 -44.62
N PHE B 502 -29.11 14.05 -44.30
CA PHE B 502 -28.91 15.45 -43.93
C PHE B 502 -27.80 16.06 -44.74
N LEU B 503 -27.42 15.37 -45.81
CA LEU B 503 -26.22 15.75 -46.56
C LEU B 503 -26.38 17.10 -47.20
N GLY B 504 -27.55 17.37 -47.73
CA GLY B 504 -27.80 18.64 -48.39
C GLY B 504 -28.20 19.71 -47.42
N ASP B 505 -28.16 19.41 -46.12
CA ASP B 505 -28.67 20.32 -45.08
C ASP B 505 -27.67 21.43 -44.68
N ASP B 506 -27.65 22.51 -45.45
CA ASP B 506 -26.74 23.64 -45.21
C ASP B 506 -26.61 24.09 -43.74
N VAL B 507 -27.73 24.29 -43.05
CA VAL B 507 -27.77 24.61 -41.60
C VAL B 507 -27.16 23.52 -40.66
N PHE B 508 -27.51 22.25 -40.88
CA PHE B 508 -26.83 21.18 -40.12
C PHE B 508 -25.30 21.21 -40.27
N LEU B 509 -24.81 21.40 -41.49
CA LEU B 509 -23.38 21.59 -41.70
C LEU B 509 -22.75 22.70 -40.86
N ARG B 510 -23.46 23.80 -40.64
CA ARG B 510 -22.93 24.92 -39.86
C ARG B 510 -22.80 24.56 -38.40
N GLU B 511 -23.81 23.82 -37.92
CA GLU B 511 -23.90 23.38 -36.52
C GLU B 511 -22.83 22.38 -36.22
N LEU B 512 -22.50 21.59 -37.23
CA LEU B 512 -21.44 20.59 -37.13
C LEU B 512 -20.10 21.29 -37.07
N ALA B 513 -19.87 22.22 -37.99
CA ALA B 513 -18.65 23.03 -38.00
C ALA B 513 -18.50 23.83 -36.67
N LYS B 514 -19.62 24.34 -36.15
CA LYS B 514 -19.56 25.10 -34.91
C LYS B 514 -19.07 24.19 -33.82
N VAL B 515 -19.67 23.00 -33.73
CA VAL B 515 -19.21 21.98 -32.76
C VAL B 515 -17.69 21.74 -32.86
N LYS B 516 -17.18 21.52 -34.08
CA LYS B 516 -15.76 21.30 -34.25
C LYS B 516 -14.94 22.47 -33.71
N GLN B 517 -15.35 23.68 -34.08
CA GLN B 517 -14.68 24.91 -33.71
C GLN B 517 -14.65 25.16 -32.17
N GLU B 518 -15.74 24.84 -31.46
CA GLU B 518 -15.71 24.88 -29.98
C GLU B 518 -14.73 23.93 -29.36
N ASN B 519 -14.62 22.75 -29.96
CA ASN B 519 -13.65 21.77 -29.52
C ASN B 519 -12.26 22.33 -29.77
N LYS B 520 -12.07 22.92 -30.95
CA LYS B 520 -10.84 23.64 -31.25
C LYS B 520 -10.53 24.80 -30.29
N LEU B 521 -11.52 25.65 -30.02
CA LEU B 521 -11.28 26.78 -29.18
C LEU B 521 -10.86 26.35 -27.80
N LYS B 522 -11.67 25.47 -27.20
CA LYS B 522 -11.37 24.90 -25.89
C LYS B 522 -9.95 24.33 -25.85
N PHE B 523 -9.70 23.37 -26.71
CA PHE B 523 -8.36 22.76 -26.82
C PHE B 523 -7.24 23.75 -27.13
N SER B 524 -7.49 24.75 -27.97
CA SER B 524 -6.51 25.81 -28.16
C SER B 524 -6.10 26.49 -26.84
N GLN B 525 -7.06 26.64 -25.92
CA GLN B 525 -6.76 27.15 -24.58
C GLN B 525 -5.77 26.26 -23.88
N PHE B 526 -6.04 24.96 -23.96
CA PHE B 526 -5.23 23.95 -23.30
C PHE B 526 -3.78 23.99 -23.77
N LEU B 527 -3.61 24.02 -25.08
CA LEU B 527 -2.31 24.14 -25.70
C LEU B 527 -1.60 25.42 -25.33
N GLU B 528 -2.34 26.52 -25.32
CA GLU B 528 -1.77 27.84 -24.99
C GLU B 528 -1.45 28.00 -23.51
N THR B 529 -2.23 27.34 -22.65
CA THR B 529 -1.93 27.39 -21.23
C THR B 529 -0.96 26.29 -20.76
N GLU B 530 -0.56 25.33 -21.61
CA GLU B 530 0.33 24.24 -21.16
C GLU B 530 1.65 24.31 -21.85
N TYR B 531 1.61 24.89 -23.04
CA TYR B 531 2.78 25.21 -23.83
C TYR B 531 2.62 26.71 -24.07
N LYS B 532 3.69 27.47 -24.02
CA LYS B 532 3.43 28.89 -24.18
C LYS B 532 3.76 29.17 -25.62
N VAL B 533 2.76 28.94 -26.46
CA VAL B 533 2.90 28.89 -27.89
C VAL B 533 1.61 29.43 -28.48
N LYS B 534 1.69 30.48 -29.30
CA LYS B 534 0.44 31.08 -29.83
C LYS B 534 -0.34 30.18 -30.83
N ILE B 535 -1.54 29.76 -30.44
CA ILE B 535 -2.35 28.92 -31.34
C ILE B 535 -3.25 29.74 -32.26
N ASN B 536 -3.08 29.54 -33.55
CA ASN B 536 -4.01 30.08 -34.52
C ASN B 536 -5.28 29.26 -34.48
N PRO B 537 -6.38 29.87 -34.05
CA PRO B 537 -7.57 29.06 -33.72
C PRO B 537 -8.27 28.43 -34.95
N SER B 538 -7.86 28.85 -36.14
CA SER B 538 -8.61 28.56 -37.37
C SER B 538 -7.77 27.77 -38.35
N SER B 539 -6.52 27.53 -37.96
CA SER B 539 -5.63 26.62 -38.68
C SER B 539 -6.20 25.20 -38.63
N MET B 540 -5.71 24.32 -39.50
CA MET B 540 -6.12 22.92 -39.52
C MET B 540 -5.42 22.17 -38.40
N PHE B 541 -6.21 21.54 -37.52
CA PHE B 541 -5.66 20.67 -36.51
C PHE B 541 -5.38 19.27 -37.06
N ASP B 542 -4.08 19.07 -37.31
CA ASP B 542 -3.52 17.94 -38.00
C ASP B 542 -2.79 17.13 -36.96
N VAL B 543 -3.35 15.98 -36.61
CA VAL B 543 -3.01 15.28 -35.39
C VAL B 543 -2.61 13.82 -35.60
N GLN B 544 -1.43 13.48 -35.10
CA GLN B 544 -0.96 12.09 -35.02
C GLN B 544 -0.67 11.77 -33.56
N VAL B 545 -1.61 11.08 -32.94
CA VAL B 545 -1.37 10.55 -31.62
C VAL B 545 -1.52 9.03 -31.60
N LYS B 546 -0.45 8.39 -31.14
CA LYS B 546 -0.34 6.95 -30.94
C LYS B 546 0.99 6.70 -30.21
N ARG B 547 1.29 5.44 -29.88
CA ARG B 547 2.59 5.15 -29.30
C ARG B 547 3.66 5.38 -30.40
N ILE B 548 4.87 5.76 -29.99
CA ILE B 548 5.92 6.02 -30.95
C ILE B 548 6.56 4.69 -31.34
N HIS B 549 6.48 4.33 -32.62
N HIS B 549 6.55 4.46 -32.66
CA HIS B 549 7.24 3.19 -33.18
CA HIS B 549 7.09 3.27 -33.28
C HIS B 549 7.43 3.39 -34.67
C HIS B 549 7.55 3.68 -34.67
N GLU B 550 8.65 3.06 -35.12
CA GLU B 550 9.08 3.23 -36.52
C GLU B 550 8.04 2.79 -37.54
N TYR B 551 7.29 1.73 -37.23
CA TYR B 551 6.21 1.25 -38.13
C TYR B 551 5.06 2.26 -38.26
N LYS B 552 4.69 2.90 -37.15
CA LYS B 552 3.65 3.93 -37.17
C LYS B 552 4.13 5.15 -37.96
N ARG B 553 5.45 5.33 -38.01
CA ARG B 553 6.08 6.33 -38.88
C ARG B 553 5.83 7.80 -38.53
N GLN B 554 5.80 8.13 -37.25
CA GLN B 554 5.79 9.52 -36.83
C GLN B 554 6.83 10.31 -37.63
N LEU B 555 7.94 9.63 -37.94
CA LEU B 555 9.04 10.22 -38.69
C LEU B 555 8.56 10.81 -40.02
N LEU B 556 7.73 10.07 -40.72
CA LEU B 556 7.29 10.48 -42.03
C LEU B 556 6.49 11.80 -41.90
N ASN B 557 5.52 11.84 -40.99
CA ASN B 557 4.83 13.04 -40.64
C ASN B 557 5.84 14.17 -40.41
N CYS B 558 6.76 13.93 -39.49
CA CYS B 558 7.83 14.87 -39.21
C CYS B 558 8.51 15.43 -40.47
N LEU B 559 8.74 14.56 -41.44
CA LEU B 559 9.34 14.97 -42.72
C LEU B 559 8.44 15.94 -43.45
N HIS B 560 7.17 15.58 -43.58
CA HIS B 560 6.18 16.50 -44.17
C HIS B 560 6.11 17.83 -43.42
N VAL B 561 6.36 17.83 -42.11
CA VAL B 561 6.38 19.09 -41.38
C VAL B 561 7.50 19.97 -41.96
N ILE B 562 8.69 19.36 -42.06
CA ILE B 562 9.88 20.05 -42.58
C ILE B 562 9.60 20.58 -43.99
N THR B 563 9.01 19.77 -44.84
CA THR B 563 8.61 20.23 -46.16
C THR B 563 7.68 21.47 -46.07
N MET B 564 6.70 21.45 -45.16
CA MET B 564 5.79 22.61 -45.03
C MET B 564 6.60 23.87 -44.67
N TYR B 565 7.48 23.74 -43.68
CA TYR B 565 8.33 24.84 -43.22
C TYR B 565 9.18 25.45 -44.37
N ASN B 566 9.96 24.61 -45.05
CA ASN B 566 10.76 25.00 -46.21
C ASN B 566 9.89 25.73 -47.22
N ARG B 567 8.77 25.11 -47.63
CA ARG B 567 7.84 25.75 -48.55
C ARG B 567 7.50 27.19 -48.15
N ILE B 568 7.39 27.45 -46.85
CA ILE B 568 7.15 28.80 -46.39
C ILE B 568 8.42 29.59 -46.67
N LYS B 569 9.57 29.10 -46.21
CA LYS B 569 10.85 29.81 -46.38
C LYS B 569 11.21 30.29 -47.81
N LYS B 570 11.18 29.36 -48.78
CA LYS B 570 11.47 29.70 -50.18
C LYS B 570 10.51 30.77 -50.68
N ASP B 571 9.21 30.61 -50.43
CA ASP B 571 8.23 31.53 -50.99
C ASP B 571 7.17 31.97 -49.97
N PRO B 572 7.47 33.04 -49.20
CA PRO B 572 6.70 33.42 -48.02
C PRO B 572 5.34 34.03 -48.32
N LYS B 573 5.18 34.56 -49.53
CA LYS B 573 3.94 35.22 -49.91
C LYS B 573 2.96 34.23 -50.53
N LYS B 574 3.45 33.05 -50.88
CA LYS B 574 2.67 32.00 -51.56
C LYS B 574 1.55 31.44 -50.66
N LEU B 575 0.36 31.20 -51.22
CA LEU B 575 -0.80 30.77 -50.42
C LEU B 575 -0.54 29.44 -49.71
N PHE B 576 -0.49 29.51 -48.38
CA PHE B 576 -0.21 28.33 -47.53
C PHE B 576 -1.32 28.14 -46.50
N VAL B 577 -2.00 26.99 -46.52
CA VAL B 577 -3.12 26.75 -45.59
C VAL B 577 -2.61 26.44 -44.17
N PRO B 578 -2.87 27.34 -43.21
CA PRO B 578 -2.24 27.19 -41.88
C PRO B 578 -2.66 25.90 -41.19
N ARG B 579 -1.69 25.20 -40.61
CA ARG B 579 -1.98 24.01 -39.86
C ARG B 579 -1.42 24.20 -38.48
N THR B 580 -2.09 23.64 -37.48
CA THR B 580 -1.42 23.30 -36.22
C THR B 580 -1.17 21.79 -36.26
N VAL B 581 0.11 21.40 -36.34
CA VAL B 581 0.46 19.98 -36.41
C VAL B 581 0.79 19.41 -35.02
N ILE B 582 -0.01 18.45 -34.58
CA ILE B 582 0.21 17.82 -33.27
C ILE B 582 0.66 16.36 -33.36
N ILE B 583 1.81 16.08 -32.75
CA ILE B 583 2.30 14.71 -32.60
C ILE B 583 2.44 14.35 -31.11
N GLY B 584 1.95 13.16 -30.74
CA GLY B 584 2.00 12.69 -29.35
C GLY B 584 2.09 11.17 -29.18
N GLY B 585 2.62 10.75 -28.03
CA GLY B 585 2.62 9.36 -27.67
C GLY B 585 3.89 9.04 -26.98
N LYS B 586 3.91 7.93 -26.26
CA LYS B 586 5.06 7.52 -25.47
C LYS B 586 5.93 6.51 -26.23
N ALA B 587 7.24 6.59 -25.98
CA ALA B 587 8.22 5.66 -26.56
C ALA B 587 8.57 4.79 -25.42
N ALA B 588 8.68 3.49 -25.69
CA ALA B 588 9.21 2.55 -24.69
C ALA B 588 10.61 3.00 -24.29
N PRO B 589 10.91 2.94 -22.97
CA PRO B 589 12.17 3.49 -22.40
C PRO B 589 13.43 2.88 -22.99
N GLY B 590 13.39 1.64 -23.45
CA GLY B 590 14.54 1.02 -24.10
C GLY B 590 14.55 1.19 -25.60
N TYR B 591 13.45 1.65 -26.20
CA TYR B 591 13.38 1.83 -27.65
C TYR B 591 14.16 3.08 -28.08
N HIS B 592 15.45 2.91 -28.40
CA HIS B 592 16.33 4.04 -28.70
C HIS B 592 15.83 4.95 -29.83
N MET B 593 15.47 4.33 -30.95
CA MET B 593 15.19 5.05 -32.19
C MET B 593 13.96 5.92 -32.00
N ALA B 594 12.96 5.34 -31.35
CA ALA B 594 11.78 6.06 -30.88
C ALA B 594 12.07 7.34 -30.04
N LYS B 595 13.04 7.28 -29.13
CA LYS B 595 13.44 8.45 -28.34
C LYS B 595 14.07 9.52 -29.23
N MET B 596 14.88 9.07 -30.19
CA MET B 596 15.44 9.94 -31.22
C MET B 596 14.35 10.63 -32.03
N ILE B 597 13.40 9.83 -32.54
CA ILE B 597 12.30 10.36 -33.34
C ILE B 597 11.53 11.43 -32.54
N ILE B 598 11.46 11.25 -31.21
CA ILE B 598 10.88 12.29 -30.37
C ILE B 598 11.77 13.53 -30.41
N LYS B 599 13.05 13.40 -30.03
CA LYS B 599 13.98 14.55 -30.03
C LYS B 599 13.98 15.30 -31.35
N LEU B 600 13.95 14.57 -32.47
CA LEU B 600 13.76 15.26 -33.75
C LEU B 600 12.51 16.18 -33.81
N ILE B 601 11.36 15.72 -33.32
CA ILE B 601 10.13 16.47 -33.48
C ILE B 601 10.17 17.75 -32.67
N THR B 602 10.58 17.61 -31.41
CA THR B 602 10.66 18.74 -30.51
C THR B 602 11.68 19.76 -31.02
N SER B 603 12.74 19.26 -31.67
CA SER B 603 13.73 20.09 -32.33
C SER B 603 13.08 20.91 -33.43
N VAL B 604 12.37 20.22 -34.33
CA VAL B 604 11.72 20.89 -35.44
C VAL B 604 10.79 21.95 -34.87
N ALA B 605 9.95 21.57 -33.91
CA ALA B 605 9.02 22.51 -33.35
C ALA B 605 9.76 23.77 -32.90
N ASP B 606 10.90 23.63 -32.25
CA ASP B 606 11.64 24.79 -31.79
C ASP B 606 11.98 25.76 -32.91
N VAL B 607 12.66 25.27 -33.93
CA VAL B 607 12.80 26.02 -35.17
C VAL B 607 11.44 26.56 -35.64
N VAL B 608 10.49 25.68 -35.94
CA VAL B 608 9.30 26.16 -36.64
C VAL B 608 8.53 27.22 -35.85
N ASN B 609 8.35 26.98 -34.55
CA ASN B 609 7.50 27.85 -33.73
C ASN B 609 8.08 29.22 -33.44
N ASN B 610 9.37 29.40 -33.70
CA ASN B 610 10.05 30.68 -33.44
C ASN B 610 10.57 31.41 -34.68
N ASP B 611 10.35 30.84 -35.86
CA ASP B 611 10.84 31.49 -37.05
C ASP B 611 9.85 32.56 -37.39
N PRO B 612 10.28 33.84 -37.21
CA PRO B 612 9.31 34.93 -37.34
C PRO B 612 8.71 35.00 -38.75
N MET B 613 9.42 34.51 -39.76
CA MET B 613 8.87 34.53 -41.12
C MET B 613 7.66 33.62 -41.33
N VAL B 614 7.48 32.61 -40.46
CA VAL B 614 6.28 31.72 -40.54
C VAL B 614 5.18 32.16 -39.59
N GLY B 615 5.57 32.57 -38.38
CA GLY B 615 4.62 33.06 -37.39
C GLY B 615 3.44 32.12 -37.28
N SER B 616 2.24 32.61 -37.61
CA SER B 616 1.03 31.83 -37.32
C SER B 616 0.58 30.88 -38.43
N LYS B 617 1.41 30.67 -39.44
CA LYS B 617 1.05 29.77 -40.52
C LYS B 617 1.31 28.33 -40.12
N LEU B 618 2.41 28.10 -39.41
CA LEU B 618 2.73 26.76 -38.95
C LEU B 618 3.12 26.76 -37.46
N LYS B 619 2.46 25.89 -36.68
CA LYS B 619 2.83 25.64 -35.28
C LYS B 619 2.85 24.13 -35.05
N VAL B 620 3.95 23.66 -34.47
CA VAL B 620 4.12 22.24 -34.19
C VAL B 620 4.11 22.08 -32.65
N ILE B 621 3.30 21.15 -32.15
CA ILE B 621 3.32 20.76 -30.73
C ILE B 621 3.63 19.26 -30.64
N PHE B 622 4.64 18.90 -29.84
CA PHE B 622 4.73 17.51 -29.37
C PHE B 622 3.93 17.37 -28.08
N LEU B 623 2.95 16.48 -28.07
CA LEU B 623 1.95 16.42 -27.01
C LEU B 623 2.36 15.48 -25.89
N GLU B 624 2.75 16.02 -24.73
CA GLU B 624 3.29 15.21 -23.63
C GLU B 624 2.23 14.35 -22.94
N ASN B 625 2.66 13.18 -22.47
CA ASN B 625 1.88 12.32 -21.56
C ASN B 625 0.55 11.87 -22.13
N TYR B 626 0.55 11.68 -23.44
CA TYR B 626 -0.57 11.10 -24.15
C TYR B 626 -1.13 9.83 -23.45
N ARG B 627 -2.45 9.78 -23.27
CA ARG B 627 -3.11 8.77 -22.43
C ARG B 627 -4.63 8.92 -22.53
N VAL B 628 -5.37 7.97 -21.96
CA VAL B 628 -6.81 7.96 -22.22
C VAL B 628 -7.50 9.32 -22.05
N SER B 629 -7.33 9.94 -20.89
CA SER B 629 -8.02 11.20 -20.65
C SER B 629 -7.52 12.38 -21.52
N LEU B 630 -6.29 12.30 -22.05
CA LEU B 630 -5.81 13.27 -23.02
C LEU B 630 -6.34 13.02 -24.45
N ALA B 631 -6.36 11.77 -24.87
CA ALA B 631 -7.04 11.40 -26.11
C ALA B 631 -8.46 12.00 -26.14
N GLU B 632 -9.23 11.85 -25.05
CA GLU B 632 -10.56 12.48 -24.95
C GLU B 632 -10.56 14.00 -25.18
N LYS B 633 -9.46 14.67 -24.85
CA LYS B 633 -9.41 16.12 -25.07
C LYS B 633 -9.10 16.44 -26.54
N VAL B 634 -8.00 15.89 -27.04
CA VAL B 634 -7.47 16.25 -28.36
C VAL B 634 -8.30 15.73 -29.52
N ILE B 635 -8.90 14.54 -29.36
CA ILE B 635 -9.56 13.88 -30.49
C ILE B 635 -10.73 14.73 -31.01
N PRO B 636 -11.71 15.07 -30.15
CA PRO B 636 -12.87 15.90 -30.54
C PRO B 636 -12.49 17.24 -31.21
N ALA B 637 -11.22 17.64 -31.07
CA ALA B 637 -10.68 18.91 -31.52
C ALA B 637 -9.95 18.79 -32.83
N THR B 638 -10.07 17.63 -33.50
CA THR B 638 -9.20 17.31 -34.64
C THR B 638 -9.91 17.46 -35.98
N ASP B 639 -9.20 18.00 -36.97
CA ASP B 639 -9.63 18.08 -38.38
C ASP B 639 -9.02 16.97 -39.23
N LEU B 640 -7.79 16.59 -38.89
CA LEU B 640 -7.04 15.66 -39.73
C LEU B 640 -6.34 14.64 -38.88
N SER B 641 -6.72 13.39 -39.12
CA SER B 641 -6.16 12.26 -38.39
C SER B 641 -5.07 11.54 -39.20
N GLU B 642 -3.81 11.75 -38.83
CA GLU B 642 -2.66 10.99 -39.37
C GLU B 642 -2.66 9.51 -38.98
N GLN B 643 -2.71 8.61 -39.97
CA GLN B 643 -2.88 7.17 -39.74
C GLN B 643 -2.05 6.42 -40.75
N ILE B 644 -0.74 6.47 -40.57
CA ILE B 644 0.17 6.29 -41.69
C ILE B 644 1.29 5.26 -41.48
N SER B 645 0.93 4.11 -40.91
CA SER B 645 1.82 2.96 -40.84
C SER B 645 2.16 2.45 -42.25
N THR B 646 3.29 1.76 -42.40
CA THR B 646 3.53 1.02 -43.63
C THR B 646 2.44 -0.05 -43.74
N ALA B 647 1.93 -0.26 -44.95
CA ALA B 647 0.89 -1.27 -45.10
C ALA B 647 1.47 -2.61 -44.62
N GLY B 648 0.62 -3.41 -43.99
CA GLY B 648 1.02 -4.72 -43.55
C GLY B 648 1.44 -4.73 -42.10
N THR B 649 1.74 -3.56 -41.55
CA THR B 649 2.31 -3.44 -40.19
C THR B 649 1.34 -3.12 -39.03
N GLU B 650 0.15 -2.64 -39.35
CA GLU B 650 -0.81 -2.21 -38.30
C GLU B 650 -1.97 -3.21 -38.24
N ALA B 651 -2.02 -4.05 -37.23
CA ALA B 651 -3.06 -5.09 -37.25
C ALA B 651 -4.46 -4.56 -37.66
N SER B 652 -4.96 -3.55 -36.93
CA SER B 652 -6.27 -2.90 -37.15
C SER B 652 -6.19 -1.38 -36.90
N GLY B 653 -5.77 -1.04 -35.67
CA GLY B 653 -5.83 0.32 -35.13
C GLY B 653 -7.21 0.67 -34.60
N THR B 654 -7.27 1.58 -33.64
CA THR B 654 -8.53 2.03 -33.04
C THR B 654 -8.59 3.56 -32.93
N GLY B 655 -7.47 4.23 -32.70
CA GLY B 655 -7.44 5.67 -32.80
C GLY B 655 -8.15 6.13 -34.06
N ASN B 656 -7.77 5.54 -35.20
CA ASN B 656 -8.35 5.85 -36.50
C ASN B 656 -9.88 5.99 -36.42
N MET B 657 -10.50 4.94 -35.86
CA MET B 657 -11.94 4.89 -35.56
C MET B 657 -12.44 6.04 -34.67
N LYS B 658 -11.75 6.31 -33.58
CA LYS B 658 -12.12 7.39 -32.69
C LYS B 658 -12.05 8.76 -33.36
N PHE B 659 -11.11 8.99 -34.24
CA PHE B 659 -11.07 10.23 -35.01
C PHE B 659 -12.24 10.36 -35.98
N MET B 660 -12.60 9.24 -36.60
CA MET B 660 -13.65 9.19 -37.61
C MET B 660 -14.98 9.56 -36.99
N LEU B 661 -15.24 9.01 -35.81
CA LEU B 661 -16.48 9.23 -35.12
C LEU B 661 -16.58 10.65 -34.64
N ASN B 662 -15.44 11.29 -34.36
CA ASN B 662 -15.50 12.63 -33.77
C ASN B 662 -15.43 13.80 -34.74
N GLY B 663 -15.62 13.48 -36.02
CA GLY B 663 -15.69 14.49 -37.06
C GLY B 663 -14.35 14.87 -37.61
N ALA B 664 -13.39 13.93 -37.66
CA ALA B 664 -12.14 14.24 -38.39
C ALA B 664 -12.05 13.50 -39.74
N LEU B 665 -11.31 14.08 -40.67
CA LEU B 665 -11.04 13.37 -41.89
C LEU B 665 -9.72 12.65 -41.71
N THR B 666 -9.59 11.48 -42.31
CA THR B 666 -8.47 10.60 -42.06
C THR B 666 -7.53 10.63 -43.25
N ILE B 667 -6.23 10.74 -43.00
CA ILE B 667 -5.24 10.57 -44.05
C ILE B 667 -4.42 9.37 -43.75
N GLY B 668 -4.45 8.36 -44.61
CA GLY B 668 -3.59 7.22 -44.34
C GLY B 668 -3.43 6.17 -45.41
N THR B 669 -2.79 5.09 -45.02
CA THR B 669 -2.51 4.03 -45.97
C THR B 669 -3.61 3.00 -45.93
N MET B 670 -3.66 2.13 -46.94
CA MET B 670 -4.57 0.97 -46.99
C MET B 670 -4.03 -0.10 -46.09
N ASP B 671 -4.27 0.02 -44.79
CA ASP B 671 -3.68 -0.83 -43.77
C ASP B 671 -4.62 -0.91 -42.59
N GLY B 672 -4.60 -2.04 -41.88
CA GLY B 672 -5.51 -2.25 -40.76
C GLY B 672 -6.97 -1.97 -41.07
N ALA B 673 -7.65 -1.41 -40.10
CA ALA B 673 -9.04 -1.13 -40.27
C ALA B 673 -9.24 0.10 -41.15
N ASN B 674 -8.16 0.79 -41.54
CA ASN B 674 -8.31 1.99 -42.35
C ASN B 674 -9.10 1.60 -43.55
N VAL B 675 -8.77 0.40 -44.02
CA VAL B 675 -9.38 -0.23 -45.16
C VAL B 675 -10.86 -0.35 -44.93
N GLU B 676 -11.28 -0.87 -43.78
CA GLU B 676 -12.71 -0.96 -43.54
C GLU B 676 -13.40 0.41 -43.37
N MET B 677 -12.66 1.41 -42.89
CA MET B 677 -13.18 2.77 -42.86
C MET B 677 -13.50 3.28 -44.27
N ALA B 678 -12.57 3.01 -45.19
CA ALA B 678 -12.72 3.39 -46.58
C ALA B 678 -13.88 2.65 -47.21
N GLU B 679 -14.04 1.36 -46.94
CA GLU B 679 -15.19 0.67 -47.53
C GLU B 679 -16.48 1.35 -47.09
N GLU B 680 -16.67 1.47 -45.77
CA GLU B 680 -17.85 2.08 -45.14
C GLU B 680 -18.23 3.46 -45.66
N ALA B 681 -17.27 4.37 -45.75
CA ALA B 681 -17.59 5.75 -46.11
C ALA B 681 -17.25 6.01 -47.57
N GLY B 682 -16.58 5.04 -48.21
CA GLY B 682 -16.16 5.18 -49.60
C GLY B 682 -14.82 5.88 -49.67
N GLU B 683 -13.92 5.34 -50.49
CA GLU B 683 -12.58 5.89 -50.58
C GLU B 683 -12.58 7.38 -51.01
N GLU B 684 -13.47 7.76 -51.93
CA GLU B 684 -13.59 9.16 -52.35
C GLU B 684 -13.52 10.09 -51.14
N ASN B 685 -13.98 9.61 -49.98
CA ASN B 685 -14.14 10.39 -48.76
C ASN B 685 -13.04 10.20 -47.69
N LEU B 686 -12.01 9.43 -48.03
CA LEU B 686 -10.79 9.46 -47.25
C LEU B 686 -9.66 9.95 -48.14
N PHE B 687 -8.57 10.38 -47.51
CA PHE B 687 -7.36 10.72 -48.20
C PHE B 687 -6.45 9.51 -48.06
N ILE B 688 -6.67 8.52 -48.94
CA ILE B 688 -5.86 7.31 -48.93
C ILE B 688 -4.73 7.48 -49.90
N PHE B 689 -3.56 6.99 -49.53
CA PHE B 689 -2.39 7.08 -50.38
C PHE B 689 -1.43 5.95 -50.03
N GLY B 690 -0.41 5.80 -50.87
CA GLY B 690 0.76 5.00 -50.55
C GLY B 690 0.69 3.62 -51.16
N MET B 691 1.76 2.87 -50.88
CA MET B 691 1.84 1.49 -51.28
C MET B 691 0.81 0.66 -50.51
N ARG B 692 0.17 -0.26 -51.21
CA ARG B 692 -0.66 -1.26 -50.58
C ARG B 692 0.28 -2.40 -50.32
N ILE B 693 -0.21 -3.48 -49.70
CA ILE B 693 0.70 -4.57 -49.33
C ILE B 693 1.51 -5.07 -50.52
N ASP B 694 0.87 -5.25 -51.67
CA ASP B 694 1.55 -5.73 -52.86
C ASP B 694 2.67 -4.83 -53.23
N ASP B 695 2.39 -3.54 -53.28
CA ASP B 695 3.39 -2.57 -53.60
C ASP B 695 4.59 -2.71 -52.65
N VAL B 696 4.35 -3.07 -51.38
CA VAL B 696 5.44 -3.30 -50.42
C VAL B 696 6.29 -4.56 -50.73
N ALA B 697 5.62 -5.68 -50.95
CA ALA B 697 6.24 -6.94 -51.32
C ALA B 697 7.12 -6.78 -52.56
N ALA B 698 6.54 -6.22 -53.62
CA ALA B 698 7.19 -6.00 -54.91
C ALA B 698 8.46 -5.21 -54.72
N LEU B 699 8.44 -4.30 -53.75
CA LEU B 699 9.62 -3.50 -53.46
C LEU B 699 10.69 -4.27 -52.64
N ASP B 700 10.26 -5.22 -51.82
CA ASP B 700 11.18 -6.12 -51.13
C ASP B 700 11.79 -7.07 -52.14
N LYS B 701 10.94 -7.64 -52.99
CA LYS B 701 11.39 -8.46 -54.11
C LYS B 701 12.51 -7.74 -54.87
N LYS B 702 12.19 -6.67 -55.59
CA LYS B 702 13.20 -5.96 -56.35
C LYS B 702 14.32 -5.38 -55.46
N GLY B 703 14.00 -5.03 -54.22
CA GLY B 703 15.00 -4.49 -53.28
C GLY B 703 14.92 -2.99 -53.02
N TYR B 704 14.66 -2.64 -51.75
CA TYR B 704 14.51 -1.23 -51.36
C TYR B 704 15.86 -0.54 -51.25
N GLU B 705 16.13 0.42 -52.14
CA GLU B 705 17.26 1.33 -51.93
C GLU B 705 16.75 2.71 -51.57
N ALA B 706 16.81 3.01 -50.27
CA ALA B 706 16.41 4.30 -49.75
C ALA B 706 17.05 5.43 -50.54
N LYS B 707 18.36 5.34 -50.78
CA LYS B 707 19.09 6.34 -51.56
C LYS B 707 18.32 6.86 -52.80
N GLU B 708 17.84 5.95 -53.65
CA GLU B 708 17.24 6.33 -54.93
C GLU B 708 16.26 7.48 -54.85
N TYR B 709 15.41 7.47 -53.81
CA TYR B 709 14.36 8.50 -53.61
C TYR B 709 14.90 9.83 -53.14
N TYR B 710 16.01 9.81 -52.41
CA TYR B 710 16.65 11.03 -51.88
C TYR B 710 17.30 11.86 -52.99
N GLU B 711 17.79 11.17 -54.02
CA GLU B 711 18.33 11.81 -55.20
C GLU B 711 17.18 12.25 -56.05
N ALA B 712 16.13 11.43 -56.15
CA ALA B 712 15.03 11.69 -57.11
C ALA B 712 14.07 12.82 -56.75
N LEU B 713 14.00 13.22 -55.48
CA LEU B 713 13.02 14.22 -55.01
C LEU B 713 13.70 15.40 -54.28
N PRO B 714 13.69 16.59 -54.89
CA PRO B 714 14.60 17.62 -54.38
C PRO B 714 14.18 18.12 -53.00
N GLU B 715 12.88 18.18 -52.75
CA GLU B 715 12.37 18.58 -51.44
C GLU B 715 12.79 17.59 -50.32
N LEU B 716 12.68 16.28 -50.60
CA LEU B 716 13.18 15.28 -49.69
C LEU B 716 14.68 15.47 -49.41
N LYS B 717 15.44 15.85 -50.44
CA LYS B 717 16.88 15.99 -50.35
C LYS B 717 17.24 17.08 -49.34
N LEU B 718 16.57 18.21 -49.43
CA LEU B 718 16.76 19.32 -48.50
C LEU B 718 16.48 18.97 -47.02
N VAL B 719 15.33 18.32 -46.80
CA VAL B 719 14.86 17.88 -45.47
C VAL B 719 15.92 16.98 -44.86
N ILE B 720 16.37 15.99 -45.62
CA ILE B 720 17.39 15.07 -45.13
C ILE B 720 18.69 15.84 -44.81
N ASP B 721 19.11 16.67 -45.75
CA ASP B 721 20.30 17.47 -45.57
C ASP B 721 20.19 18.37 -44.32
N GLN B 722 19.05 19.02 -44.16
CA GLN B 722 18.83 19.86 -42.99
C GLN B 722 19.05 19.09 -41.69
N ILE B 723 18.61 17.84 -41.66
CA ILE B 723 18.54 17.08 -40.43
C ILE B 723 19.91 16.55 -40.07
N ASP B 724 20.59 16.07 -41.10
CA ASP B 724 21.89 15.45 -41.03
C ASP B 724 23.03 16.43 -40.82
N ASN B 725 22.81 17.69 -41.19
CA ASN B 725 23.85 18.69 -41.07
C ASN B 725 23.54 19.66 -39.98
N GLY B 726 22.69 19.24 -39.05
CA GLY B 726 22.41 20.03 -37.85
C GLY B 726 21.57 21.29 -37.93
N PHE B 727 20.93 21.53 -39.08
CA PHE B 727 19.99 22.66 -39.20
C PHE B 727 18.99 22.67 -38.02
N PHE B 728 18.79 21.51 -37.41
CA PHE B 728 17.82 21.37 -36.33
C PHE B 728 18.51 21.11 -34.99
N SER B 729 19.82 21.28 -34.97
CA SER B 729 20.62 20.84 -33.83
C SER B 729 22.02 21.46 -33.88
N PRO B 730 22.11 22.78 -34.10
CA PRO B 730 23.40 23.41 -34.28
C PRO B 730 24.45 23.08 -33.19
N LYS B 731 24.02 22.69 -31.98
CA LYS B 731 24.98 22.29 -30.93
C LYS B 731 25.43 20.82 -31.00
N GLN B 732 24.62 19.94 -31.59
CA GLN B 732 25.14 18.66 -32.08
C GLN B 732 24.73 18.55 -33.53
N PRO B 733 25.53 19.14 -34.42
CA PRO B 733 25.18 19.04 -35.82
C PRO B 733 24.90 17.61 -36.24
N ASP B 734 25.58 16.63 -35.63
CA ASP B 734 25.28 15.24 -36.01
C ASP B 734 24.52 14.36 -34.99
N LEU B 735 23.81 15.04 -34.10
CA LEU B 735 22.81 14.45 -33.21
C LEU B 735 21.89 13.39 -33.81
N PHE B 736 21.40 13.61 -35.02
CA PHE B 736 20.34 12.77 -35.57
C PHE B 736 20.88 11.72 -36.53
N LYS B 737 22.20 11.46 -36.45
CA LYS B 737 22.87 10.52 -37.35
C LYS B 737 22.25 9.14 -37.34
N ASP B 738 21.84 8.65 -36.17
CA ASP B 738 21.28 7.31 -36.09
C ASP B 738 20.00 7.17 -36.89
N ILE B 739 19.20 8.23 -36.88
CA ILE B 739 17.98 8.30 -37.71
C ILE B 739 18.39 8.26 -39.20
N ILE B 740 19.46 8.97 -39.54
CA ILE B 740 19.91 9.04 -40.91
C ILE B 740 20.33 7.68 -41.40
N ASN B 741 21.12 6.94 -40.62
CA ASN B 741 21.56 5.59 -41.06
C ASN B 741 20.43 4.64 -41.30
N MET B 742 19.59 4.52 -40.27
CA MET B 742 18.39 3.72 -40.34
C MET B 742 17.60 4.08 -41.59
N LEU B 743 17.36 5.38 -41.80
CA LEU B 743 16.60 5.84 -42.96
C LEU B 743 17.17 5.33 -44.28
N PHE B 744 18.50 5.25 -44.36
CA PHE B 744 19.23 4.97 -45.58
C PHE B 744 19.61 3.54 -45.82
N TYR B 745 19.82 2.81 -44.72
CA TYR B 745 20.36 1.44 -44.76
C TYR B 745 19.58 0.37 -44.02
N HIS B 746 18.81 0.74 -43.02
CA HIS B 746 18.11 -0.25 -42.20
C HIS B 746 16.63 0.10 -41.97
N ASP B 747 16.00 0.82 -42.90
CA ASP B 747 14.59 1.22 -42.70
C ASP B 747 13.64 0.17 -43.19
N ARG B 748 13.20 -0.69 -42.28
CA ARG B 748 12.22 -1.72 -42.60
C ARG B 748 10.88 -1.15 -43.08
N PHE B 749 10.61 0.11 -42.78
CA PHE B 749 9.27 0.60 -42.97
C PHE B 749 9.11 1.53 -44.16
N LYS B 750 10.20 1.68 -44.90
CA LYS B 750 10.22 2.35 -46.19
C LYS B 750 9.66 3.76 -46.10
N VAL B 751 10.30 4.62 -45.30
CA VAL B 751 9.78 5.97 -45.09
C VAL B 751 9.80 6.79 -46.39
N PHE B 752 10.92 6.81 -47.11
CA PHE B 752 11.09 7.56 -48.38
C PHE B 752 10.21 7.08 -49.55
N ALA B 753 9.94 5.77 -49.61
CA ALA B 753 9.10 5.19 -50.67
C ALA B 753 7.66 5.73 -50.68
N ASP B 754 7.19 6.18 -49.52
CA ASP B 754 5.84 6.70 -49.39
C ASP B 754 5.80 8.25 -49.36
N TYR B 755 6.97 8.90 -49.19
CA TYR B 755 7.07 10.38 -49.11
C TYR B 755 6.30 11.20 -50.19
N GLU B 756 6.70 11.12 -51.44
CA GLU B 756 6.00 11.83 -52.48
C GLU B 756 4.48 11.65 -52.42
N ALA B 757 4.02 10.39 -52.49
CA ALA B 757 2.57 10.08 -52.43
C ALA B 757 1.90 10.78 -51.25
N TYR B 758 2.56 10.68 -50.10
CA TYR B 758 2.17 11.32 -48.88
C TYR B 758 2.06 12.85 -49.10
N VAL B 759 3.17 13.51 -49.41
CA VAL B 759 3.15 14.96 -49.57
C VAL B 759 2.05 15.42 -50.55
N LYS B 760 1.88 14.64 -51.64
CA LYS B 760 0.92 14.97 -52.67
C LYS B 760 -0.48 14.91 -52.11
N CYS B 761 -0.66 13.89 -51.28
CA CYS B 761 -1.89 13.61 -50.60
C CYS B 761 -2.17 14.70 -49.56
N GLN B 762 -1.12 15.11 -48.83
CA GLN B 762 -1.19 16.25 -47.92
C GLN B 762 -1.71 17.53 -48.55
N ASP B 763 -1.35 17.75 -49.82
CA ASP B 763 -1.74 18.95 -50.57
C ASP B 763 -3.21 18.93 -50.98
N LYS B 764 -3.75 17.72 -51.20
CA LYS B 764 -5.19 17.55 -51.42
C LYS B 764 -6.05 17.91 -50.19
N VAL B 765 -5.61 17.45 -49.02
CA VAL B 765 -6.21 17.82 -47.73
C VAL B 765 -6.19 19.33 -47.61
N SER B 766 -5.04 19.94 -47.81
CA SER B 766 -4.94 21.38 -47.79
C SER B 766 -6.01 22.07 -48.66
N GLN B 767 -6.14 21.65 -49.92
CA GLN B 767 -7.13 22.28 -50.80
C GLN B 767 -8.58 22.02 -50.36
N LEU B 768 -8.92 20.79 -49.97
CA LEU B 768 -10.28 20.57 -49.44
C LEU B 768 -10.58 21.49 -48.25
N TYR B 769 -9.56 21.79 -47.46
CA TYR B 769 -9.74 22.56 -46.24
C TYR B 769 -10.21 23.98 -46.50
N MET B 770 -9.89 24.49 -47.69
CA MET B 770 -10.31 25.83 -48.12
C MET B 770 -11.73 25.86 -48.66
N ASN B 771 -12.48 24.77 -48.48
CA ASN B 771 -13.87 24.75 -48.89
C ASN B 771 -14.75 24.14 -47.77
N PRO B 772 -15.14 24.98 -46.78
CA PRO B 772 -15.98 24.59 -45.64
C PRO B 772 -17.07 23.60 -46.01
N LYS B 773 -17.82 23.92 -47.07
CA LYS B 773 -18.97 23.12 -47.44
C LYS B 773 -18.53 21.70 -47.87
N ALA B 774 -17.52 21.62 -48.74
CA ALA B 774 -17.00 20.33 -49.26
C ALA B 774 -16.39 19.55 -48.10
N TRP B 775 -15.51 20.19 -47.36
CA TRP B 775 -14.91 19.58 -46.19
C TRP B 775 -15.91 18.99 -45.17
N ASN B 776 -16.90 19.76 -44.75
CA ASN B 776 -17.84 19.29 -43.75
C ASN B 776 -18.79 18.24 -44.31
N THR B 777 -18.93 18.25 -45.63
CA THR B 777 -19.76 17.27 -46.33
C THR B 777 -19.07 15.92 -46.29
N MET B 778 -17.74 15.96 -46.40
CA MET B 778 -16.95 14.76 -46.24
C MET B 778 -16.94 14.31 -44.78
N VAL B 779 -16.81 15.26 -43.86
CA VAL B 779 -16.95 14.94 -42.46
C VAL B 779 -18.24 14.15 -42.23
N LEU B 780 -19.37 14.71 -42.65
CA LEU B 780 -20.65 14.07 -42.38
C LEU B 780 -20.79 12.69 -43.04
N LYS B 781 -20.16 12.49 -44.21
CA LYS B 781 -20.18 11.18 -44.87
C LYS B 781 -19.33 10.17 -44.11
N ASN B 782 -18.29 10.67 -43.42
CA ASN B 782 -17.50 9.86 -42.50
C ASN B 782 -18.27 9.49 -41.22
N ILE B 783 -18.66 10.48 -40.42
CA ILE B 783 -19.43 10.21 -39.20
C ILE B 783 -20.59 9.27 -39.52
N ALA B 784 -21.27 9.52 -40.65
CA ALA B 784 -22.50 8.81 -40.96
C ALA B 784 -22.27 7.32 -41.24
N ALA B 785 -21.02 6.98 -41.47
CA ALA B 785 -20.63 5.63 -41.86
C ALA B 785 -19.76 5.00 -40.80
N SER B 786 -19.57 5.72 -39.70
CA SER B 786 -18.67 5.21 -38.67
C SER B 786 -19.27 4.10 -37.81
N GLY B 787 -20.54 3.79 -38.02
CA GLY B 787 -21.27 2.87 -37.13
C GLY B 787 -20.71 1.47 -36.94
N LYS B 788 -20.12 0.92 -37.99
CA LYS B 788 -19.51 -0.39 -37.92
C LYS B 788 -18.64 -0.42 -36.70
N PHE B 789 -17.92 0.67 -36.49
CA PHE B 789 -16.83 0.67 -35.55
C PHE B 789 -17.18 0.70 -34.07
N SER B 790 -18.46 0.60 -33.76
CA SER B 790 -18.86 0.54 -32.37
C SER B 790 -18.41 -0.78 -31.83
N SER B 791 -17.79 -0.76 -30.64
CA SER B 791 -17.34 -2.00 -30.03
C SER B 791 -18.54 -2.86 -29.62
N ASP B 792 -19.71 -2.26 -29.66
CA ASP B 792 -20.96 -3.00 -29.47
C ASP B 792 -21.17 -4.04 -30.58
N ARG B 793 -20.86 -3.67 -31.82
CA ARG B 793 -20.96 -4.60 -32.94
C ARG B 793 -19.91 -5.70 -32.76
N THR B 794 -18.68 -5.33 -32.44
CA THR B 794 -17.61 -6.29 -32.26
C THR B 794 -17.98 -7.38 -31.27
N ILE B 795 -18.52 -6.96 -30.14
CA ILE B 795 -18.89 -7.86 -29.08
C ILE B 795 -20.03 -8.76 -29.50
N LYS B 796 -21.03 -8.24 -30.23
CA LYS B 796 -22.09 -9.11 -30.73
C LYS B 796 -21.40 -10.24 -31.45
N GLU B 797 -20.50 -9.90 -32.38
CA GLU B 797 -19.78 -10.87 -33.18
C GLU B 797 -18.98 -11.90 -32.37
N TYR B 798 -18.35 -11.47 -31.28
CA TYR B 798 -17.60 -12.39 -30.43
C TYR B 798 -18.60 -13.28 -29.72
N ALA B 799 -19.72 -12.67 -29.31
CA ALA B 799 -20.73 -13.41 -28.54
C ALA B 799 -21.36 -14.52 -29.40
N GLN B 800 -21.54 -14.21 -30.67
CA GLN B 800 -22.34 -15.06 -31.47
C GLN B 800 -21.56 -16.17 -32.12
N ASN B 801 -20.34 -15.88 -32.56
CA ASN B 801 -19.58 -16.90 -33.27
C ASN B 801 -18.39 -17.41 -32.52
N ILE B 802 -18.23 -17.01 -31.27
CA ILE B 802 -17.10 -17.52 -30.47
C ILE B 802 -17.55 -17.92 -29.09
N TRP B 803 -17.90 -16.98 -28.24
CA TRP B 803 -18.35 -17.29 -26.88
C TRP B 803 -19.67 -18.04 -26.81
N ASN B 804 -20.47 -17.88 -27.87
CA ASN B 804 -21.82 -18.39 -27.89
C ASN B 804 -22.58 -18.06 -26.61
N VAL B 805 -22.68 -16.78 -26.31
CA VAL B 805 -23.55 -16.27 -25.28
C VAL B 805 -24.44 -15.29 -25.98
N GLU B 806 -25.61 -15.09 -25.44
CA GLU B 806 -26.55 -14.20 -26.06
C GLU B 806 -26.47 -12.92 -25.29
N PRO B 807 -26.63 -11.78 -25.98
CA PRO B 807 -27.04 -10.60 -25.22
C PRO B 807 -28.31 -10.94 -24.43
N SER B 808 -28.53 -10.22 -23.36
CA SER B 808 -29.77 -10.29 -22.62
C SER B 808 -30.15 -8.83 -22.55
N ASP B 809 -30.84 -8.40 -21.48
CA ASP B 809 -30.88 -6.95 -21.15
C ASP B 809 -30.86 -6.56 -19.63
C1 NBG C . 10.93 1.05 29.64
C2 NBG C . 11.30 0.87 31.08
C3 NBG C . 10.06 0.53 31.84
C4 NBG C . 9.11 1.67 31.72
C5 NBG C . 8.90 1.92 30.27
C6 NBG C . 7.99 3.11 30.09
C7 NBG C . 12.27 1.17 27.64
C8 NBG C . 13.41 1.90 27.05
N1 NBG C . 12.09 1.42 28.92
O3 NBG C . 10.34 0.35 33.18
O2 NBG C . 12.21 -0.20 31.19
O4 NBG C . 7.86 1.21 32.17
O5 NBG C . 10.11 2.17 29.64
O6 NBG C . 8.65 4.29 30.42
O7 NBG C . 11.60 0.39 27.01
P PO4 D . -3.86 20.06 10.72
O1 PO4 D . -4.08 20.69 12.10
O2 PO4 D . -2.44 19.59 10.56
O3 PO4 D . -4.88 18.96 10.52
O4 PO4 D . -4.17 20.98 9.60
N1 PLP E . 3.70 -5.50 26.57
C2 PLP E . 2.34 -5.26 26.62
C2A PLP E . 1.44 -5.91 25.62
C3 PLP E . 1.83 -4.42 27.60
O3 PLP E . 0.50 -4.18 27.68
C4 PLP E . 2.72 -3.83 28.49
C4A PLP E . 2.16 -3.32 29.76
O4A PLP E . 2.71 -2.36 30.27
C5 PLP E . 4.08 -4.08 28.42
C6 PLP E . 4.58 -4.91 27.45
C5A PLP E . 5.02 -3.56 29.47
O4P PLP E . 4.85 -4.22 30.71
P PLP E . 6.09 -4.21 31.71
O1P PLP E . 6.05 -2.93 32.51
O2P PLP E . 7.42 -4.36 31.00
O3P PLP E . 5.94 -5.37 32.66
C1 AVE F . -8.97 14.16 9.68
C2 AVE F . -9.09 15.00 8.58
C3 AVE F . -9.49 16.32 8.73
C9 AVE F . -10.19 18.29 10.19
C13 AVE F . -11.70 19.95 9.39
C15 AVE F . -11.62 22.16 10.25
C16 AVE F . -12.94 22.62 10.16
C19 AVE F . -10.85 24.46 10.33
C20 AVE F . -10.59 23.09 10.34
C24 AVE F . -12.32 26.51 10.26
O28 AVE F . -9.60 19.01 11.00
C30 AVE F . -8.61 22.62 11.62
CL10 AVE F . -9.92 16.45 12.69
C5 AVE F . -9.62 15.95 11.08
C6 AVE F . -9.23 14.63 10.94
F11 AVE F . -8.60 12.87 9.49
F34 AVE F . -8.81 14.46 7.39
C4 AVE F . -9.77 16.81 10.00
N12 AVE F . -11.19 18.71 9.39
O27 AVE F . -12.62 20.22 8.64
N14 AVE F . -11.22 20.87 10.23
C17 AVE F . -13.20 24.00 10.17
C18 AVE F . -12.16 24.94 10.25
O26 AVE F . -11.30 27.21 10.57
O25 AVE F . -13.42 27.01 9.93
O29 AVE F . -9.27 22.70 10.38
F32 AVE F . -8.33 23.83 12.05
F33 AVE F . -7.50 21.93 11.44
F31 AVE F . -9.37 22.01 12.50
C1 NBG G . -2.28 -3.87 -31.45
C2 NBG G . -2.27 -3.46 -32.91
C3 NBG G . -3.40 -2.47 -33.21
C4 NBG G . -4.73 -2.98 -32.66
C5 NBG G . -4.58 -3.43 -31.21
C6 NBG G . -5.89 -4.00 -30.69
C7 NBG G . -0.53 -4.88 -30.10
C8 NBG G . 0.46 -5.99 -29.97
N1 NBG G . -1.26 -4.89 -31.21
O3 NBG G . -3.50 -2.28 -34.62
O2 NBG G . -1.01 -2.87 -33.23
O4 NBG G . -5.70 -1.94 -32.75
O5 NBG G . -3.56 -4.41 -31.11
O6 NBG G . -6.41 -4.95 -31.63
O7 NBG G . -0.65 -4.02 -29.25
P PO4 H . -17.90 -13.81 -6.82
O1 PO4 H . -18.66 -13.03 -5.78
O2 PO4 H . -16.50 -13.25 -6.85
O3 PO4 H . -17.86 -15.26 -6.40
O4 PO4 H . -18.57 -13.86 -8.18
O1 MES I . -4.19 14.89 -14.67
C2 MES I . -3.83 13.68 -13.97
C3 MES I . -4.02 13.75 -12.46
N4 MES I . -3.51 15.05 -12.02
C5 MES I . -2.77 15.91 -12.95
C6 MES I . -3.71 16.14 -14.15
C7 MES I . -3.76 15.49 -10.65
C8 MES I . -2.49 16.14 -10.09
S MES I . -2.80 17.38 -9.00
O1S MES I . -3.27 16.75 -7.74
O2S MES I . -1.56 18.12 -8.71
O3S MES I . -3.79 18.36 -9.53
N1 PLP J . -3.19 5.31 -26.78
C2 PLP J . -4.38 5.80 -26.28
C2A PLP J . -4.37 6.72 -25.11
C3 PLP J . -5.59 5.43 -26.86
O3 PLP J . -6.73 6.16 -26.56
C4 PLP J . -5.56 4.56 -27.96
C4A PLP J . -6.82 4.22 -28.71
O4A PLP J . -7.02 3.08 -29.14
C5 PLP J . -4.38 4.05 -28.45
C6 PLP J . -3.18 4.44 -27.87
C5A PLP J . -4.40 3.28 -29.75
O4P PLP J . -4.32 4.16 -30.83
P PLP J . -3.73 3.66 -32.25
O1P PLP J . -4.89 2.83 -32.78
O2P PLP J . -2.44 2.92 -32.13
O3P PLP J . -3.39 4.81 -33.15
C1 AVE K . -17.79 -6.06 -4.60
C2 AVE K . -18.03 -6.69 -3.39
C3 AVE K . -19.18 -7.48 -3.27
C9 AVE K . -21.32 -8.54 -4.06
C13 AVE K . -23.26 -8.99 -2.81
C15 AVE K . -24.39 -11.03 -3.41
C16 AVE K . -25.61 -10.73 -2.82
C19 AVE K . -25.03 -13.38 -3.58
C20 AVE K . -24.12 -12.37 -3.77
C24 AVE K . -27.18 -14.22 -2.89
O28 AVE K . -21.40 -9.56 -4.75
C30 AVE K . -23.07 -12.93 -5.62
CL10 AVE K . -20.92 -7.11 -6.87
C5 AVE K . -19.83 -6.98 -5.52
C6 AVE K . -18.67 -6.20 -5.66
F11 AVE K . -16.68 -5.33 -4.71
F34 AVE K . -17.16 -6.53 -2.35
C4 AVE K . -20.10 -7.62 -4.30
N12 AVE K . -22.18 -8.23 -3.08
O27 AVE K . -24.06 -8.66 -1.93
N14 AVE K . -23.43 -10.10 -3.55
C17 AVE K . -26.53 -11.77 -2.64
C18 AVE K . -26.23 -13.08 -3.03
O26 AVE K . -26.91 -15.26 -3.56
O25 AVE K . -28.17 -14.05 -2.15
O29 AVE K . -22.95 -12.80 -4.28
F32 AVE K . -23.25 -14.20 -5.95
F33 AVE K . -21.89 -12.51 -6.04
F31 AVE K . -24.12 -12.17 -6.02
#